data_1ZS3
#
_entry.id   1ZS3
#
_cell.length_a   127.977
_cell.length_b   128.379
_cell.length_c   193.903
_cell.angle_alpha   90.00
_cell.angle_beta   90.00
_cell.angle_gamma   90.00
#
_symmetry.space_group_name_H-M   'P 21 21 21'
#
loop_
_entity.id
_entity.type
_entity.pdbx_description
1 polymer 'Lactococcus lactis MG1363 DpsA'
2 water water
#
_entity_poly.entity_id   1
_entity_poly.type   'polypeptide(L)'
_entity_poly.pdbx_seq_one_letter_code
;MITKLMIDEKYAKELDKAEIDHHKPTAGAMLGHVLSNLFIENIRLTQAGIYAKSPVKCEYLREIAQREVEYFFKISDLLL
DENEIVPSTTEEFLKYHKFITEDPKAKYWTDEDLLESFIVDFQAQNMFITRAIKLANKEEKFALAAGVVELYGYNLQVIR
NLAGDLGKSVADFHDEDEDNDN
;
_entity_poly.pdbx_strand_id   A,B,C,D,E,F,G,H,I,J,K,L
#
# COMPACT_ATOMS: atom_id res chain seq x y z
N THR A 3 -43.34 -22.69 -7.89
CA THR A 3 -43.57 -21.28 -8.30
C THR A 3 -44.95 -20.80 -7.84
N LYS A 4 -45.33 -19.58 -8.20
CA LYS A 4 -46.62 -18.85 -7.92
C LYS A 4 -47.38 -19.25 -6.61
N LEU A 5 -47.78 -20.53 -6.51
CA LEU A 5 -48.45 -21.12 -5.32
C LEU A 5 -47.58 -21.17 -4.05
N MET A 6 -46.42 -21.83 -4.12
CA MET A 6 -45.44 -21.83 -3.02
C MET A 6 -44.98 -20.42 -2.63
N ILE A 7 -44.98 -19.49 -3.58
CA ILE A 7 -44.53 -18.09 -3.38
C ILE A 7 -45.60 -17.20 -2.73
N ASP A 8 -46.88 -17.51 -3.00
CA ASP A 8 -47.98 -16.75 -2.42
C ASP A 8 -48.35 -17.14 -1.01
N GLU A 9 -48.13 -18.41 -0.67
CA GLU A 9 -48.31 -18.90 0.69
C GLU A 9 -47.19 -18.39 1.59
N LYS A 10 -45.94 -18.43 1.10
CA LYS A 10 -44.81 -17.90 1.87
C LYS A 10 -45.01 -16.40 2.15
N TYR A 11 -45.51 -15.66 1.15
CA TYR A 11 -45.75 -14.20 1.28
C TYR A 11 -46.93 -13.81 2.21
N ALA A 12 -48.03 -14.56 2.12
CA ALA A 12 -49.22 -14.25 2.90
C ALA A 12 -48.96 -14.66 4.36
N LYS A 13 -48.05 -15.61 4.56
CA LYS A 13 -47.67 -16.07 5.88
C LYS A 13 -46.66 -15.15 6.52
N GLU A 14 -45.95 -14.37 5.69
CA GLU A 14 -44.98 -13.38 6.12
C GLU A 14 -45.72 -12.14 6.58
N LEU A 15 -46.64 -11.68 5.72
CA LEU A 15 -47.55 -10.53 6.02
C LEU A 15 -48.44 -10.73 7.25
N ASP A 16 -48.80 -11.97 7.51
CA ASP A 16 -49.60 -12.35 8.65
C ASP A 16 -48.69 -12.18 9.87
N LYS A 17 -47.58 -12.90 9.84
CA LYS A 17 -46.58 -12.89 10.90
C LYS A 17 -46.03 -11.50 11.17
N ALA A 18 -45.94 -10.68 10.11
CA ALA A 18 -45.46 -9.30 10.24
C ALA A 18 -46.40 -8.46 11.08
N GLU A 19 -47.70 -8.50 10.77
CA GLU A 19 -48.69 -7.77 11.54
C GLU A 19 -48.66 -8.14 13.01
N ILE A 20 -48.65 -9.44 13.32
CA ILE A 20 -48.59 -9.95 14.70
C ILE A 20 -47.39 -9.34 15.40
N ASP A 21 -46.21 -9.53 14.83
CA ASP A 21 -44.95 -9.02 15.40
C ASP A 21 -44.93 -7.48 15.66
N HIS A 22 -45.54 -6.71 14.75
CA HIS A 22 -45.62 -5.27 14.89
C HIS A 22 -46.38 -4.80 16.12
N HIS A 23 -47.22 -5.65 16.73
CA HIS A 23 -48.12 -5.20 17.83
C HIS A 23 -47.59 -5.44 19.23
N LYS A 24 -46.57 -6.30 19.36
CA LYS A 24 -46.05 -6.69 20.68
C LYS A 24 -44.68 -6.15 20.98
N PRO A 25 -44.24 -5.18 20.18
CA PRO A 25 -43.10 -5.24 19.23
C PRO A 25 -42.03 -6.29 19.40
N THR A 26 -41.62 -6.95 18.31
CA THR A 26 -40.34 -7.68 18.27
C THR A 26 -39.19 -6.74 17.86
N ALA A 27 -37.96 -7.24 18.01
CA ALA A 27 -36.79 -6.49 17.61
C ALA A 27 -36.89 -6.27 16.08
N GLY A 28 -37.08 -7.33 15.30
CA GLY A 28 -37.09 -7.28 13.84
C GLY A 28 -38.17 -6.37 13.28
N ALA A 29 -39.27 -6.24 14.00
CA ALA A 29 -40.38 -5.36 13.56
C ALA A 29 -39.92 -3.92 13.72
N MET A 30 -39.49 -3.58 14.94
CA MET A 30 -38.94 -2.27 15.22
C MET A 30 -37.83 -1.83 14.25
N LEU A 31 -36.96 -2.75 13.86
CA LEU A 31 -35.85 -2.49 12.96
C LEU A 31 -36.28 -2.28 11.52
N GLY A 32 -37.53 -2.64 11.22
CA GLY A 32 -38.16 -2.37 9.92
C GLY A 32 -38.38 -0.90 9.71
N HIS A 33 -38.60 -0.21 10.81
CA HIS A 33 -38.69 1.21 10.81
C HIS A 33 -37.28 1.86 10.71
N VAL A 34 -36.29 1.19 11.34
CA VAL A 34 -34.96 1.75 11.40
C VAL A 34 -34.39 1.65 10.02
N LEU A 35 -34.52 0.46 9.44
CA LEU A 35 -34.01 0.19 8.10
C LEU A 35 -34.67 0.99 7.02
N SER A 36 -35.94 1.33 7.25
CA SER A 36 -36.69 2.02 6.19
C SER A 36 -36.24 3.47 6.27
N ASN A 37 -36.16 3.98 7.50
CA ASN A 37 -35.57 5.28 7.76
C ASN A 37 -34.18 5.41 7.13
N LEU A 38 -33.34 4.38 7.23
CA LEU A 38 -32.00 4.40 6.69
C LEU A 38 -32.05 4.71 5.20
N PHE A 39 -32.93 4.01 4.48
CA PHE A 39 -32.95 4.13 3.04
C PHE A 39 -33.56 5.41 2.57
N ILE A 40 -34.51 5.97 3.31
CA ILE A 40 -35.14 7.19 2.84
C ILE A 40 -34.20 8.33 3.13
N GLU A 41 -33.54 8.32 4.29
CA GLU A 41 -32.43 9.24 4.54
C GLU A 41 -31.38 9.15 3.44
N ASN A 42 -30.97 7.96 3.04
CA ASN A 42 -30.05 7.79 1.93
C ASN A 42 -30.41 8.65 0.73
N ILE A 43 -31.68 8.65 0.38
CA ILE A 43 -32.16 9.39 -0.79
C ILE A 43 -32.12 10.88 -0.50
N ARG A 44 -32.49 11.23 0.70
CA ARG A 44 -32.50 12.61 1.13
C ARG A 44 -31.11 13.19 1.14
N LEU A 45 -30.12 12.37 1.50
CA LEU A 45 -28.71 12.75 1.63
C LEU A 45 -28.10 12.67 0.29
N THR A 46 -28.54 11.72 -0.54
CA THR A 46 -28.22 11.72 -1.95
C THR A 46 -28.70 12.99 -2.65
N GLN A 47 -29.92 13.45 -2.37
CA GLN A 47 -30.41 14.71 -2.95
C GLN A 47 -29.53 15.88 -2.49
N ALA A 48 -29.34 16.01 -1.19
CA ALA A 48 -28.55 17.12 -0.62
C ALA A 48 -27.07 17.08 -1.08
N GLY A 49 -26.57 15.87 -1.31
CA GLY A 49 -25.19 15.63 -1.68
C GLY A 49 -24.99 16.10 -3.09
N ILE A 50 -26.10 16.34 -3.79
CA ILE A 50 -26.12 16.79 -5.16
C ILE A 50 -26.40 18.29 -5.36
N TYR A 51 -27.24 18.87 -4.54
CA TYR A 51 -27.73 20.26 -4.78
C TYR A 51 -27.18 21.27 -3.81
N ALA A 52 -26.52 20.84 -2.77
CA ALA A 52 -25.88 21.76 -1.85
C ALA A 52 -24.79 22.51 -2.57
N LYS A 53 -24.51 23.74 -2.17
CA LYS A 53 -23.57 24.59 -2.92
C LYS A 53 -22.10 24.26 -2.56
N SER A 54 -21.73 24.40 -1.27
CA SER A 54 -20.37 24.16 -0.78
C SER A 54 -19.95 22.77 -1.13
N PRO A 55 -18.89 22.62 -1.91
CA PRO A 55 -18.47 21.28 -2.33
C PRO A 55 -17.92 20.48 -1.13
N VAL A 56 -17.55 21.14 -0.02
CA VAL A 56 -17.13 20.44 1.21
C VAL A 56 -18.31 19.75 1.82
N LYS A 57 -19.42 20.47 1.99
CA LYS A 57 -20.65 19.86 2.53
C LYS A 57 -21.21 18.77 1.60
N CYS A 58 -21.00 18.89 0.29
CA CYS A 58 -21.41 17.84 -0.62
C CYS A 58 -20.65 16.53 -0.47
N GLU A 59 -19.34 16.59 -0.25
CA GLU A 59 -18.51 15.39 -0.11
C GLU A 59 -18.87 14.69 1.19
N TYR A 60 -19.14 15.50 2.22
CA TYR A 60 -19.47 15.05 3.55
C TYR A 60 -20.83 14.39 3.59
N LEU A 61 -21.83 14.99 2.93
CA LEU A 61 -23.19 14.46 2.92
C LEU A 61 -23.27 13.17 2.14
N ARG A 62 -22.51 13.07 1.04
CA ARG A 62 -22.41 11.84 0.23
C ARG A 62 -21.77 10.71 1.01
N GLU A 63 -20.93 11.07 1.96
CA GLU A 63 -20.29 10.11 2.87
C GLU A 63 -21.33 9.53 3.81
N ILE A 64 -22.16 10.41 4.38
CA ILE A 64 -23.24 9.98 5.25
C ILE A 64 -24.25 9.09 4.50
N ALA A 65 -24.54 9.36 3.22
CA ALA A 65 -25.33 8.50 2.38
C ALA A 65 -24.72 7.08 2.32
N GLN A 66 -23.43 6.97 1.99
CA GLN A 66 -22.78 5.67 1.85
C GLN A 66 -22.76 4.87 3.15
N ARG A 67 -22.73 5.59 4.28
CA ARG A 67 -22.71 4.94 5.56
C ARG A 67 -24.09 4.40 5.90
N GLU A 68 -25.13 5.10 5.47
CA GLU A 68 -26.51 4.66 5.77
C GLU A 68 -26.82 3.40 4.98
N VAL A 69 -26.33 3.28 3.75
CA VAL A 69 -26.46 2.05 2.99
C VAL A 69 -25.59 0.93 3.58
N GLU A 70 -24.45 1.30 4.14
CA GLU A 70 -23.55 0.38 4.77
C GLU A 70 -24.18 -0.29 5.97
N TYR A 71 -24.91 0.51 6.76
CA TYR A 71 -25.61 0.03 7.92
C TYR A 71 -26.86 -0.73 7.47
N PHE A 72 -27.44 -0.35 6.32
CA PHE A 72 -28.57 -1.06 5.77
C PHE A 72 -28.16 -2.52 5.60
N PHE A 73 -27.07 -2.78 4.87
CA PHE A 73 -26.61 -4.15 4.61
C PHE A 73 -26.11 -4.84 5.89
N LYS A 74 -25.57 -4.08 6.83
CA LYS A 74 -24.89 -4.70 7.94
C LYS A 74 -25.95 -5.28 8.89
N ILE A 75 -26.98 -4.49 9.15
CA ILE A 75 -28.07 -4.84 10.04
C ILE A 75 -29.03 -5.87 9.45
N SER A 76 -29.24 -5.77 8.14
CA SER A 76 -30.06 -6.69 7.41
C SER A 76 -29.44 -8.01 7.58
N ASP A 77 -28.14 -8.07 7.33
CA ASP A 77 -27.39 -9.32 7.45
C ASP A 77 -27.46 -9.83 8.84
N LEU A 78 -27.42 -8.94 9.84
CA LEU A 78 -27.40 -9.40 11.21
C LEU A 78 -28.76 -10.05 11.48
N LEU A 79 -29.81 -9.45 10.93
CA LEU A 79 -31.21 -9.93 11.11
C LEU A 79 -31.41 -11.27 10.41
N LEU A 80 -31.16 -11.33 9.12
CA LEU A 80 -31.24 -12.60 8.41
C LEU A 80 -30.43 -13.70 9.08
N ASP A 81 -29.43 -13.32 9.85
CA ASP A 81 -28.50 -14.25 10.50
C ASP A 81 -29.24 -14.83 11.66
N GLU A 82 -30.14 -14.04 12.19
CA GLU A 82 -31.02 -14.49 13.25
C GLU A 82 -32.42 -14.80 12.74
N ASN A 83 -32.53 -15.06 11.42
CA ASN A 83 -33.75 -15.52 10.77
C ASN A 83 -34.93 -14.55 10.91
N GLU A 84 -34.70 -13.30 10.56
CA GLU A 84 -35.78 -12.35 10.48
C GLU A 84 -35.82 -11.96 9.03
N ILE A 85 -36.74 -11.03 8.79
CA ILE A 85 -37.12 -10.58 7.49
C ILE A 85 -37.01 -9.07 7.49
N VAL A 86 -36.83 -8.56 6.29
CA VAL A 86 -36.30 -7.23 6.12
C VAL A 86 -37.05 -6.51 5.00
N PRO A 87 -37.39 -5.25 5.23
CA PRO A 87 -37.99 -4.43 4.17
C PRO A 87 -37.07 -4.32 2.99
N SER A 88 -37.54 -4.54 1.75
CA SER A 88 -36.64 -4.56 0.61
C SER A 88 -37.24 -4.01 -0.68
N THR A 89 -38.27 -3.16 -0.57
CA THR A 89 -38.78 -2.40 -1.75
C THR A 89 -39.24 -1.00 -1.32
N THR A 90 -39.37 -0.11 -2.28
CA THR A 90 -39.81 1.30 -2.08
C THR A 90 -41.13 1.38 -1.36
N GLU A 91 -42.02 0.53 -1.85
CA GLU A 91 -43.29 0.29 -1.18
C GLU A 91 -43.20 0.10 0.32
N GLU A 92 -42.49 -0.93 0.76
CA GLU A 92 -42.33 -1.18 2.19
C GLU A 92 -41.52 -0.06 2.88
N PHE A 93 -40.61 0.60 2.16
CA PHE A 93 -39.87 1.69 2.76
C PHE A 93 -40.83 2.80 3.12
N LEU A 94 -41.74 3.16 2.21
CA LEU A 94 -42.70 4.23 2.46
C LEU A 94 -43.71 3.87 3.53
N LYS A 95 -44.12 2.61 3.60
CA LYS A 95 -45.04 2.21 4.66
C LYS A 95 -44.42 2.38 6.07
N TYR A 96 -43.17 1.97 6.25
CA TYR A 96 -42.58 1.80 7.58
C TYR A 96 -41.72 2.97 8.03
N HIS A 97 -41.29 3.85 7.09
CA HIS A 97 -40.51 5.05 7.49
C HIS A 97 -41.33 6.05 8.27
N LYS A 98 -40.87 6.48 9.42
CA LYS A 98 -41.60 7.50 10.17
C LYS A 98 -40.72 8.75 10.39
N PHE A 99 -41.38 9.90 10.52
CA PHE A 99 -40.82 11.17 10.96
C PHE A 99 -39.86 11.86 9.96
N ILE A 100 -39.47 11.16 8.90
CA ILE A 100 -38.54 11.67 7.90
C ILE A 100 -39.33 11.83 6.63
N THR A 101 -39.15 12.99 6.01
CA THR A 101 -40.05 13.40 4.96
C THR A 101 -39.28 14.05 3.79
N GLU A 102 -39.46 13.53 2.60
CA GLU A 102 -38.80 14.03 1.39
C GLU A 102 -39.43 15.36 0.98
N ASP A 103 -38.97 15.98 -0.11
CA ASP A 103 -39.40 17.33 -0.51
C ASP A 103 -38.65 17.73 -1.77
N PRO A 104 -39.29 17.76 -2.94
CA PRO A 104 -38.56 18.09 -4.18
C PRO A 104 -38.08 19.56 -4.27
N LYS A 105 -38.68 20.41 -3.43
CA LYS A 105 -38.27 21.83 -3.32
C LYS A 105 -37.04 22.00 -2.42
N ALA A 106 -36.44 20.90 -1.92
CA ALA A 106 -35.21 21.01 -1.12
C ALA A 106 -33.96 21.35 -1.95
N LYS A 107 -33.94 21.02 -3.24
CA LYS A 107 -32.87 21.44 -4.12
C LYS A 107 -32.60 22.93 -4.14
N TYR A 108 -33.60 23.74 -3.74
CA TYR A 108 -33.48 25.19 -3.67
C TYR A 108 -33.41 25.72 -2.25
N TRP A 109 -33.42 24.82 -1.25
CA TRP A 109 -33.13 25.21 0.12
C TRP A 109 -31.70 25.68 0.23
N THR A 110 -31.42 26.37 1.32
CA THR A 110 -30.08 26.78 1.61
C THR A 110 -29.33 25.67 2.38
N ASP A 111 -28.01 25.73 2.31
CA ASP A 111 -27.13 24.78 2.97
C ASP A 111 -27.38 24.72 4.45
N GLU A 112 -27.52 25.87 5.09
CA GLU A 112 -27.81 25.92 6.52
C GLU A 112 -29.11 25.17 6.81
N ASP A 113 -30.10 25.29 5.93
CA ASP A 113 -31.40 24.65 6.17
C ASP A 113 -31.38 23.15 5.87
N LEU A 114 -30.64 22.71 4.86
CA LEU A 114 -30.50 21.27 4.63
C LEU A 114 -29.91 20.60 5.86
N LEU A 115 -28.87 21.21 6.42
CA LEU A 115 -28.18 20.61 7.57
C LEU A 115 -29.10 20.49 8.72
N GLU A 116 -29.85 21.55 8.96
CA GLU A 116 -30.81 21.61 10.06
C GLU A 116 -31.92 20.53 9.95
N SER A 117 -32.33 20.23 8.74
CA SER A 117 -33.30 19.19 8.50
C SER A 117 -32.74 17.81 8.80
N PHE A 118 -31.44 17.64 8.62
CA PHE A 118 -30.81 16.36 8.91
C PHE A 118 -30.56 16.17 10.36
N ILE A 119 -30.45 17.26 11.12
CA ILE A 119 -30.20 17.11 12.57
C ILE A 119 -31.45 16.56 13.16
N VAL A 120 -32.58 17.10 12.72
CA VAL A 120 -33.93 16.70 13.14
C VAL A 120 -34.25 15.29 12.68
N ASP A 121 -34.18 15.04 11.37
CA ASP A 121 -34.19 13.69 10.84
C ASP A 121 -33.46 12.65 11.74
N PHE A 122 -32.19 12.92 12.12
CA PHE A 122 -31.34 11.93 12.82
C PHE A 122 -31.74 11.79 14.26
N GLN A 123 -32.24 12.85 14.87
CA GLN A 123 -32.73 12.83 16.25
C GLN A 123 -33.92 11.94 16.23
N ALA A 124 -34.64 11.96 15.09
CA ALA A 124 -35.87 11.15 14.93
C ALA A 124 -35.53 9.72 14.72
N GLN A 125 -34.48 9.41 13.95
CA GLN A 125 -34.11 8.00 13.77
C GLN A 125 -33.77 7.35 15.13
N ASN A 126 -33.31 8.16 16.09
CA ASN A 126 -32.83 7.63 17.41
C ASN A 126 -33.92 7.11 18.32
N MET A 127 -35.13 7.66 18.26
CA MET A 127 -36.26 7.17 19.07
C MET A 127 -36.53 5.68 18.78
N PHE A 128 -36.37 5.27 17.52
CA PHE A 128 -36.62 3.91 17.09
C PHE A 128 -35.43 2.94 17.30
N ILE A 129 -34.20 3.47 17.17
CA ILE A 129 -32.98 2.67 17.31
C ILE A 129 -32.86 2.29 18.76
N THR A 130 -33.00 3.29 19.62
CA THR A 130 -33.03 3.14 21.07
C THR A 130 -33.86 1.93 21.49
N ARG A 131 -35.07 1.85 20.96
CA ARG A 131 -36.00 0.79 21.28
C ARG A 131 -35.50 -0.53 20.73
N ALA A 132 -34.98 -0.54 19.51
CA ALA A 132 -34.51 -1.77 18.91
C ALA A 132 -33.27 -2.36 19.69
N ILE A 133 -32.46 -1.50 20.32
CA ILE A 133 -31.37 -1.97 21.14
C ILE A 133 -31.96 -2.73 22.27
N LYS A 134 -32.86 -2.10 23.02
CA LYS A 134 -33.45 -2.70 24.21
C LYS A 134 -34.15 -4.02 23.90
N LEU A 135 -34.89 -4.09 22.80
CA LEU A 135 -35.62 -5.30 22.40
C LEU A 135 -34.63 -6.37 22.05
N ALA A 136 -33.55 -5.99 21.37
CA ALA A 136 -32.59 -6.97 20.89
C ALA A 136 -31.92 -7.67 22.07
N ASN A 137 -31.70 -6.93 23.15
CA ASN A 137 -31.06 -7.50 24.31
C ASN A 137 -31.98 -8.46 25.05
N LYS A 138 -33.28 -8.11 25.16
CA LYS A 138 -34.34 -8.97 25.75
C LYS A 138 -34.39 -10.24 24.96
N GLU A 139 -34.42 -10.10 23.65
CA GLU A 139 -34.57 -11.27 22.78
C GLU A 139 -33.29 -12.12 22.76
N GLU A 140 -32.23 -11.65 23.40
CA GLU A 140 -30.90 -12.27 23.32
C GLU A 140 -30.43 -12.51 21.87
N LYS A 141 -30.64 -11.50 21.04
CA LYS A 141 -30.00 -11.45 19.75
C LYS A 141 -28.73 -10.62 19.87
N PHE A 142 -27.70 -11.16 20.49
CA PHE A 142 -26.59 -10.31 21.00
C PHE A 142 -25.77 -9.57 19.92
N ALA A 143 -25.45 -10.25 18.81
CA ALA A 143 -24.66 -9.65 17.74
C ALA A 143 -25.44 -8.51 17.15
N LEU A 144 -26.71 -8.70 16.92
CA LEU A 144 -27.58 -7.67 16.39
C LEU A 144 -27.57 -6.46 17.32
N ALA A 145 -27.64 -6.73 18.62
CA ALA A 145 -27.71 -5.66 19.59
C ALA A 145 -26.47 -4.80 19.41
N ALA A 146 -25.30 -5.41 19.27
CA ALA A 146 -24.03 -4.74 19.11
C ALA A 146 -24.00 -3.86 17.84
N GLY A 147 -24.44 -4.41 16.70
CA GLY A 147 -24.56 -3.65 15.46
C GLY A 147 -25.44 -2.42 15.63
N VAL A 148 -26.53 -2.52 16.35
CA VAL A 148 -27.47 -1.42 16.46
C VAL A 148 -26.95 -0.36 17.42
N VAL A 149 -26.07 -0.76 18.34
CA VAL A 149 -25.43 0.19 19.21
C VAL A 149 -24.46 1.03 18.38
N GLU A 150 -23.80 0.39 17.44
CA GLU A 150 -22.87 1.10 16.62
C GLU A 150 -23.63 2.23 15.96
N LEU A 151 -24.77 1.91 15.36
CA LEU A 151 -25.59 2.86 14.61
C LEU A 151 -26.06 4.03 15.48
N TYR A 152 -26.53 3.73 16.69
CA TYR A 152 -26.90 4.73 17.63
C TYR A 152 -25.80 5.74 17.83
N GLY A 153 -24.57 5.29 18.04
CA GLY A 153 -23.44 6.17 18.32
C GLY A 153 -23.02 6.94 17.07
N TYR A 154 -23.09 6.32 15.90
CA TYR A 154 -22.80 7.03 14.66
C TYR A 154 -23.79 8.18 14.41
N ASN A 155 -25.08 7.95 14.66
CA ASN A 155 -26.12 8.97 14.54
C ASN A 155 -25.80 10.14 15.51
N LEU A 156 -25.46 9.87 16.75
CA LEU A 156 -25.15 10.93 17.73
C LEU A 156 -23.99 11.82 17.28
N GLN A 157 -23.04 11.20 16.59
CA GLN A 157 -21.85 11.85 16.10
C GLN A 157 -22.22 12.74 14.96
N VAL A 158 -22.98 12.21 14.01
CA VAL A 158 -23.40 13.04 12.89
C VAL A 158 -24.15 14.29 13.35
N ILE A 159 -24.98 14.16 14.41
CA ILE A 159 -25.80 15.26 14.89
C ILE A 159 -24.90 16.35 15.40
N ARG A 160 -23.80 15.96 16.04
CA ARG A 160 -22.96 16.94 16.69
C ARG A 160 -22.02 17.52 15.70
N ASN A 161 -21.79 16.85 14.60
CA ASN A 161 -20.89 17.39 13.54
C ASN A 161 -21.64 18.40 12.72
N LEU A 162 -22.83 18.03 12.27
CA LEU A 162 -23.75 18.98 11.61
C LEU A 162 -24.09 20.18 12.52
N ALA A 163 -24.35 19.96 13.81
CA ALA A 163 -24.61 21.04 14.69
C ALA A 163 -23.38 21.98 14.77
N GLY A 164 -22.17 21.43 14.92
CA GLY A 164 -20.95 22.23 14.91
C GLY A 164 -20.72 23.02 13.61
N ASP A 165 -21.12 22.42 12.49
CA ASP A 165 -20.89 22.99 11.18
C ASP A 165 -21.80 24.20 10.96
N LEU A 166 -22.87 24.31 11.74
CA LEU A 166 -23.78 25.46 11.68
C LEU A 166 -23.45 26.43 12.84
N GLY A 167 -22.34 26.18 13.53
CA GLY A 167 -21.83 27.09 14.54
C GLY A 167 -22.44 26.81 15.90
N LYS A 168 -23.26 25.79 15.96
CA LYS A 168 -24.08 25.47 17.15
C LYS A 168 -23.48 24.33 17.97
N SER A 169 -23.76 24.39 19.28
CA SER A 169 -23.59 23.26 20.19
C SER A 169 -24.69 22.25 19.90
N VAL A 170 -24.44 21.01 20.28
CA VAL A 170 -25.49 20.00 20.19
C VAL A 170 -26.63 20.46 21.14
N ALA A 171 -26.24 20.99 22.32
CA ALA A 171 -27.17 21.43 23.38
C ALA A 171 -28.26 22.40 22.89
N ASP A 172 -27.90 23.31 21.94
CA ASP A 172 -28.98 24.08 21.26
C ASP A 172 -30.17 23.20 20.84
N PHE A 173 -30.02 22.45 19.76
CA PHE A 173 -30.93 21.29 19.57
C PHE A 173 -30.88 20.36 20.80
N THR B 3 38.91 -16.08 30.78
CA THR B 3 37.89 -15.84 29.71
C THR B 3 38.48 -15.21 28.42
N LYS B 4 39.43 -14.25 28.53
CA LYS B 4 40.30 -13.84 27.40
C LYS B 4 41.10 -15.02 26.83
N LEU B 5 41.53 -15.92 27.71
CA LEU B 5 42.25 -17.15 27.30
C LEU B 5 41.40 -18.20 26.50
N MET B 6 40.12 -18.39 26.90
CA MET B 6 39.19 -19.38 26.24
C MET B 6 38.92 -19.00 24.81
N ILE B 7 38.81 -17.69 24.59
CA ILE B 7 38.63 -17.14 23.26
C ILE B 7 39.78 -17.53 22.38
N ASP B 8 41.01 -17.28 22.84
CA ASP B 8 42.22 -17.75 22.16
C ASP B 8 42.24 -19.26 21.85
N GLU B 9 41.83 -20.12 22.81
CA GLU B 9 41.77 -21.58 22.58
C GLU B 9 40.72 -21.96 21.54
N LYS B 10 39.57 -21.31 21.57
CA LYS B 10 38.52 -21.64 20.61
C LYS B 10 38.95 -21.23 19.21
N TYR B 11 39.68 -20.12 19.10
CA TYR B 11 40.16 -19.62 17.80
C TYR B 11 41.28 -20.52 17.29
N ALA B 12 42.09 -21.03 18.23
CA ALA B 12 43.11 -21.98 17.91
C ALA B 12 42.52 -23.21 17.25
N LYS B 13 41.44 -23.71 17.83
CA LYS B 13 40.72 -24.86 17.27
C LYS B 13 40.03 -24.56 15.93
N GLU B 14 39.43 -23.38 15.84
CA GLU B 14 38.92 -22.91 14.57
C GLU B 14 39.98 -22.97 13.49
N LEU B 15 41.21 -22.55 13.80
CA LEU B 15 42.30 -22.47 12.83
C LEU B 15 42.76 -23.83 12.36
N ASP B 16 42.81 -24.77 13.29
CA ASP B 16 43.20 -26.15 13.01
C ASP B 16 42.24 -26.67 12.02
N LYS B 17 40.95 -26.62 12.39
CA LYS B 17 39.86 -27.26 11.63
C LYS B 17 39.68 -26.61 10.28
N ALA B 18 39.93 -25.31 10.16
CA ALA B 18 39.85 -24.61 8.87
C ALA B 18 40.81 -25.22 7.85
N GLU B 19 42.04 -25.53 8.31
CA GLU B 19 43.05 -26.18 7.48
C GLU B 19 42.67 -27.57 7.07
N ILE B 20 42.19 -28.37 8.02
CA ILE B 20 41.63 -29.69 7.69
C ILE B 20 40.52 -29.61 6.64
N ASP B 21 39.58 -28.72 6.84
CA ASP B 21 38.39 -28.62 6.00
C ASP B 21 38.67 -28.04 4.61
N HIS B 22 39.66 -27.11 4.47
CA HIS B 22 40.03 -26.57 3.11
C HIS B 22 40.77 -27.62 2.27
N HIS B 23 41.27 -28.65 2.95
CA HIS B 23 42.09 -29.73 2.31
C HIS B 23 41.22 -30.75 1.58
N LYS B 24 40.10 -31.20 2.19
CA LYS B 24 39.33 -32.33 1.64
C LYS B 24 38.01 -31.81 1.25
N PRO B 25 37.99 -30.81 0.38
CA PRO B 25 37.29 -29.55 0.70
C PRO B 25 35.85 -29.82 1.16
N THR B 26 35.43 -29.30 2.32
CA THR B 26 34.02 -29.28 2.68
C THR B 26 33.26 -28.18 1.93
N ALA B 27 31.95 -28.41 1.77
CA ALA B 27 30.99 -27.36 1.39
C ALA B 27 31.27 -26.04 2.01
N GLY B 28 31.42 -26.06 3.32
CA GLY B 28 31.64 -24.89 4.11
C GLY B 28 32.87 -24.11 3.72
N ALA B 29 33.99 -24.78 3.60
CA ALA B 29 35.25 -24.10 3.27
C ALA B 29 35.27 -23.56 1.86
N MET B 30 34.69 -24.32 0.93
CA MET B 30 34.46 -23.84 -0.42
C MET B 30 33.63 -22.58 -0.42
N LEU B 31 32.73 -22.45 0.55
CA LEU B 31 31.84 -21.27 0.60
C LEU B 31 32.56 -20.12 1.28
N GLY B 32 33.72 -20.40 1.84
CA GLY B 32 34.64 -19.38 2.36
C GLY B 32 35.11 -18.46 1.21
N HIS B 33 35.48 -19.08 0.09
CA HIS B 33 35.90 -18.33 -1.12
C HIS B 33 34.65 -17.60 -1.66
N VAL B 34 33.51 -18.31 -1.74
CA VAL B 34 32.29 -17.75 -2.36
C VAL B 34 31.85 -16.50 -1.60
N LEU B 35 31.79 -16.65 -0.29
CA LEU B 35 31.43 -15.55 0.60
C LEU B 35 32.40 -14.39 0.52
N SER B 36 33.70 -14.67 0.61
CA SER B 36 34.72 -13.61 0.44
C SER B 36 34.66 -12.92 -0.93
N ASN B 37 34.37 -13.67 -1.97
CA ASN B 37 34.17 -13.05 -3.31
C ASN B 37 32.96 -12.15 -3.37
N LEU B 38 31.93 -12.41 -2.55
CA LEU B 38 30.76 -11.58 -2.56
C LEU B 38 31.14 -10.26 -1.97
N PHE B 39 31.94 -10.29 -0.91
CA PHE B 39 32.23 -9.04 -0.22
C PHE B 39 33.16 -8.14 -0.99
N ILE B 40 34.12 -8.73 -1.66
CA ILE B 40 35.04 -7.94 -2.46
C ILE B 40 34.32 -7.38 -3.68
N GLU B 41 33.45 -8.18 -4.28
CA GLU B 41 32.64 -7.69 -5.41
C GLU B 41 31.78 -6.52 -5.00
N ASN B 42 31.27 -6.62 -3.78
CA ASN B 42 30.43 -5.55 -3.27
C ASN B 42 31.17 -4.20 -3.26
N ILE B 43 32.44 -4.29 -2.89
CA ILE B 43 33.31 -3.14 -2.85
C ILE B 43 33.61 -2.62 -4.24
N ARG B 44 33.95 -3.51 -5.16
CA ARG B 44 34.16 -3.18 -6.55
C ARG B 44 32.92 -2.50 -7.08
N LEU B 45 31.75 -3.13 -6.92
CA LEU B 45 30.45 -2.55 -7.36
C LEU B 45 30.11 -1.19 -6.71
N THR B 46 30.39 -1.02 -5.44
CA THR B 46 30.28 0.28 -4.80
C THR B 46 31.13 1.38 -5.51
N GLN B 47 32.42 1.08 -5.70
CA GLN B 47 33.32 1.95 -6.41
C GLN B 47 32.65 2.31 -7.72
N ALA B 48 32.34 1.26 -8.48
CA ALA B 48 31.87 1.45 -9.82
C ALA B 48 30.51 2.18 -9.85
N GLY B 49 29.71 2.06 -8.78
CA GLY B 49 28.39 2.64 -8.76
C GLY B 49 28.40 4.08 -8.31
N ILE B 50 29.51 4.51 -7.73
CA ILE B 50 29.76 5.91 -7.40
C ILE B 50 30.39 6.65 -8.56
N TYR B 51 31.38 6.02 -9.21
CA TYR B 51 32.32 6.69 -10.15
C TYR B 51 31.98 6.54 -11.62
N ALA B 52 31.11 5.57 -11.93
CA ALA B 52 30.65 5.40 -13.31
C ALA B 52 29.93 6.70 -13.70
N LYS B 53 29.72 6.86 -15.00
CA LYS B 53 29.33 8.13 -15.60
C LYS B 53 27.81 8.14 -15.77
N SER B 54 27.27 7.16 -16.46
CA SER B 54 25.82 7.07 -16.67
C SER B 54 24.99 6.87 -15.41
N PRO B 55 24.02 7.74 -15.12
CA PRO B 55 23.11 7.55 -13.97
C PRO B 55 22.33 6.24 -13.97
N VAL B 56 21.85 5.82 -15.13
CA VAL B 56 21.25 4.52 -15.25
C VAL B 56 22.18 3.42 -14.78
N LYS B 57 23.47 3.47 -15.13
CA LYS B 57 24.43 2.39 -14.78
C LYS B 57 24.86 2.41 -13.33
N CYS B 58 24.95 3.61 -12.79
CA CYS B 58 25.14 3.78 -11.35
C CYS B 58 24.04 3.13 -10.51
N GLU B 59 22.80 3.37 -10.90
CA GLU B 59 21.66 2.84 -10.23
C GLU B 59 21.72 1.33 -10.24
N TYR B 60 21.90 0.74 -11.42
CA TYR B 60 22.00 -0.70 -11.63
C TYR B 60 23.17 -1.42 -10.89
N LEU B 61 24.28 -0.73 -10.76
CA LEU B 61 25.46 -1.33 -10.21
C LEU B 61 25.36 -1.40 -8.70
N ARG B 62 24.72 -0.37 -8.13
CA ARG B 62 24.36 -0.31 -6.71
C ARG B 62 23.35 -1.38 -6.33
N GLU B 63 22.31 -1.55 -7.12
CA GLU B 63 21.44 -2.70 -6.89
C GLU B 63 22.17 -4.01 -6.88
N ILE B 64 23.13 -4.21 -7.78
CA ILE B 64 23.99 -5.44 -7.69
C ILE B 64 24.85 -5.45 -6.43
N ALA B 65 25.43 -4.33 -6.02
CA ALA B 65 26.16 -4.30 -4.76
C ALA B 65 25.25 -4.79 -3.61
N GLN B 66 24.00 -4.36 -3.67
CA GLN B 66 23.00 -4.65 -2.65
C GLN B 66 22.68 -6.15 -2.55
N ARG B 67 22.51 -6.79 -3.71
CA ARG B 67 22.19 -8.21 -3.81
C ARG B 67 23.34 -9.11 -3.39
N GLU B 68 24.57 -8.74 -3.74
CA GLU B 68 25.77 -9.37 -3.21
C GLU B 68 25.71 -9.43 -1.71
N VAL B 69 25.41 -8.31 -1.06
CA VAL B 69 25.36 -8.25 0.41
C VAL B 69 24.23 -9.10 0.94
N GLU B 70 23.10 -9.09 0.27
CA GLU B 70 21.95 -9.91 0.68
C GLU B 70 22.26 -11.37 0.60
N TYR B 71 22.92 -11.81 -0.47
CA TYR B 71 23.34 -13.19 -0.59
C TYR B 71 24.39 -13.55 0.48
N PHE B 72 25.21 -12.59 0.89
CA PHE B 72 26.22 -12.85 1.91
C PHE B 72 25.55 -13.21 3.25
N PHE B 73 24.48 -12.47 3.59
CA PHE B 73 23.68 -12.79 4.79
C PHE B 73 22.88 -14.07 4.60
N LYS B 74 22.26 -14.23 3.44
CA LYS B 74 21.40 -15.35 3.25
C LYS B 74 22.20 -16.64 3.34
N ILE B 75 23.41 -16.67 2.78
CA ILE B 75 24.24 -17.87 2.73
C ILE B 75 24.93 -18.06 4.09
N SER B 76 25.39 -16.95 4.69
CA SER B 76 26.01 -17.04 6.02
C SER B 76 25.04 -17.62 7.05
N ASP B 77 23.76 -17.23 6.96
CA ASP B 77 22.70 -17.75 7.86
C ASP B 77 22.42 -19.24 7.62
N LEU B 78 22.38 -19.63 6.36
CA LEU B 78 22.23 -21.02 6.01
C LEU B 78 23.38 -21.85 6.53
N LEU B 79 24.58 -21.31 6.41
CA LEU B 79 25.75 -22.01 6.89
C LEU B 79 25.71 -22.23 8.37
N LEU B 80 25.41 -21.18 9.14
CA LEU B 80 25.41 -21.29 10.58
C LEU B 80 24.29 -22.16 11.14
N ASP B 81 23.19 -22.28 10.35
CA ASP B 81 22.06 -23.11 10.74
C ASP B 81 22.50 -24.56 10.71
N GLU B 82 23.51 -24.81 9.89
CA GLU B 82 24.04 -26.09 9.53
C GLU B 82 25.42 -26.28 10.29
N ASN B 83 25.67 -25.42 11.29
CA ASN B 83 26.81 -25.46 12.24
C ASN B 83 28.19 -25.30 11.63
N GLU B 84 28.26 -24.46 10.59
CA GLU B 84 29.50 -24.06 9.99
C GLU B 84 29.89 -22.62 10.34
N ILE B 85 31.10 -22.27 9.95
CA ILE B 85 31.73 -21.01 10.29
C ILE B 85 31.99 -20.22 9.00
N VAL B 86 32.12 -18.92 9.17
CA VAL B 86 31.94 -17.97 8.08
C VAL B 86 32.99 -16.88 8.26
N PRO B 87 33.65 -16.48 7.18
CA PRO B 87 34.59 -15.37 7.28
C PRO B 87 33.86 -14.07 7.55
N SER B 88 34.45 -13.18 8.34
CA SER B 88 33.74 -12.04 8.86
C SER B 88 34.64 -10.86 9.13
N THR B 89 35.86 -10.87 8.57
CA THR B 89 36.75 -9.71 8.58
C THR B 89 37.35 -9.44 7.19
N THR B 90 37.93 -8.26 7.06
CA THR B 90 38.68 -7.83 5.87
C THR B 90 39.83 -8.78 5.60
N GLU B 91 40.66 -8.96 6.62
CA GLU B 91 41.73 -9.95 6.68
C GLU B 91 41.36 -11.31 6.08
N GLU B 92 40.32 -11.96 6.64
CA GLU B 92 39.82 -13.23 6.06
C GLU B 92 39.33 -13.06 4.60
N PHE B 93 38.49 -12.08 4.32
CA PHE B 93 38.03 -11.87 2.95
C PHE B 93 39.21 -11.81 1.99
N LEU B 94 40.31 -11.15 2.38
CA LEU B 94 41.48 -10.95 1.51
C LEU B 94 42.21 -12.25 1.31
N LYS B 95 42.28 -13.04 2.37
CA LYS B 95 42.94 -14.35 2.34
C LYS B 95 42.25 -15.35 1.41
N TYR B 96 40.92 -15.36 1.36
CA TYR B 96 40.17 -16.46 0.72
C TYR B 96 39.54 -16.06 -0.59
N HIS B 97 39.62 -14.80 -1.00
CA HIS B 97 39.06 -14.39 -2.29
C HIS B 97 39.99 -14.74 -3.37
N LYS B 98 39.49 -15.34 -4.42
CA LYS B 98 40.35 -15.61 -5.60
C LYS B 98 39.77 -14.88 -6.84
N PHE B 99 40.68 -14.36 -7.66
CA PHE B 99 40.37 -13.85 -9.02
C PHE B 99 39.94 -12.42 -9.11
N ILE B 100 38.98 -12.00 -8.30
CA ILE B 100 38.60 -10.60 -8.23
C ILE B 100 39.76 -9.79 -7.66
N THR B 101 40.08 -8.70 -8.31
CA THR B 101 40.99 -7.76 -7.69
C THR B 101 40.58 -6.34 -7.91
N GLU B 102 40.73 -5.57 -6.85
CA GLU B 102 40.37 -4.19 -6.80
C GLU B 102 41.44 -3.37 -7.49
N ASP B 103 41.06 -2.17 -7.96
CA ASP B 103 41.99 -1.21 -8.53
C ASP B 103 41.44 0.18 -8.26
N PRO B 104 42.17 0.96 -7.47
CA PRO B 104 41.86 2.37 -7.25
C PRO B 104 41.82 3.20 -8.54
N LYS B 105 42.50 2.79 -9.62
CA LYS B 105 42.51 3.55 -10.90
C LYS B 105 41.23 3.35 -11.71
N ALA B 106 40.40 2.43 -11.25
CA ALA B 106 39.20 2.16 -12.00
C ALA B 106 38.18 3.29 -11.97
N LYS B 107 38.24 4.20 -10.98
CA LYS B 107 37.43 5.46 -11.03
C LYS B 107 37.57 6.24 -12.37
N TYR B 108 38.73 6.07 -13.03
CA TYR B 108 39.02 6.75 -14.31
C TYR B 108 38.81 5.83 -15.54
N TRP B 109 38.33 4.61 -15.39
CA TRP B 109 37.95 3.81 -16.53
C TRP B 109 36.70 4.34 -17.17
N THR B 110 36.46 3.85 -18.36
CA THR B 110 35.22 4.12 -19.08
C THR B 110 34.10 3.18 -18.53
N ASP B 111 32.85 3.52 -18.81
CA ASP B 111 31.76 2.69 -18.32
C ASP B 111 31.86 1.32 -18.88
N GLU B 112 32.38 1.20 -20.10
CA GLU B 112 32.48 -0.07 -20.79
C GLU B 112 33.50 -0.94 -20.11
N ASP B 113 34.60 -0.35 -19.66
CA ASP B 113 35.66 -1.17 -19.09
C ASP B 113 35.21 -1.69 -17.78
N LEU B 114 34.45 -0.85 -17.06
CA LEU B 114 33.89 -1.25 -15.79
C LEU B 114 32.95 -2.43 -16.04
N LEU B 115 32.07 -2.35 -17.02
CA LEU B 115 31.16 -3.44 -17.32
C LEU B 115 31.83 -4.76 -17.69
N GLU B 116 32.77 -4.76 -18.62
CA GLU B 116 33.55 -5.96 -18.94
C GLU B 116 34.27 -6.58 -17.76
N SER B 117 34.74 -5.75 -16.82
CA SER B 117 35.47 -6.28 -15.66
C SER B 117 34.58 -7.07 -14.70
N PHE B 118 33.30 -6.64 -14.66
CA PHE B 118 32.26 -7.36 -13.87
C PHE B 118 31.81 -8.59 -14.59
N ILE B 119 31.78 -8.54 -15.92
CA ILE B 119 31.46 -9.78 -16.64
C ILE B 119 32.50 -10.88 -16.35
N VAL B 120 33.76 -10.50 -16.26
CA VAL B 120 34.83 -11.48 -15.98
C VAL B 120 34.80 -11.92 -14.53
N ASP B 121 34.73 -10.94 -13.60
CA ASP B 121 34.61 -11.24 -12.18
C ASP B 121 33.48 -12.22 -11.86
N PHE B 122 32.34 -12.11 -12.57
CA PHE B 122 31.15 -12.92 -12.26
C PHE B 122 31.28 -14.34 -12.78
N GLN B 123 31.83 -14.52 -13.99
CA GLN B 123 32.20 -15.87 -14.45
C GLN B 123 33.26 -16.47 -13.53
N ALA B 124 34.23 -15.70 -13.08
CA ALA B 124 35.18 -16.26 -12.09
C ALA B 124 34.43 -16.72 -10.83
N GLN B 125 33.46 -15.94 -10.35
CA GLN B 125 32.73 -16.29 -9.13
C GLN B 125 32.09 -17.68 -9.18
N ASN B 126 31.58 -18.06 -10.36
CA ASN B 126 30.83 -19.27 -10.58
C ASN B 126 31.64 -20.52 -10.53
N MET B 127 32.94 -20.43 -10.74
CA MET B 127 33.79 -21.63 -10.63
C MET B 127 33.64 -22.24 -9.26
N PHE B 128 33.60 -21.37 -8.24
CA PHE B 128 33.49 -21.80 -6.84
C PHE B 128 32.06 -22.13 -6.39
N ILE B 129 31.09 -21.42 -6.94
CA ILE B 129 29.67 -21.61 -6.61
C ILE B 129 29.19 -22.99 -7.06
N THR B 130 29.45 -23.28 -8.32
CA THR B 130 29.31 -24.58 -8.92
C THR B 130 29.81 -25.71 -8.04
N ARG B 131 31.03 -25.54 -7.54
CA ARG B 131 31.65 -26.52 -6.66
C ARG B 131 30.95 -26.63 -5.31
N ALA B 132 30.56 -25.52 -4.69
CA ALA B 132 29.87 -25.51 -3.41
C ALA B 132 28.51 -26.18 -3.53
N ILE B 133 27.84 -26.00 -4.67
CA ILE B 133 26.54 -26.65 -4.89
C ILE B 133 26.74 -28.17 -4.77
N LYS B 134 27.70 -28.73 -5.50
CA LYS B 134 27.93 -30.16 -5.50
C LYS B 134 28.30 -30.65 -4.14
N LEU B 135 29.27 -30.01 -3.51
CA LEU B 135 29.66 -30.35 -2.14
C LEU B 135 28.54 -30.31 -1.10
N ALA B 136 27.56 -29.44 -1.28
CA ALA B 136 26.45 -29.29 -0.35
C ALA B 136 25.43 -30.41 -0.57
N ASN B 137 25.19 -30.77 -1.84
CA ASN B 137 24.33 -31.90 -2.15
C ASN B 137 24.97 -33.19 -1.67
N LYS B 138 26.27 -33.36 -1.93
CA LYS B 138 27.01 -34.47 -1.37
C LYS B 138 26.87 -34.57 0.12
N GLU B 139 26.87 -33.45 0.86
CA GLU B 139 26.81 -33.47 2.34
C GLU B 139 25.40 -33.53 2.94
N GLU B 140 24.39 -33.56 2.08
CA GLU B 140 23.02 -33.52 2.54
C GLU B 140 22.67 -32.22 3.32
N LYS B 141 23.26 -31.10 2.94
CA LYS B 141 22.90 -29.78 3.43
C LYS B 141 21.94 -29.19 2.42
N PHE B 142 20.72 -29.72 2.48
CA PHE B 142 19.72 -29.47 1.44
C PHE B 142 19.29 -28.00 1.21
N ALA B 143 19.15 -27.25 2.30
CA ALA B 143 18.66 -25.89 2.19
C ALA B 143 19.77 -25.05 1.67
N LEU B 144 21.01 -25.21 2.20
CA LEU B 144 22.18 -24.48 1.73
C LEU B 144 22.33 -24.57 0.23
N ALA B 145 22.34 -25.79 -0.27
CA ALA B 145 22.40 -26.08 -1.69
C ALA B 145 21.39 -25.27 -2.49
N ALA B 146 20.11 -25.35 -2.11
CA ALA B 146 19.09 -24.62 -2.82
C ALA B 146 19.41 -23.10 -2.85
N GLY B 147 19.91 -22.59 -1.73
CA GLY B 147 20.23 -21.18 -1.64
C GLY B 147 21.34 -20.76 -2.58
N VAL B 148 22.32 -21.63 -2.71
CA VAL B 148 23.49 -21.42 -3.53
C VAL B 148 23.13 -21.57 -5.00
N VAL B 149 22.27 -22.53 -5.33
CA VAL B 149 21.79 -22.68 -6.71
C VAL B 149 21.16 -21.36 -7.12
N GLU B 150 20.52 -20.70 -6.20
CA GLU B 150 19.84 -19.45 -6.49
C GLU B 150 20.81 -18.32 -6.75
N LEU B 151 22.00 -18.41 -6.16
CA LEU B 151 23.09 -17.42 -6.39
C LEU B 151 23.69 -17.63 -7.78
N TYR B 152 24.11 -18.84 -8.06
CA TYR B 152 24.45 -19.23 -9.40
C TYR B 152 23.54 -18.61 -10.46
N GLY B 153 22.25 -18.90 -10.38
CA GLY B 153 21.26 -18.39 -11.30
C GLY B 153 21.38 -16.89 -11.48
N TYR B 154 21.31 -16.13 -10.40
CA TYR B 154 21.51 -14.67 -10.39
C TYR B 154 22.75 -14.18 -11.18
N ASN B 155 23.93 -14.74 -10.91
CA ASN B 155 25.20 -14.37 -11.59
C ASN B 155 25.03 -14.49 -13.09
N LEU B 156 24.55 -15.65 -13.56
CA LEU B 156 24.29 -15.87 -14.99
C LEU B 156 23.36 -14.81 -15.58
N GLN B 157 22.36 -14.40 -14.80
CA GLN B 157 21.41 -13.37 -15.22
C GLN B 157 22.09 -12.02 -15.25
N VAL B 158 23.00 -11.80 -14.34
CA VAL B 158 23.79 -10.56 -14.32
C VAL B 158 24.73 -10.52 -15.52
N ILE B 159 25.39 -11.64 -15.82
CA ILE B 159 26.37 -11.65 -16.92
C ILE B 159 25.68 -11.30 -18.23
N ARG B 160 24.52 -11.90 -18.50
CA ARG B 160 23.83 -11.59 -19.74
C ARG B 160 23.36 -10.16 -19.84
N ASN B 161 23.03 -9.55 -18.71
CA ASN B 161 22.52 -8.18 -18.73
C ASN B 161 23.60 -7.19 -18.97
N LEU B 162 24.78 -7.44 -18.41
CA LEU B 162 25.90 -6.57 -18.60
C LEU B 162 26.32 -6.73 -20.05
N ALA B 163 26.53 -7.97 -20.48
CA ALA B 163 26.84 -8.26 -21.87
C ALA B 163 25.89 -7.59 -22.87
N GLY B 164 24.59 -7.63 -22.61
CA GLY B 164 23.64 -6.96 -23.45
C GLY B 164 23.82 -5.47 -23.44
N ASP B 165 24.19 -4.85 -22.32
CA ASP B 165 24.30 -3.37 -22.25
C ASP B 165 25.48 -2.86 -23.08
N LEU B 166 26.44 -3.74 -23.36
CA LEU B 166 27.59 -3.49 -24.21
C LEU B 166 27.31 -3.83 -25.66
N GLY B 167 26.02 -4.03 -26.03
CA GLY B 167 25.61 -4.47 -27.32
C GLY B 167 26.01 -5.88 -27.72
N LYS B 168 26.58 -6.66 -26.79
CA LYS B 168 27.08 -7.97 -27.10
C LYS B 168 26.19 -9.12 -26.60
N SER B 169 26.32 -10.29 -27.23
CA SER B 169 25.62 -11.48 -26.81
C SER B 169 26.49 -12.12 -25.75
N VAL B 170 25.93 -13.04 -25.00
CA VAL B 170 26.64 -13.65 -23.91
C VAL B 170 27.72 -14.56 -24.46
N ALA B 171 27.46 -15.19 -25.64
CA ALA B 171 28.38 -16.17 -26.30
C ALA B 171 29.69 -15.55 -26.60
N ASP B 172 29.64 -14.27 -27.02
CA ASP B 172 30.84 -13.48 -27.18
C ASP B 172 31.72 -13.88 -25.93
N PHE B 173 31.34 -13.48 -24.73
CA PHE B 173 31.98 -14.08 -23.53
C PHE B 173 31.69 -15.58 -23.39
N THR C 3 -37.76 33.68 2.04
CA THR C 3 -37.50 32.63 0.96
C THR C 3 -38.69 31.64 0.83
N LYS C 4 -39.72 31.78 1.65
CA LYS C 4 -40.79 30.75 1.69
C LYS C 4 -41.76 30.66 0.44
N LEU C 5 -42.14 31.83 -0.12
CA LEU C 5 -43.05 31.91 -1.26
C LEU C 5 -42.27 32.21 -2.58
N MET C 6 -40.94 32.38 -2.52
CA MET C 6 -40.06 32.51 -3.73
C MET C 6 -39.22 31.22 -3.95
N ILE C 7 -39.41 30.20 -3.12
CA ILE C 7 -38.97 28.82 -3.42
C ILE C 7 -40.12 28.05 -4.09
N ASP C 8 -41.36 28.48 -3.86
CA ASP C 8 -42.50 27.90 -4.58
C ASP C 8 -42.54 28.48 -6.01
N GLU C 9 -42.10 29.71 -6.17
CA GLU C 9 -41.98 30.36 -7.51
C GLU C 9 -40.97 29.60 -8.38
N LYS C 10 -39.87 29.14 -7.76
CA LYS C 10 -38.77 28.43 -8.44
C LYS C 10 -39.11 27.00 -8.88
N TYR C 11 -39.82 26.28 -8.00
CA TYR C 11 -40.31 24.90 -8.27
C TYR C 11 -41.37 24.83 -9.37
N ALA C 12 -42.28 25.82 -9.40
CA ALA C 12 -43.30 25.97 -10.45
C ALA C 12 -42.64 26.20 -11.79
N LYS C 13 -41.62 27.06 -11.85
CA LYS C 13 -40.88 27.42 -13.09
C LYS C 13 -39.88 26.37 -13.50
N GLU C 14 -39.55 25.40 -12.63
CA GLU C 14 -38.80 24.19 -13.02
C GLU C 14 -39.77 23.15 -13.63
N LEU C 15 -41.03 23.17 -13.17
CA LEU C 15 -42.03 22.22 -13.65
C LEU C 15 -42.60 22.60 -15.04
N ASP C 16 -42.70 23.91 -15.32
CA ASP C 16 -43.05 24.39 -16.69
C ASP C 16 -41.94 23.95 -17.65
N LYS C 17 -40.68 24.12 -17.20
CA LYS C 17 -39.45 23.72 -17.90
C LYS C 17 -39.35 22.22 -18.14
N ALA C 18 -39.79 21.43 -17.14
CA ALA C 18 -39.72 19.99 -17.17
C ALA C 18 -40.64 19.40 -18.23
N GLU C 19 -41.87 19.93 -18.34
CA GLU C 19 -42.84 19.45 -19.33
C GLU C 19 -42.40 19.84 -20.75
N ILE C 20 -41.93 21.07 -20.91
CA ILE C 20 -41.44 21.55 -22.25
C ILE C 20 -40.23 20.77 -22.79
N ASP C 21 -39.44 20.16 -21.92
CA ASP C 21 -38.24 19.40 -22.30
C ASP C 21 -38.52 17.96 -22.76
N HIS C 22 -39.48 17.28 -22.13
CA HIS C 22 -39.89 15.91 -22.55
C HIS C 22 -40.45 15.81 -23.96
N HIS C 23 -40.96 16.91 -24.53
CA HIS C 23 -41.61 16.91 -25.83
C HIS C 23 -40.64 16.79 -27.01
N LYS C 24 -39.60 17.63 -27.06
CA LYS C 24 -38.58 17.63 -28.14
C LYS C 24 -37.34 16.85 -27.69
N PRO C 25 -37.54 15.72 -27.01
CA PRO C 25 -36.78 15.36 -25.81
C PRO C 25 -35.41 16.06 -25.70
N THR C 26 -35.16 16.84 -24.64
CA THR C 26 -33.76 17.22 -24.34
C THR C 26 -33.03 15.98 -23.81
N ALA C 27 -31.71 16.02 -23.74
CA ALA C 27 -30.93 14.93 -23.18
C ALA C 27 -31.15 14.88 -21.67
N GLY C 28 -31.25 16.07 -21.05
CA GLY C 28 -31.48 16.21 -19.62
C GLY C 28 -32.81 15.65 -19.18
N ALA C 29 -33.72 15.53 -20.12
CA ALA C 29 -35.03 15.01 -19.86
C ALA C 29 -34.98 13.53 -19.94
N MET C 30 -34.28 13.05 -20.96
CA MET C 30 -34.13 11.63 -21.22
C MET C 30 -33.35 10.98 -20.08
N LEU C 31 -32.37 11.70 -19.54
CA LEU C 31 -31.55 11.16 -18.45
C LEU C 31 -32.33 11.18 -17.16
N GLY C 32 -33.37 12.01 -17.08
CA GLY C 32 -34.36 11.91 -16.02
C GLY C 32 -34.92 10.51 -15.89
N HIS C 33 -35.01 9.79 -17.00
CA HIS C 33 -35.47 8.42 -17.00
C HIS C 33 -34.34 7.45 -16.68
N VAL C 34 -33.14 7.67 -17.25
CA VAL C 34 -32.01 6.79 -16.98
C VAL C 34 -31.61 6.80 -15.50
N LEU C 35 -31.58 7.98 -14.90
CA LEU C 35 -31.25 8.11 -13.49
C LEU C 35 -32.30 7.50 -12.60
N SER C 36 -33.57 7.67 -12.96
CA SER C 36 -34.64 7.16 -12.09
C SER C 36 -34.67 5.64 -12.12
N ASN C 37 -34.36 5.07 -13.28
CA ASN C 37 -34.11 3.65 -13.44
C ASN C 37 -32.92 3.09 -12.64
N LEU C 38 -31.85 3.89 -12.59
CA LEU C 38 -30.64 3.52 -11.84
C LEU C 38 -30.97 3.39 -10.37
N PHE C 39 -31.68 4.38 -9.80
CA PHE C 39 -31.96 4.31 -8.38
C PHE C 39 -32.87 3.15 -8.02
N ILE C 40 -33.97 2.95 -8.78
CA ILE C 40 -34.91 1.87 -8.54
C ILE C 40 -34.21 0.54 -8.78
N GLU C 41 -33.36 0.44 -9.80
CA GLU C 41 -32.60 -0.80 -10.01
C GLU C 41 -31.65 -1.10 -8.82
N ASN C 42 -31.12 -0.05 -8.20
CA ASN C 42 -30.28 -0.19 -7.03
C ASN C 42 -31.07 -0.81 -5.88
N ILE C 43 -32.37 -0.54 -5.85
CA ILE C 43 -33.19 -1.06 -4.76
C ILE C 43 -33.43 -2.56 -4.96
N ARG C 44 -33.62 -2.93 -6.21
CA ARG C 44 -33.87 -4.31 -6.53
C ARG C 44 -32.65 -5.10 -6.26
N LEU C 45 -31.50 -4.61 -6.73
CA LEU C 45 -30.22 -5.28 -6.45
C LEU C 45 -29.94 -5.41 -4.95
N THR C 46 -30.21 -4.37 -4.16
CA THR C 46 -30.16 -4.45 -2.70
C THR C 46 -30.93 -5.63 -2.14
N GLN C 47 -32.18 -5.77 -2.60
CA GLN C 47 -33.07 -6.85 -2.18
C GLN C 47 -32.45 -8.18 -2.56
N ALA C 48 -32.09 -8.39 -3.82
CA ALA C 48 -31.49 -9.66 -4.21
C ALA C 48 -30.16 -9.88 -3.53
N GLY C 49 -29.53 -8.78 -3.10
CA GLY C 49 -28.19 -8.80 -2.50
C GLY C 49 -28.29 -9.37 -1.10
N ILE C 50 -29.41 -9.07 -0.43
CA ILE C 50 -29.76 -9.64 0.85
C ILE C 50 -30.34 -11.08 0.76
N TYR C 51 -31.26 -11.29 -0.16
CA TYR C 51 -32.16 -12.48 -0.10
C TYR C 51 -31.73 -13.67 -0.91
N ALA C 52 -30.96 -13.48 -1.98
CA ALA C 52 -30.50 -14.61 -2.78
C ALA C 52 -29.78 -15.57 -1.88
N LYS C 53 -29.49 -16.78 -2.36
CA LYS C 53 -28.95 -17.83 -1.47
C LYS C 53 -27.40 -17.90 -1.58
N SER C 54 -26.89 -18.07 -2.78
CA SER C 54 -25.45 -18.17 -3.04
C SER C 54 -24.70 -16.96 -2.51
N PRO C 55 -23.73 -17.18 -1.62
CA PRO C 55 -22.91 -16.10 -1.11
C PRO C 55 -22.18 -15.39 -2.24
N VAL C 56 -21.74 -16.11 -3.26
CA VAL C 56 -21.07 -15.51 -4.40
C VAL C 56 -21.98 -14.56 -5.15
N LYS C 57 -23.17 -14.99 -5.49
CA LYS C 57 -24.06 -14.11 -6.22
C LYS C 57 -24.55 -12.94 -5.39
N CYS C 58 -24.61 -13.04 -4.05
CA CYS C 58 -24.99 -11.94 -3.19
C CYS C 58 -23.94 -10.85 -3.23
N GLU C 59 -22.67 -11.26 -3.30
CA GLU C 59 -21.53 -10.39 -3.47
C GLU C 59 -21.62 -9.65 -4.79
N TYR C 60 -21.61 -10.38 -5.90
CA TYR C 60 -21.67 -9.76 -7.22
C TYR C 60 -22.81 -8.75 -7.37
N LEU C 61 -23.96 -9.03 -6.78
CA LEU C 61 -25.15 -8.21 -6.98
C LEU C 61 -25.10 -6.96 -6.15
N ARG C 62 -24.60 -7.07 -4.92
CA ARG C 62 -24.36 -5.91 -4.06
C ARG C 62 -23.36 -4.93 -4.65
N GLU C 63 -22.51 -5.44 -5.52
CA GLU C 63 -21.44 -4.72 -6.22
C GLU C 63 -22.00 -3.99 -7.45
N ILE C 64 -22.88 -4.64 -8.20
CA ILE C 64 -23.62 -3.99 -9.27
C ILE C 64 -24.50 -2.88 -8.67
N ALA C 65 -25.08 -3.08 -7.48
CA ALA C 65 -25.94 -2.06 -6.85
C ALA C 65 -25.06 -0.88 -6.62
N GLN C 66 -23.85 -1.12 -6.15
CA GLN C 66 -22.96 -0.05 -5.75
C GLN C 66 -22.58 0.77 -6.98
N ARG C 67 -22.35 0.12 -8.12
CA ARG C 67 -22.07 0.76 -9.39
C ARG C 67 -23.22 1.58 -9.90
N GLU C 68 -24.44 1.15 -9.72
CA GLU C 68 -25.58 1.94 -10.18
C GLU C 68 -25.61 3.28 -9.43
N VAL C 69 -25.38 3.25 -8.12
CA VAL C 69 -25.27 4.48 -7.34
C VAL C 69 -24.06 5.33 -7.72
N GLU C 70 -22.96 4.71 -8.11
CA GLU C 70 -21.81 5.47 -8.58
C GLU C 70 -22.21 6.23 -9.85
N TYR C 71 -22.76 5.50 -10.82
CA TYR C 71 -23.23 6.11 -12.08
C TYR C 71 -24.38 7.09 -11.91
N PHE C 72 -25.16 6.92 -10.85
CA PHE C 72 -26.17 7.92 -10.54
C PHE C 72 -25.43 9.20 -10.28
N PHE C 73 -24.40 9.11 -9.45
CA PHE C 73 -23.71 10.30 -8.95
C PHE C 73 -22.88 10.94 -10.03
N LYS C 74 -22.20 10.11 -10.82
CA LYS C 74 -21.33 10.60 -11.84
C LYS C 74 -22.11 11.38 -12.88
N ILE C 75 -23.26 10.86 -13.31
CA ILE C 75 -24.01 11.47 -14.39
C ILE C 75 -24.79 12.62 -13.84
N SER C 76 -25.31 12.48 -12.64
CA SER C 76 -25.95 13.60 -11.99
C SER C 76 -25.01 14.79 -11.92
N ASP C 77 -23.73 14.52 -11.65
CA ASP C 77 -22.67 15.55 -11.58
C ASP C 77 -22.46 16.20 -12.96
N LEU C 78 -22.24 15.37 -13.99
CA LEU C 78 -22.05 15.83 -15.35
C LEU C 78 -23.22 16.74 -15.81
N LEU C 79 -24.45 16.37 -15.49
CA LEU C 79 -25.64 17.16 -15.78
C LEU C 79 -25.65 18.51 -15.07
N LEU C 80 -25.54 18.55 -13.75
CA LEU C 80 -25.57 19.83 -13.06
C LEU C 80 -24.44 20.70 -13.55
N ASP C 81 -23.35 20.06 -13.96
CA ASP C 81 -22.19 20.72 -14.54
C ASP C 81 -22.60 21.56 -15.74
N GLU C 82 -23.44 20.96 -16.59
CA GLU C 82 -23.95 21.57 -17.82
C GLU C 82 -25.37 22.13 -17.56
N ASN C 83 -25.49 22.93 -16.51
CA ASN C 83 -26.78 23.44 -16.05
C ASN C 83 -28.04 22.63 -16.43
N GLU C 84 -28.25 21.48 -15.84
CA GLU C 84 -29.46 20.73 -16.01
C GLU C 84 -29.99 20.32 -14.65
N ILE C 85 -31.12 19.64 -14.63
CA ILE C 85 -31.81 19.31 -13.42
C ILE C 85 -31.99 17.78 -13.36
N VAL C 86 -31.98 17.28 -12.14
CA VAL C 86 -31.88 15.90 -11.89
C VAL C 86 -32.97 15.48 -10.87
N PRO C 87 -33.60 14.33 -11.09
CA PRO C 87 -34.59 13.81 -10.11
C PRO C 87 -33.93 13.35 -8.84
N SER C 88 -34.46 13.85 -7.72
CA SER C 88 -33.79 13.73 -6.41
C SER C 88 -34.71 13.15 -5.31
N THR C 89 -35.86 12.53 -5.63
CA THR C 89 -36.72 11.92 -4.57
C THR C 89 -37.42 10.64 -5.00
N THR C 90 -38.00 9.93 -4.04
CA THR C 90 -38.79 8.71 -4.30
C THR C 90 -39.98 8.95 -5.23
N GLU C 91 -40.75 9.98 -4.92
CA GLU C 91 -41.82 10.42 -5.80
C GLU C 91 -41.33 10.62 -7.22
N GLU C 92 -40.25 11.38 -7.38
CA GLU C 92 -39.74 11.70 -8.73
C GLU C 92 -39.27 10.46 -9.41
N PHE C 93 -38.53 9.59 -8.71
CA PHE C 93 -38.01 8.33 -9.25
C PHE C 93 -39.16 7.46 -9.76
N LEU C 94 -40.26 7.50 -9.02
CA LEU C 94 -41.45 6.73 -9.42
C LEU C 94 -42.10 7.28 -10.70
N LYS C 95 -42.20 8.61 -10.78
CA LYS C 95 -42.75 9.31 -11.96
C LYS C 95 -42.03 8.87 -13.22
N TYR C 96 -40.70 8.91 -13.24
CA TYR C 96 -39.94 8.76 -14.48
C TYR C 96 -39.42 7.35 -14.75
N HIS C 97 -39.59 6.39 -13.83
CA HIS C 97 -39.07 5.07 -14.07
C HIS C 97 -39.99 4.20 -14.90
N LYS C 98 -39.38 3.32 -15.68
CA LYS C 98 -40.08 2.64 -16.76
C LYS C 98 -39.50 1.25 -16.98
N PHE C 99 -40.39 0.26 -17.12
CA PHE C 99 -40.02 -1.12 -17.48
C PHE C 99 -39.30 -1.90 -16.34
N ILE C 100 -38.94 -1.22 -15.26
CA ILE C 100 -38.43 -1.86 -14.07
C ILE C 100 -39.61 -1.91 -13.13
N THR C 101 -39.82 -3.07 -12.54
CA THR C 101 -40.88 -3.24 -11.55
C THR C 101 -40.34 -3.97 -10.35
N GLU C 102 -40.46 -3.35 -9.20
CA GLU C 102 -40.15 -3.99 -7.92
C GLU C 102 -41.16 -5.13 -7.56
N ASP C 103 -40.96 -5.81 -6.45
CA ASP C 103 -41.84 -6.93 -6.06
C ASP C 103 -41.43 -7.48 -4.68
N PRO C 104 -42.18 -7.21 -3.62
CA PRO C 104 -41.83 -7.78 -2.31
C PRO C 104 -41.79 -9.32 -2.27
N LYS C 105 -42.43 -9.93 -3.25
CA LYS C 105 -42.44 -11.37 -3.38
C LYS C 105 -41.14 -11.97 -3.91
N ALA C 106 -40.24 -11.12 -4.41
CA ALA C 106 -38.98 -11.58 -5.01
C ALA C 106 -38.01 -12.14 -3.99
N LYS C 107 -38.19 -11.90 -2.67
CA LYS C 107 -37.41 -12.59 -1.62
C LYS C 107 -37.43 -14.12 -1.69
N TYR C 108 -38.45 -14.70 -2.31
CA TYR C 108 -38.61 -16.18 -2.38
C TYR C 108 -38.42 -16.72 -3.77
N TRP C 109 -37.98 -15.92 -4.74
CA TRP C 109 -37.60 -16.45 -6.05
C TRP C 109 -36.32 -17.27 -5.88
N THR C 110 -36.11 -18.15 -6.83
CA THR C 110 -34.93 -18.95 -6.91
C THR C 110 -33.78 -18.02 -7.41
N ASP C 111 -32.51 -18.38 -7.19
CA ASP C 111 -31.41 -17.51 -7.62
C ASP C 111 -31.48 -17.17 -9.10
N GLU C 112 -31.76 -18.17 -9.93
CA GLU C 112 -31.78 -18.01 -11.41
C GLU C 112 -32.95 -17.07 -11.80
N ASP C 113 -34.05 -17.15 -11.07
CA ASP C 113 -35.21 -16.34 -11.43
C ASP C 113 -34.89 -14.87 -11.17
N LEU C 114 -34.17 -14.62 -10.10
CA LEU C 114 -33.55 -13.32 -9.83
C LEU C 114 -32.56 -12.87 -10.93
N LEU C 115 -31.67 -13.76 -11.34
CA LEU C 115 -30.71 -13.36 -12.34
C LEU C 115 -31.39 -12.89 -13.60
N GLU C 116 -32.13 -13.80 -14.22
CA GLU C 116 -33.00 -13.54 -15.41
C GLU C 116 -33.77 -12.23 -15.35
N SER C 117 -34.30 -11.91 -14.19
CA SER C 117 -35.09 -10.68 -14.06
C SER C 117 -34.24 -9.45 -14.26
N PHE C 118 -32.96 -9.51 -13.81
CA PHE C 118 -32.00 -8.40 -13.98
C PHE C 118 -31.48 -8.30 -15.41
N ILE C 119 -31.40 -9.41 -16.13
CA ILE C 119 -31.07 -9.34 -17.56
C ILE C 119 -32.11 -8.54 -18.40
N VAL C 120 -33.38 -8.79 -18.14
CA VAL C 120 -34.44 -8.06 -18.82
C VAL C 120 -34.42 -6.60 -18.39
N ASP C 121 -34.38 -6.36 -17.09
CA ASP C 121 -34.26 -4.99 -16.55
C ASP C 121 -33.12 -4.16 -17.18
N PHE C 122 -32.02 -4.81 -17.59
CA PHE C 122 -30.82 -4.15 -18.03
C PHE C 122 -30.87 -3.87 -19.51
N GLN C 123 -31.39 -4.81 -20.32
CA GLN C 123 -31.81 -4.51 -21.69
C GLN C 123 -32.73 -3.31 -21.73
N ALA C 124 -33.75 -3.35 -20.88
CA ALA C 124 -34.70 -2.26 -20.87
C ALA C 124 -34.03 -0.93 -20.56
N GLN C 125 -33.04 -0.94 -19.67
CA GLN C 125 -32.33 0.28 -19.25
C GLN C 125 -31.67 0.90 -20.47
N ASN C 126 -31.06 0.04 -21.28
CA ASN C 126 -30.42 0.43 -22.51
C ASN C 126 -31.26 1.09 -23.63
N MET C 127 -32.59 1.04 -23.59
CA MET C 127 -33.41 1.78 -24.57
C MET C 127 -33.16 3.29 -24.35
N PHE C 128 -33.43 3.72 -23.13
CA PHE C 128 -33.37 5.14 -22.74
C PHE C 128 -31.94 5.71 -22.79
N ILE C 129 -30.93 4.87 -22.60
CA ILE C 129 -29.51 5.24 -22.53
C ILE C 129 -28.96 5.54 -23.95
N THR C 130 -29.27 4.62 -24.88
CA THR C 130 -28.86 4.78 -26.28
C THR C 130 -29.38 6.06 -26.87
N ARG C 131 -30.58 6.43 -26.49
CA ARG C 131 -31.18 7.64 -26.98
C ARG C 131 -30.55 8.88 -26.33
N ALA C 132 -30.20 8.76 -25.05
CA ALA C 132 -29.55 9.90 -24.34
C ALA C 132 -28.13 10.17 -24.89
N ILE C 133 -27.47 9.16 -25.44
CA ILE C 133 -26.17 9.33 -26.06
C ILE C 133 -26.33 10.24 -27.27
N LYS C 134 -27.21 9.82 -28.18
CA LYS C 134 -27.51 10.56 -29.38
C LYS C 134 -27.93 11.96 -29.05
N LEU C 135 -28.86 12.12 -28.11
CA LEU C 135 -29.36 13.43 -27.71
C LEU C 135 -28.29 14.34 -27.10
N ALA C 136 -27.27 13.77 -26.49
CA ALA C 136 -26.27 14.56 -25.80
C ALA C 136 -25.17 15.01 -26.75
N ASN C 137 -24.79 14.13 -27.69
CA ASN C 137 -23.89 14.51 -28.80
C ASN C 137 -24.48 15.68 -29.66
N LYS C 138 -25.81 15.66 -29.80
CA LYS C 138 -26.52 16.71 -30.54
C LYS C 138 -26.52 18.01 -29.80
N GLU C 139 -26.79 18.00 -28.49
CA GLU C 139 -26.69 19.24 -27.70
C GLU C 139 -25.24 19.66 -27.44
N GLU C 140 -24.30 18.94 -28.02
CA GLU C 140 -22.86 19.24 -27.86
C GLU C 140 -22.39 19.31 -26.37
N LYS C 141 -22.94 18.38 -25.58
CA LYS C 141 -22.46 18.12 -24.19
C LYS C 141 -21.55 16.91 -24.29
N PHE C 142 -20.28 17.16 -24.50
CA PHE C 142 -19.37 16.10 -24.91
C PHE C 142 -18.97 15.17 -23.75
N ALA C 143 -18.83 15.75 -22.56
CA ALA C 143 -18.41 15.05 -21.37
C ALA C 143 -19.52 14.09 -20.90
N LEU C 144 -20.74 14.62 -20.82
CA LEU C 144 -21.97 13.83 -20.60
C LEU C 144 -22.06 12.67 -21.54
N ALA C 145 -21.88 12.92 -22.81
CA ALA C 145 -21.97 11.86 -23.79
C ALA C 145 -21.08 10.68 -23.39
N ALA C 146 -19.78 10.93 -23.17
CA ALA C 146 -18.74 9.93 -22.88
C ALA C 146 -19.07 9.22 -21.57
N GLY C 147 -19.72 9.94 -20.64
CA GLY C 147 -20.16 9.40 -19.37
C GLY C 147 -21.27 8.40 -19.56
N VAL C 148 -22.19 8.77 -20.44
CA VAL C 148 -23.32 7.92 -20.75
C VAL C 148 -22.89 6.79 -21.67
N VAL C 149 -21.86 6.97 -22.46
CA VAL C 149 -21.32 5.84 -23.24
C VAL C 149 -20.71 4.74 -22.34
N GLU C 150 -20.16 5.17 -21.21
CA GLU C 150 -19.54 4.27 -20.24
C GLU C 150 -20.60 3.42 -19.57
N LEU C 151 -21.69 4.06 -19.14
CA LEU C 151 -22.81 3.38 -18.50
C LEU C 151 -23.45 2.36 -19.42
N TYR C 152 -23.65 2.77 -20.67
CA TYR C 152 -24.12 1.86 -21.71
C TYR C 152 -23.25 0.65 -21.76
N GLY C 153 -21.95 0.83 -21.94
CA GLY C 153 -21.00 -0.27 -22.06
C GLY C 153 -20.91 -1.23 -20.88
N TYR C 154 -21.18 -0.70 -19.70
CA TYR C 154 -21.20 -1.46 -18.45
C TYR C 154 -22.42 -2.40 -18.46
N ASN C 155 -23.63 -1.86 -18.68
CA ASN C 155 -24.85 -2.63 -18.83
C ASN C 155 -24.60 -3.81 -19.76
N LEU C 156 -23.99 -3.62 -20.93
CA LEU C 156 -23.71 -4.75 -21.80
C LEU C 156 -22.90 -5.80 -21.06
N GLN C 157 -21.86 -5.37 -20.34
CA GLN C 157 -21.02 -6.24 -19.50
C GLN C 157 -21.85 -7.07 -18.50
N VAL C 158 -22.66 -6.37 -17.71
CA VAL C 158 -23.54 -6.96 -16.71
C VAL C 158 -24.52 -7.97 -17.31
N ILE C 159 -25.02 -7.73 -18.55
CA ILE C 159 -25.94 -8.65 -19.21
C ILE C 159 -25.21 -9.88 -19.57
N ARG C 160 -24.07 -9.79 -20.23
CA ARG C 160 -23.36 -11.01 -20.66
C ARG C 160 -22.77 -11.85 -19.48
N ASN C 161 -22.57 -11.23 -18.30
CA ASN C 161 -22.14 -11.94 -17.11
C ASN C 161 -23.25 -12.71 -16.50
N LEU C 162 -24.36 -12.02 -16.21
CA LEU C 162 -25.57 -12.70 -15.71
C LEU C 162 -25.97 -13.85 -16.63
N ALA C 163 -25.82 -13.68 -17.93
CA ALA C 163 -26.22 -14.68 -18.88
C ALA C 163 -25.29 -15.88 -18.72
N GLY C 164 -23.99 -15.68 -18.75
CA GLY C 164 -23.05 -16.79 -18.58
C GLY C 164 -23.20 -17.58 -17.29
N ASP C 165 -23.66 -16.92 -16.24
CA ASP C 165 -23.75 -17.49 -14.91
C ASP C 165 -24.99 -18.34 -14.79
N LEU C 166 -25.93 -18.16 -15.73
CA LEU C 166 -27.08 -19.06 -15.98
C LEU C 166 -26.78 -20.21 -16.97
N GLY C 167 -25.64 -20.16 -17.67
CA GLY C 167 -25.27 -21.19 -18.61
C GLY C 167 -25.41 -20.74 -20.04
N LYS C 168 -25.97 -19.57 -20.25
CA LYS C 168 -26.43 -19.13 -21.58
C LYS C 168 -25.62 -17.96 -22.21
N SER C 169 -25.52 -18.01 -23.52
CA SER C 169 -24.98 -16.92 -24.33
C SER C 169 -25.86 -15.69 -24.19
N VAL C 170 -25.29 -14.53 -24.57
CA VAL C 170 -26.04 -13.29 -24.63
C VAL C 170 -27.11 -13.41 -25.73
N ALA C 171 -26.76 -14.15 -26.79
CA ALA C 171 -27.72 -14.59 -27.83
C ALA C 171 -29.03 -14.90 -27.24
N ASP C 172 -29.01 -15.92 -26.39
CA ASP C 172 -30.27 -16.40 -25.90
C ASP C 172 -31.30 -15.24 -25.59
N PHE C 173 -30.92 -14.24 -24.78
CA PHE C 173 -31.72 -12.95 -24.66
C PHE C 173 -31.46 -11.85 -25.71
N THR D 3 44.65 3.87 -24.18
CA THR D 3 43.99 4.52 -23.01
C THR D 3 44.68 4.19 -21.67
N LYS D 4 45.69 3.34 -21.67
CA LYS D 4 46.25 2.84 -20.39
C LYS D 4 47.33 3.73 -19.77
N LEU D 5 47.58 4.91 -20.36
CA LEU D 5 48.58 5.88 -19.88
C LEU D 5 47.92 7.22 -19.48
N MET D 6 46.83 7.65 -20.15
CA MET D 6 45.96 8.75 -19.67
C MET D 6 45.53 8.52 -18.22
N ILE D 7 45.38 7.25 -17.84
CA ILE D 7 44.87 6.83 -16.54
C ILE D 7 45.89 6.99 -15.42
N ASP D 8 47.14 6.66 -15.71
CA ASP D 8 48.17 6.67 -14.65
C ASP D 8 48.59 8.05 -14.25
N GLU D 9 48.55 9.00 -15.19
CA GLU D 9 48.85 10.40 -14.86
C GLU D 9 47.70 11.02 -14.09
N LYS D 10 46.47 10.63 -14.43
CA LYS D 10 45.28 11.05 -13.65
C LYS D 10 45.33 10.51 -12.21
N TYR D 11 45.81 9.28 -12.04
CA TYR D 11 45.95 8.66 -10.74
C TYR D 11 47.03 9.36 -9.88
N ALA D 12 48.09 9.85 -10.53
CA ALA D 12 49.22 10.43 -9.84
C ALA D 12 48.92 11.85 -9.44
N LYS D 13 48.17 12.59 -10.26
CA LYS D 13 47.71 13.91 -9.88
C LYS D 13 46.67 13.80 -8.78
N GLU D 14 45.88 12.73 -8.73
CA GLU D 14 45.02 12.40 -7.58
C GLU D 14 45.84 12.20 -6.32
N LEU D 15 46.87 11.35 -6.39
CA LEU D 15 47.69 11.00 -5.21
C LEU D 15 48.44 12.18 -4.62
N ASP D 16 48.76 13.16 -5.50
CA ASP D 16 49.45 14.42 -5.15
C ASP D 16 48.56 15.49 -4.52
N LYS D 17 47.45 15.76 -5.19
CA LYS D 17 46.32 16.54 -4.63
C LYS D 17 45.94 16.11 -3.21
N ALA D 18 45.83 14.79 -3.04
CA ALA D 18 45.38 14.18 -1.80
C ALA D 18 46.38 14.44 -0.68
N GLU D 19 47.67 14.40 -1.01
CA GLU D 19 48.72 14.65 -0.01
C GLU D 19 48.69 16.08 0.51
N ILE D 20 48.51 17.07 -0.37
CA ILE D 20 48.32 18.47 0.07
C ILE D 20 47.05 18.66 0.93
N ASP D 21 45.94 18.10 0.42
CA ASP D 21 44.60 18.18 1.03
C ASP D 21 44.58 17.59 2.46
N HIS D 22 45.23 16.45 2.70
CA HIS D 22 45.16 15.81 4.03
C HIS D 22 45.97 16.61 5.02
N HIS D 23 46.98 17.35 4.54
CA HIS D 23 47.94 18.05 5.43
C HIS D 23 47.62 19.54 5.66
N LYS D 24 46.31 19.83 5.86
CA LYS D 24 45.80 21.22 5.98
C LYS D 24 44.35 21.34 6.53
N PRO D 25 43.76 20.24 6.98
CA PRO D 25 42.74 19.43 6.32
C PRO D 25 41.71 20.12 5.42
N THR D 26 41.32 19.53 4.29
CA THR D 26 40.04 19.84 3.69
C THR D 26 38.98 18.94 4.22
N ALA D 27 37.74 19.34 3.98
CA ALA D 27 36.57 18.57 4.40
C ALA D 27 36.59 17.28 3.64
N GLY D 28 36.88 17.30 2.34
CA GLY D 28 36.99 16.10 1.53
C GLY D 28 38.00 15.10 2.07
N ALA D 29 39.07 15.62 2.62
CA ALA D 29 40.14 14.78 3.09
C ALA D 29 39.73 14.13 4.39
N MET D 30 39.24 14.94 5.33
CA MET D 30 38.63 14.49 6.57
C MET D 30 37.53 13.46 6.27
N LEU D 31 36.65 13.74 5.31
CA LEU D 31 35.59 12.77 5.00
C LEU D 31 36.13 11.47 4.39
N GLY D 32 37.46 11.41 4.18
CA GLY D 32 38.13 10.20 3.74
C GLY D 32 38.21 9.23 4.90
N HIS D 33 38.54 9.76 6.06
CA HIS D 33 38.57 8.96 7.28
C HIS D 33 37.15 8.50 7.62
N VAL D 34 36.20 9.45 7.54
CA VAL D 34 34.82 9.20 7.98
C VAL D 34 34.22 8.04 7.18
N LEU D 35 34.45 8.04 5.89
CA LEU D 35 33.86 7.06 5.00
C LEU D 35 34.56 5.70 5.06
N SER D 36 35.84 5.71 5.39
CA SER D 36 36.60 4.48 5.54
C SER D 36 36.14 3.82 6.81
N ASN D 37 35.91 4.67 7.82
CA ASN D 37 35.36 4.22 9.09
C ASN D 37 33.95 3.63 8.90
N LEU D 38 33.14 4.22 8.03
CA LEU D 38 31.82 3.69 7.83
C LEU D 38 31.91 2.33 7.27
N PHE D 39 32.80 2.11 6.30
CA PHE D 39 32.82 0.80 5.65
C PHE D 39 33.35 -0.29 6.55
N ILE D 40 34.35 0.03 7.37
CA ILE D 40 34.97 -0.98 8.23
C ILE D 40 33.95 -1.30 9.29
N GLU D 41 33.26 -0.29 9.79
CA GLU D 41 32.19 -0.56 10.75
C GLU D 41 31.16 -1.48 10.17
N ASN D 42 30.87 -1.32 8.90
CA ASN D 42 29.85 -2.11 8.28
C ASN D 42 30.27 -3.59 8.29
N ILE D 43 31.57 -3.83 8.21
CA ILE D 43 32.09 -5.21 8.22
C ILE D 43 32.00 -5.75 9.65
N ARG D 44 32.38 -4.92 10.60
CA ARG D 44 32.28 -5.28 11.99
C ARG D 44 30.84 -5.58 12.41
N LEU D 45 29.90 -4.70 12.08
CA LEU D 45 28.48 -4.95 12.31
C LEU D 45 28.01 -6.14 11.53
N THR D 46 28.52 -6.37 10.34
CA THR D 46 28.11 -7.56 9.62
C THR D 46 28.49 -8.82 10.37
N GLN D 47 29.73 -8.93 10.77
CA GLN D 47 30.16 -9.95 11.71
C GLN D 47 29.22 -10.14 12.92
N ALA D 48 29.06 -9.09 13.71
CA ALA D 48 28.29 -9.16 14.93
C ALA D 48 26.80 -9.58 14.63
N GLY D 49 26.31 -9.20 13.45
CA GLY D 49 24.94 -9.46 13.10
C GLY D 49 24.74 -10.92 12.74
N ILE D 50 25.81 -11.50 12.23
CA ILE D 50 25.83 -12.95 11.99
C ILE D 50 26.08 -13.77 13.26
N TYR D 51 26.96 -13.29 14.15
CA TYR D 51 27.53 -14.14 15.21
C TYR D 51 26.93 -13.96 16.62
N ALA D 52 26.25 -12.85 16.91
CA ALA D 52 25.65 -12.64 18.21
C ALA D 52 24.59 -13.69 18.46
N LYS D 53 24.29 -13.94 19.74
CA LYS D 53 23.41 -15.03 20.09
C LYS D 53 21.93 -14.58 19.93
N SER D 54 21.61 -13.47 20.53
CA SER D 54 20.25 -12.98 20.56
C SER D 54 19.73 -12.61 19.19
N PRO D 55 18.68 -13.26 18.75
CA PRO D 55 18.04 -12.93 17.48
C PRO D 55 17.70 -11.47 17.34
N VAL D 56 17.25 -10.85 18.44
CA VAL D 56 16.78 -9.48 18.39
C VAL D 56 17.93 -8.55 18.13
N LYS D 57 19.05 -8.78 18.79
CA LYS D 57 20.23 -7.99 18.58
C LYS D 57 20.85 -8.22 17.20
N CYS D 58 20.81 -9.44 16.66
CA CYS D 58 21.25 -9.63 15.27
C CYS D 58 20.50 -8.75 14.26
N GLU D 59 19.17 -8.76 14.34
CA GLU D 59 18.35 -7.90 13.52
C GLU D 59 18.77 -6.42 13.59
N TYR D 60 18.94 -5.91 14.79
CA TYR D 60 19.28 -4.53 15.04
C TYR D 60 20.68 -4.18 14.51
N LEU D 61 21.64 -5.09 14.61
CA LEU D 61 22.99 -4.78 14.20
C LEU D 61 23.10 -4.78 12.72
N ARG D 62 22.43 -5.73 12.09
CA ARG D 62 22.24 -5.79 10.66
C ARG D 62 21.61 -4.56 10.07
N GLU D 63 20.80 -3.88 10.88
CA GLU D 63 20.15 -2.69 10.42
C GLU D 63 21.07 -1.51 10.62
N ILE D 64 21.87 -1.52 11.67
CA ILE D 64 22.89 -0.46 11.78
C ILE D 64 23.91 -0.59 10.64
N ALA D 65 24.33 -1.81 10.35
CA ALA D 65 25.19 -2.08 9.23
C ALA D 65 24.60 -1.49 7.98
N GLN D 66 23.32 -1.69 7.72
CA GLN D 66 22.80 -1.20 6.49
C GLN D 66 22.71 0.31 6.45
N ARG D 67 22.56 0.99 7.59
CA ARG D 67 22.55 2.44 7.61
C ARG D 67 23.92 2.99 7.36
N GLU D 68 24.94 2.27 7.82
CA GLU D 68 26.31 2.68 7.58
C GLU D 68 26.54 2.73 6.08
N VAL D 69 26.10 1.73 5.37
CA VAL D 69 26.24 1.75 3.92
C VAL D 69 25.42 2.82 3.24
N GLU D 70 24.18 3.02 3.68
CA GLU D 70 23.39 4.12 3.11
C GLU D 70 24.09 5.46 3.24
N TYR D 71 24.64 5.74 4.43
CA TYR D 71 25.45 6.95 4.67
C TYR D 71 26.70 7.04 3.79
N PHE D 72 27.35 5.90 3.54
CA PHE D 72 28.48 5.82 2.63
C PHE D 72 28.11 6.34 1.25
N PHE D 73 27.02 5.86 0.64
CA PHE D 73 26.57 6.36 -0.68
C PHE D 73 26.11 7.79 -0.59
N LYS D 74 25.43 8.13 0.48
CA LYS D 74 24.82 9.45 0.56
C LYS D 74 25.88 10.53 0.59
N ILE D 75 27.01 10.22 1.22
CA ILE D 75 28.01 11.23 1.56
C ILE D 75 28.98 11.28 0.41
N SER D 76 29.31 10.12 -0.12
CA SER D 76 30.06 10.05 -1.36
C SER D 76 29.41 10.85 -2.48
N ASP D 77 28.13 10.64 -2.70
CA ASP D 77 27.39 11.43 -3.67
C ASP D 77 27.48 12.94 -3.36
N LEU D 78 27.31 13.32 -2.10
CA LEU D 78 27.31 14.73 -1.76
C LEU D 78 28.68 15.37 -2.07
N LEU D 79 29.71 14.54 -1.97
CA LEU D 79 31.06 14.97 -2.20
C LEU D 79 31.31 15.04 -3.68
N LEU D 80 31.11 13.95 -4.39
CA LEU D 80 31.23 13.99 -5.85
C LEU D 80 30.39 15.10 -6.53
N ASP D 81 29.30 15.48 -5.91
CA ASP D 81 28.40 16.48 -6.45
C ASP D 81 29.13 17.83 -6.39
N GLU D 82 29.87 17.95 -5.30
CA GLU D 82 30.69 19.15 -4.95
C GLU D 82 32.19 18.93 -5.42
N ASN D 83 32.38 17.92 -6.26
CA ASN D 83 33.60 17.62 -6.97
C ASN D 83 34.78 17.17 -6.14
N GLU D 84 34.56 16.28 -5.21
CA GLU D 84 35.66 15.71 -4.45
C GLU D 84 35.78 14.25 -4.78
N ILE D 85 36.72 13.59 -4.10
CA ILE D 85 37.12 12.23 -4.45
C ILE D 85 36.90 11.38 -3.22
N VAL D 86 36.73 10.11 -3.41
CA VAL D 86 36.19 9.26 -2.38
C VAL D 86 36.97 7.94 -2.40
N PRO D 87 37.41 7.43 -1.25
CA PRO D 87 38.08 6.12 -1.23
C PRO D 87 37.10 5.04 -1.67
N SER D 88 37.56 3.98 -2.27
CA SER D 88 36.66 3.05 -2.94
C SER D 88 37.30 1.70 -3.14
N THR D 89 38.22 1.31 -2.24
CA THR D 89 38.88 0.01 -2.30
C THR D 89 39.27 -0.42 -0.90
N THR D 90 39.45 -1.72 -0.68
CA THR D 90 39.87 -2.18 0.64
C THR D 90 41.20 -1.55 1.01
N GLU D 91 42.19 -1.62 0.12
CA GLU D 91 43.46 -0.88 0.22
C GLU D 91 43.28 0.44 0.92
N GLU D 92 42.39 1.28 0.38
CA GLU D 92 42.23 2.65 0.82
C GLU D 92 41.55 2.82 2.16
N PHE D 93 40.51 2.04 2.43
CA PHE D 93 39.82 2.12 3.70
C PHE D 93 40.78 1.72 4.81
N LEU D 94 41.67 0.78 4.53
CA LEU D 94 42.65 0.33 5.51
C LEU D 94 43.69 1.40 5.80
N LYS D 95 44.15 2.09 4.76
CA LYS D 95 45.02 3.24 5.02
C LYS D 95 44.35 4.26 5.95
N TYR D 96 43.12 4.67 5.66
CA TYR D 96 42.48 5.85 6.23
C TYR D 96 41.67 5.61 7.50
N HIS D 97 41.42 4.33 7.80
CA HIS D 97 40.56 4.00 8.94
C HIS D 97 41.36 4.08 10.23
N LYS D 98 40.73 4.76 11.20
CA LYS D 98 41.30 4.99 12.52
C LYS D 98 40.37 4.46 13.61
N PHE D 99 40.96 3.93 14.66
CA PHE D 99 40.23 3.51 15.87
C PHE D 99 39.39 2.25 15.87
N ILE D 100 38.86 1.90 14.72
CA ILE D 100 37.99 0.74 14.62
C ILE D 100 38.83 -0.42 14.26
N THR D 101 38.72 -1.46 15.05
CA THR D 101 39.65 -2.55 14.88
C THR D 101 38.88 -3.89 14.78
N GLU D 102 39.06 -4.53 13.64
CA GLU D 102 38.45 -5.81 13.35
C GLU D 102 39.13 -6.89 14.15
N ASP D 103 38.46 -8.02 14.34
CA ASP D 103 39.01 -9.13 15.13
C ASP D 103 38.25 -10.39 14.80
N PRO D 104 38.90 -11.36 14.18
CA PRO D 104 38.21 -12.62 13.86
C PRO D 104 37.80 -13.44 15.08
N LYS D 105 38.34 -13.20 16.28
CA LYS D 105 37.94 -13.92 17.49
C LYS D 105 36.69 -13.29 18.15
N ALA D 106 36.09 -12.32 17.48
CA ALA D 106 34.92 -11.60 18.01
C ALA D 106 33.66 -12.47 17.99
N LYS D 107 33.61 -13.45 17.04
CA LYS D 107 32.57 -14.47 17.02
C LYS D 107 32.30 -15.12 18.38
N TYR D 108 33.38 -15.31 19.13
CA TYR D 108 33.35 -15.97 20.44
C TYR D 108 33.00 -15.02 21.56
N TRP D 109 32.80 -13.74 21.29
CA TRP D 109 32.55 -12.84 22.38
C TRP D 109 31.10 -13.00 22.80
N THR D 110 30.89 -12.41 23.93
CA THR D 110 29.63 -12.23 24.56
C THR D 110 28.87 -11.16 23.81
N ASP D 111 27.54 -11.27 23.77
CA ASP D 111 26.73 -10.21 23.21
C ASP D 111 27.03 -8.90 23.91
N GLU D 112 27.02 -8.88 25.24
CA GLU D 112 27.38 -7.69 26.01
C GLU D 112 28.70 -7.09 25.52
N ASP D 113 29.73 -7.91 25.21
CA ASP D 113 31.04 -7.41 24.82
C ASP D 113 30.99 -6.81 23.45
N LEU D 114 30.34 -7.45 22.47
CA LEU D 114 30.13 -6.85 21.15
C LEU D 114 29.52 -5.48 21.24
N LEU D 115 28.48 -5.36 22.06
CA LEU D 115 27.77 -4.11 22.17
C LEU D 115 28.63 -3.03 22.77
N GLU D 116 29.41 -3.37 23.77
CA GLU D 116 30.36 -2.40 24.34
C GLU D 116 31.39 -1.97 23.29
N SER D 117 31.84 -2.90 22.44
CA SER D 117 32.80 -2.53 21.39
C SER D 117 32.28 -1.50 20.41
N PHE D 118 30.97 -1.46 20.16
CA PHE D 118 30.39 -0.56 19.15
C PHE D 118 30.07 0.80 19.75
N ILE D 119 29.79 0.85 21.04
CA ILE D 119 29.69 2.16 21.73
C ILE D 119 31.01 2.91 21.55
N VAL D 120 32.11 2.21 21.73
CA VAL D 120 33.43 2.84 21.74
C VAL D 120 33.80 3.27 20.29
N ASP D 121 33.56 2.38 19.33
CA ASP D 121 33.72 2.72 17.93
C ASP D 121 32.92 3.96 17.51
N PHE D 122 31.63 4.01 17.81
CA PHE D 122 30.79 5.14 17.38
C PHE D 122 31.20 6.45 18.05
N GLN D 123 31.65 6.39 19.29
CA GLN D 123 32.19 7.60 19.89
C GLN D 123 33.42 8.10 19.14
N ALA D 124 34.22 7.17 18.67
CA ALA D 124 35.45 7.45 17.99
C ALA D 124 35.17 7.93 16.57
N GLN D 125 34.18 7.38 15.89
CA GLN D 125 33.76 7.93 14.58
C GLN D 125 33.52 9.43 14.69
N ASN D 126 32.87 9.83 15.76
CA ASN D 126 32.37 11.21 15.88
C ASN D 126 33.42 12.23 16.00
N MET D 127 34.57 11.80 16.50
CA MET D 127 35.72 12.69 16.62
C MET D 127 36.09 13.25 15.28
N PHE D 128 36.07 12.43 14.24
CA PHE D 128 36.29 12.90 12.87
C PHE D 128 35.09 13.61 12.20
N ILE D 129 33.88 13.24 12.56
CA ILE D 129 32.71 13.72 11.85
C ILE D 129 32.48 15.16 12.24
N THR D 130 32.62 15.41 13.50
CA THR D 130 32.64 16.75 14.04
C THR D 130 33.51 17.66 13.16
N ARG D 131 34.70 17.20 12.85
CA ARG D 131 35.61 18.01 12.15
C ARG D 131 35.18 18.23 10.76
N ALA D 132 34.65 17.19 10.13
CA ALA D 132 34.17 17.29 8.77
C ALA D 132 33.05 18.32 8.65
N ILE D 133 32.19 18.38 9.70
CA ILE D 133 31.10 19.34 9.71
C ILE D 133 31.63 20.77 9.73
N LYS D 134 32.51 21.08 10.68
CA LYS D 134 33.11 22.40 10.76
C LYS D 134 33.81 22.77 9.49
N LEU D 135 34.53 21.82 8.91
CA LEU D 135 35.28 22.07 7.70
C LEU D 135 34.41 22.27 6.46
N ALA D 136 33.23 21.64 6.44
CA ALA D 136 32.36 21.75 5.28
C ALA D 136 31.63 23.08 5.34
N ASN D 137 31.18 23.52 6.51
CA ASN D 137 30.63 24.88 6.66
C ASN D 137 31.67 25.89 6.27
N LYS D 138 32.93 25.66 6.61
CA LYS D 138 33.99 26.65 6.33
C LYS D 138 34.25 26.77 4.81
N GLU D 139 34.36 25.65 4.11
CA GLU D 139 34.44 25.60 2.65
C GLU D 139 33.16 26.02 1.92
N GLU D 140 32.13 26.40 2.67
CA GLU D 140 30.78 26.66 2.14
C GLU D 140 30.20 25.56 1.24
N LYS D 141 30.51 24.32 1.57
CA LYS D 141 29.77 23.18 1.02
C LYS D 141 28.48 22.86 1.84
N PHE D 142 27.40 23.58 1.56
CA PHE D 142 26.25 23.64 2.47
C PHE D 142 25.48 22.33 2.59
N ALA D 143 25.27 21.67 1.44
CA ALA D 143 24.51 20.42 1.38
C ALA D 143 25.29 19.32 2.08
N LEU D 144 26.56 19.21 1.73
CA LEU D 144 27.41 18.26 2.37
C LEU D 144 27.41 18.42 3.89
N ALA D 145 27.52 19.66 4.35
CA ALA D 145 27.49 19.91 5.80
C ALA D 145 26.30 19.30 6.50
N ALA D 146 25.11 19.53 5.91
CA ALA D 146 23.81 19.02 6.40
C ALA D 146 23.69 17.49 6.33
N GLY D 147 24.33 16.88 5.34
CA GLY D 147 24.36 15.44 5.24
C GLY D 147 25.12 14.88 6.40
N VAL D 148 26.30 15.38 6.64
CA VAL D 148 27.18 14.93 7.72
C VAL D 148 26.63 15.24 9.09
N VAL D 149 25.82 16.29 9.22
CA VAL D 149 25.13 16.56 10.48
C VAL D 149 24.13 15.47 10.80
N GLU D 150 23.46 14.97 9.80
CA GLU D 150 22.63 13.83 10.03
C GLU D 150 23.41 12.69 10.56
N LEU D 151 24.56 12.41 9.97
CA LEU D 151 25.32 11.22 10.32
C LEU D 151 25.79 11.29 11.77
N TYR D 152 26.21 12.50 12.18
CA TYR D 152 26.52 12.83 13.57
C TYR D 152 25.39 12.53 14.53
N GLY D 153 24.17 12.92 14.17
CA GLY D 153 23.02 12.67 15.01
C GLY D 153 22.67 11.19 15.10
N TYR D 154 22.80 10.47 14.00
CA TYR D 154 22.53 9.06 14.01
C TYR D 154 23.47 8.34 14.98
N ASN D 155 24.73 8.75 14.95
CA ASN D 155 25.72 8.03 15.71
C ASN D 155 25.39 8.14 17.17
N LEU D 156 24.92 9.33 17.59
CA LEU D 156 24.70 9.63 19.00
C LEU D 156 23.52 8.79 19.47
N GLN D 157 22.57 8.64 18.57
CA GLN D 157 21.36 7.91 18.83
C GLN D 157 21.67 6.44 19.00
N VAL D 158 22.47 5.93 18.09
CA VAL D 158 22.95 4.55 18.20
C VAL D 158 23.72 4.32 19.53
N ILE D 159 24.59 5.24 19.92
CA ILE D 159 25.31 5.11 21.21
C ILE D 159 24.38 4.91 22.38
N ARG D 160 23.35 5.75 22.49
CA ARG D 160 22.41 5.67 23.60
C ARG D 160 21.63 4.40 23.59
N ASN D 161 21.35 3.87 22.40
CA ASN D 161 20.47 2.71 22.28
C ASN D 161 21.19 1.47 22.65
N LEU D 162 22.48 1.41 22.32
CA LEU D 162 23.33 0.30 22.74
C LEU D 162 23.60 0.44 24.26
N ALA D 163 23.80 1.66 24.73
CA ALA D 163 24.06 1.87 26.15
C ALA D 163 22.86 1.38 26.96
N GLY D 164 21.68 1.77 26.50
CA GLY D 164 20.40 1.33 27.08
C GLY D 164 20.22 -0.19 27.09
N ASP D 165 20.70 -0.86 26.05
CA ASP D 165 20.43 -2.30 25.89
C ASP D 165 21.35 -3.09 26.82
N LEU D 166 22.39 -2.42 27.31
CA LEU D 166 23.25 -2.96 28.38
C LEU D 166 22.85 -2.55 29.81
N GLY D 167 21.75 -1.78 29.96
CA GLY D 167 21.26 -1.33 31.24
C GLY D 167 21.87 -0.02 31.73
N LYS D 168 22.75 0.58 30.95
CA LYS D 168 23.48 1.81 31.36
C LYS D 168 22.98 3.11 30.70
N SER D 169 23.43 4.24 31.19
CA SER D 169 23.07 5.55 30.66
C SER D 169 24.18 5.96 29.73
N VAL D 170 23.91 6.98 28.92
CA VAL D 170 24.97 7.48 28.06
C VAL D 170 26.13 8.02 28.94
N ALA D 171 25.82 8.59 30.11
CA ALA D 171 26.83 8.96 31.16
C ALA D 171 27.90 7.96 31.58
N ASP D 172 27.43 6.78 31.94
CA ASP D 172 28.38 5.76 32.32
C ASP D 172 29.46 5.86 31.26
N PHE D 173 29.10 6.00 29.98
CA PHE D 173 30.03 6.39 28.84
C PHE D 173 30.64 7.88 28.65
N THR E 3 11.99 -25.87 40.22
CA THR E 3 10.64 -25.90 40.84
C THR E 3 9.83 -27.11 40.28
N LYS E 4 10.32 -28.35 40.42
CA LYS E 4 9.72 -29.55 39.79
C LYS E 4 8.49 -30.12 40.50
N LEU E 5 8.53 -30.10 41.83
CA LEU E 5 7.43 -30.56 42.69
C LEU E 5 6.46 -29.41 42.97
N MET E 6 6.92 -28.16 42.84
CA MET E 6 6.08 -26.96 42.86
C MET E 6 5.29 -26.80 41.56
N ILE E 7 5.69 -27.53 40.51
CA ILE E 7 4.90 -27.67 39.30
C ILE E 7 3.76 -28.63 39.59
N ASP E 8 4.09 -29.85 40.03
CA ASP E 8 3.11 -30.89 40.33
C ASP E 8 1.99 -30.50 41.27
N GLU E 9 2.33 -29.66 42.25
CA GLU E 9 1.33 -29.19 43.18
C GLU E 9 0.60 -27.95 42.66
N LYS E 10 1.23 -27.15 41.78
CA LYS E 10 0.48 -26.10 41.06
C LYS E 10 -0.63 -26.74 40.18
N TYR E 11 -0.34 -27.94 39.65
CA TYR E 11 -1.21 -28.65 38.72
C TYR E 11 -2.37 -29.40 39.38
N ALA E 12 -2.21 -29.96 40.59
CA ALA E 12 -3.30 -30.58 41.34
C ALA E 12 -4.27 -29.51 41.80
N LYS E 13 -3.75 -28.32 42.13
CA LYS E 13 -4.59 -27.17 42.51
C LYS E 13 -5.40 -26.64 41.32
N GLU E 14 -4.93 -26.83 40.09
CA GLU E 14 -5.70 -26.40 38.90
C GLU E 14 -6.84 -27.36 38.73
N LEU E 15 -6.54 -28.66 38.87
CA LEU E 15 -7.54 -29.72 38.79
C LEU E 15 -8.62 -29.69 39.88
N ASP E 16 -8.30 -29.12 41.04
CA ASP E 16 -9.31 -28.95 42.13
C ASP E 16 -10.23 -27.76 41.87
N LYS E 17 -9.64 -26.64 41.49
CA LYS E 17 -10.39 -25.41 41.19
C LYS E 17 -11.25 -25.60 39.94
N ALA E 18 -10.81 -26.43 38.99
CA ALA E 18 -11.44 -26.61 37.67
C ALA E 18 -12.69 -27.51 37.79
N GLU E 19 -12.57 -28.56 38.60
CA GLU E 19 -13.68 -29.51 38.86
C GLU E 19 -14.78 -28.85 39.66
N ILE E 20 -14.42 -27.98 40.60
CA ILE E 20 -15.38 -27.14 41.38
C ILE E 20 -16.09 -26.07 40.49
N ASP E 21 -15.33 -25.58 39.51
CA ASP E 21 -15.77 -24.51 38.62
C ASP E 21 -16.73 -24.98 37.53
N HIS E 22 -16.60 -26.20 36.98
CA HIS E 22 -17.59 -26.77 36.01
C HIS E 22 -18.95 -27.03 36.61
N HIS E 23 -19.00 -27.26 37.93
CA HIS E 23 -20.24 -27.60 38.61
C HIS E 23 -21.21 -26.43 38.68
N LYS E 24 -20.70 -25.22 38.91
CA LYS E 24 -21.58 -24.06 39.11
C LYS E 24 -21.73 -23.18 37.89
N PRO E 25 -21.45 -23.71 36.71
CA PRO E 25 -20.40 -23.21 35.81
C PRO E 25 -19.97 -21.76 35.99
N THR E 26 -18.65 -21.51 36.07
CA THR E 26 -18.05 -20.21 35.77
C THR E 26 -17.99 -20.00 34.25
N ALA E 27 -17.75 -18.75 33.86
CA ALA E 27 -17.58 -18.40 32.45
C ALA E 27 -16.38 -19.16 31.95
N GLY E 28 -15.31 -19.19 32.73
CA GLY E 28 -14.08 -19.85 32.36
C GLY E 28 -14.31 -21.31 32.02
N ALA E 29 -14.92 -22.03 32.96
CA ALA E 29 -15.31 -23.43 32.81
C ALA E 29 -15.95 -23.69 31.46
N MET E 30 -16.95 -22.87 31.14
CA MET E 30 -17.84 -23.03 30.00
C MET E 30 -17.11 -22.67 28.69
N LEU E 31 -16.21 -21.71 28.76
CA LEU E 31 -15.34 -21.38 27.62
C LEU E 31 -14.25 -22.46 27.34
N GLY E 32 -13.97 -23.33 28.32
CA GLY E 32 -13.18 -24.53 28.09
C GLY E 32 -13.81 -25.37 27.00
N HIS E 33 -15.14 -25.53 27.04
CA HIS E 33 -15.79 -26.31 26.00
C HIS E 33 -15.74 -25.52 24.70
N VAL E 34 -16.05 -24.21 24.78
CA VAL E 34 -16.13 -23.33 23.57
C VAL E 34 -14.81 -23.31 22.85
N LEU E 35 -13.73 -23.25 23.63
CA LEU E 35 -12.36 -23.22 23.11
C LEU E 35 -11.92 -24.53 22.55
N SER E 36 -12.34 -25.59 23.20
CA SER E 36 -12.02 -26.95 22.78
C SER E 36 -12.76 -27.30 21.49
N ASN E 37 -13.95 -26.78 21.34
CA ASN E 37 -14.68 -26.97 20.08
C ASN E 37 -14.01 -26.20 18.93
N LEU E 38 -13.58 -24.94 19.19
CA LEU E 38 -12.87 -24.18 18.12
C LEU E 38 -11.71 -25.00 17.63
N PHE E 39 -10.89 -25.52 18.53
CA PHE E 39 -9.73 -26.27 18.03
C PHE E 39 -10.08 -27.52 17.24
N ILE E 40 -11.01 -28.31 17.72
CA ILE E 40 -11.39 -29.50 17.02
C ILE E 40 -12.10 -29.12 15.78
N GLU E 41 -12.86 -28.04 15.79
CA GLU E 41 -13.45 -27.62 14.55
C GLU E 41 -12.41 -27.22 13.56
N ASN E 42 -11.35 -26.61 14.05
CA ASN E 42 -10.27 -26.13 13.21
C ASN E 42 -9.73 -27.30 12.42
N ILE E 43 -9.62 -28.44 13.08
CA ILE E 43 -9.09 -29.65 12.45
C ILE E 43 -10.05 -30.20 11.45
N ARG E 44 -11.34 -30.10 11.72
CA ARG E 44 -12.31 -30.64 10.79
C ARG E 44 -12.29 -29.88 9.47
N LEU E 45 -12.26 -28.57 9.61
CA LEU E 45 -12.14 -27.64 8.50
C LEU E 45 -10.80 -27.73 7.76
N THR E 46 -9.73 -28.04 8.46
CA THR E 46 -8.45 -28.34 7.83
C THR E 46 -8.60 -29.58 6.93
N GLN E 47 -9.21 -30.63 7.46
CA GLN E 47 -9.55 -31.79 6.63
C GLN E 47 -10.41 -31.37 5.42
N ALA E 48 -11.47 -30.63 5.65
CA ALA E 48 -12.40 -30.33 4.59
C ALA E 48 -11.72 -29.45 3.50
N GLY E 49 -10.83 -28.54 3.93
CA GLY E 49 -10.24 -27.54 3.06
C GLY E 49 -9.19 -28.15 2.17
N ILE E 50 -8.71 -29.34 2.54
CA ILE E 50 -7.81 -30.11 1.74
C ILE E 50 -8.50 -31.11 0.83
N TYR E 51 -9.57 -31.75 1.33
CA TYR E 51 -10.20 -32.86 0.61
C TYR E 51 -11.41 -32.51 -0.25
N ALA E 52 -12.15 -31.43 0.05
CA ALA E 52 -13.25 -31.02 -0.81
C ALA E 52 -12.82 -30.86 -2.25
N LYS E 53 -13.76 -30.92 -3.17
CA LYS E 53 -13.39 -30.94 -4.54
C LYS E 53 -13.35 -29.50 -5.06
N SER E 54 -14.40 -28.75 -4.84
CA SER E 54 -14.52 -27.38 -5.31
C SER E 54 -13.39 -26.51 -4.79
N PRO E 55 -12.48 -26.05 -5.68
CA PRO E 55 -11.43 -25.10 -5.30
C PRO E 55 -11.98 -23.92 -4.55
N VAL E 56 -13.16 -23.38 -4.92
CA VAL E 56 -13.69 -22.25 -4.16
C VAL E 56 -14.02 -22.62 -2.73
N LYS E 57 -14.73 -23.71 -2.53
CA LYS E 57 -15.09 -24.17 -1.20
C LYS E 57 -13.86 -24.52 -0.35
N CYS E 58 -12.82 -25.09 -0.96
CA CYS E 58 -11.56 -25.26 -0.25
C CYS E 58 -11.06 -23.93 0.29
N GLU E 59 -11.00 -22.94 -0.59
CA GLU E 59 -10.56 -21.63 -0.18
C GLU E 59 -11.40 -21.13 1.01
N TYR E 60 -12.71 -21.30 0.97
CA TYR E 60 -13.61 -20.70 1.94
C TYR E 60 -13.58 -21.40 3.28
N LEU E 61 -13.23 -22.67 3.26
CA LEU E 61 -13.18 -23.53 4.43
C LEU E 61 -11.88 -23.34 5.22
N ARG E 62 -10.82 -23.12 4.45
CA ARG E 62 -9.48 -22.85 4.94
C ARG E 62 -9.48 -21.51 5.63
N GLU E 63 -10.31 -20.65 5.14
CA GLU E 63 -10.46 -19.33 5.73
C GLU E 63 -11.24 -19.38 7.02
N ILE E 64 -12.29 -20.18 7.06
CA ILE E 64 -13.00 -20.41 8.34
C ILE E 64 -12.11 -21.13 9.39
N ALA E 65 -11.29 -22.07 8.96
CA ALA E 65 -10.40 -22.69 9.90
C ALA E 65 -9.55 -21.63 10.56
N GLN E 66 -9.05 -20.70 9.73
CA GLN E 66 -8.21 -19.63 10.22
C GLN E 66 -8.93 -18.74 11.18
N ARG E 67 -10.21 -18.47 10.98
CA ARG E 67 -10.89 -17.61 11.94
C ARG E 67 -11.15 -18.34 13.24
N GLU E 68 -11.28 -19.67 13.16
CA GLU E 68 -11.49 -20.50 14.35
C GLU E 68 -10.28 -20.38 15.26
N VAL E 69 -9.09 -20.46 14.66
CA VAL E 69 -7.87 -20.25 15.45
C VAL E 69 -7.62 -18.80 15.90
N GLU E 70 -8.04 -17.80 15.11
CA GLU E 70 -7.94 -16.41 15.58
C GLU E 70 -8.83 -16.19 16.80
N TYR E 71 -10.02 -16.80 16.81
CA TYR E 71 -10.90 -16.67 17.99
C TYR E 71 -10.35 -17.43 19.19
N PHE E 72 -9.78 -18.58 18.96
CA PHE E 72 -9.11 -19.29 20.04
C PHE E 72 -8.09 -18.40 20.78
N PHE E 73 -7.23 -17.70 20.03
CA PHE E 73 -6.17 -16.85 20.65
C PHE E 73 -6.80 -15.59 21.24
N LYS E 74 -7.72 -15.00 20.50
CA LYS E 74 -8.40 -13.82 21.01
C LYS E 74 -9.10 -14.07 22.35
N ILE E 75 -9.84 -15.17 22.43
CA ILE E 75 -10.60 -15.50 23.64
C ILE E 75 -9.74 -16.06 24.72
N SER E 76 -8.79 -16.92 24.41
CA SER E 76 -7.82 -17.32 25.43
C SER E 76 -7.13 -16.12 26.03
N ASP E 77 -6.73 -15.17 25.18
CA ASP E 77 -6.11 -13.96 25.68
C ASP E 77 -7.07 -13.17 26.56
N LEU E 78 -8.32 -13.09 26.19
CA LEU E 78 -9.28 -12.34 27.01
C LEU E 78 -9.48 -13.03 28.33
N LEU E 79 -9.34 -14.35 28.33
CA LEU E 79 -9.48 -15.13 29.54
C LEU E 79 -8.31 -15.02 30.48
N LEU E 80 -7.10 -15.16 29.95
CA LEU E 80 -5.90 -14.99 30.75
C LEU E 80 -5.74 -13.59 31.28
N ASP E 81 -6.36 -12.64 30.60
CA ASP E 81 -6.34 -11.25 31.01
C ASP E 81 -7.14 -11.07 32.30
N GLU E 82 -8.26 -11.79 32.43
CA GLU E 82 -9.04 -11.88 33.67
C GLU E 82 -8.68 -13.09 34.54
N ASN E 83 -7.46 -13.52 34.37
CA ASN E 83 -6.85 -14.51 35.24
C ASN E 83 -7.60 -15.81 35.31
N GLU E 84 -7.94 -16.34 34.16
CA GLU E 84 -8.50 -17.65 34.05
C GLU E 84 -7.49 -18.49 33.25
N ILE E 85 -7.79 -19.77 33.21
CA ILE E 85 -6.91 -20.82 32.65
C ILE E 85 -7.65 -21.43 31.45
N VAL E 86 -6.91 -22.02 30.57
CA VAL E 86 -7.41 -22.33 29.26
C VAL E 86 -6.89 -23.72 28.88
N PRO E 87 -7.68 -24.56 28.26
CA PRO E 87 -7.16 -25.87 27.85
C PRO E 87 -6.14 -25.63 26.74
N SER E 88 -5.12 -26.47 26.63
CA SER E 88 -4.05 -26.22 25.70
C SER E 88 -3.34 -27.48 25.26
N THR E 89 -4.01 -28.62 25.32
CA THR E 89 -3.44 -29.87 24.81
C THR E 89 -4.50 -30.63 24.11
N THR E 90 -4.08 -31.63 23.35
CA THR E 90 -4.95 -32.51 22.62
C THR E 90 -5.85 -33.26 23.57
N GLU E 91 -5.24 -33.70 24.67
CA GLU E 91 -5.91 -34.45 25.75
C GLU E 91 -7.09 -33.71 26.29
N GLU E 92 -6.84 -32.43 26.61
CA GLU E 92 -7.85 -31.56 27.18
C GLU E 92 -8.93 -31.18 26.20
N PHE E 93 -8.59 -30.98 24.94
CA PHE E 93 -9.58 -30.59 23.95
C PHE E 93 -10.52 -31.80 23.76
N LEU E 94 -9.97 -33.02 23.81
CA LEU E 94 -10.75 -34.24 23.69
C LEU E 94 -11.71 -34.41 24.85
N LYS E 95 -11.21 -34.48 26.09
CA LYS E 95 -12.07 -34.34 27.27
C LYS E 95 -13.26 -33.36 27.17
N TYR E 96 -12.98 -32.10 26.75
CA TYR E 96 -13.91 -30.97 26.95
C TYR E 96 -14.88 -30.71 25.81
N HIS E 97 -14.59 -31.26 24.64
CA HIS E 97 -15.39 -31.00 23.43
C HIS E 97 -16.61 -31.88 23.36
N LYS E 98 -17.63 -31.33 22.75
CA LYS E 98 -18.94 -31.97 22.66
C LYS E 98 -19.55 -31.69 21.28
N PHE E 99 -20.19 -32.71 20.71
CA PHE E 99 -21.02 -32.60 19.49
C PHE E 99 -20.27 -32.71 18.22
N ILE E 100 -19.05 -32.21 18.21
CA ILE E 100 -18.24 -32.16 17.00
C ILE E 100 -17.45 -33.44 16.86
N THR E 101 -17.88 -34.32 15.97
CA THR E 101 -17.17 -35.58 15.83
C THR E 101 -16.33 -35.59 14.55
N GLU E 102 -15.08 -35.98 14.69
CA GLU E 102 -14.20 -36.18 13.55
C GLU E 102 -14.38 -37.56 12.96
N ASP E 103 -13.90 -37.74 11.74
CA ASP E 103 -14.08 -38.94 10.97
C ASP E 103 -13.03 -38.96 9.86
N PRO E 104 -12.11 -39.92 9.95
CA PRO E 104 -11.11 -40.10 8.90
C PRO E 104 -11.75 -40.39 7.56
N LYS E 105 -13.01 -40.79 7.60
CA LYS E 105 -13.74 -41.17 6.41
C LYS E 105 -14.29 -39.99 5.63
N ALA E 106 -14.30 -38.79 6.22
CA ALA E 106 -14.95 -37.62 5.53
C ALA E 106 -14.22 -37.14 4.26
N LYS E 107 -12.97 -37.57 4.03
CA LYS E 107 -12.31 -37.26 2.79
C LYS E 107 -13.13 -37.79 1.61
N TYR E 108 -13.89 -38.85 1.91
CA TYR E 108 -14.70 -39.59 0.91
C TYR E 108 -16.10 -39.01 0.77
N TRP E 109 -16.54 -38.17 1.68
CA TRP E 109 -17.87 -37.57 1.49
C TRP E 109 -17.92 -36.61 0.29
N THR E 110 -19.06 -36.04 0.17
CA THR E 110 -19.46 -35.19 -0.89
C THR E 110 -19.26 -33.77 -0.34
N ASP E 111 -18.97 -32.79 -1.19
CA ASP E 111 -18.87 -31.40 -0.74
C ASP E 111 -20.14 -30.99 0.01
N GLU E 112 -21.30 -31.24 -0.60
CA GLU E 112 -22.61 -30.93 -0.02
C GLU E 112 -22.73 -31.53 1.38
N ASP E 113 -22.17 -32.72 1.58
CA ASP E 113 -22.25 -33.46 2.84
C ASP E 113 -21.40 -32.84 3.93
N LEU E 114 -20.18 -32.41 3.55
CA LEU E 114 -19.30 -31.65 4.43
C LEU E 114 -19.92 -30.37 4.88
N LEU E 115 -20.46 -29.60 3.94
CA LEU E 115 -21.00 -28.30 4.29
C LEU E 115 -22.03 -28.53 5.33
N GLU E 116 -22.84 -29.58 5.14
CA GLU E 116 -23.94 -29.86 6.05
C GLU E 116 -23.53 -30.31 7.42
N SER E 117 -22.41 -31.01 7.52
CA SER E 117 -21.89 -31.35 8.81
C SER E 117 -21.52 -30.08 9.57
N PHE E 118 -21.00 -29.07 8.88
CA PHE E 118 -20.55 -27.83 9.49
C PHE E 118 -21.70 -26.94 9.95
N ILE E 119 -22.80 -26.94 9.22
CA ILE E 119 -24.01 -26.23 9.67
C ILE E 119 -24.50 -26.72 11.06
N VAL E 120 -24.33 -28.01 11.32
CA VAL E 120 -24.76 -28.65 12.56
C VAL E 120 -23.75 -28.40 13.70
N ASP E 121 -22.46 -28.60 13.40
CA ASP E 121 -21.36 -28.18 14.31
C ASP E 121 -21.51 -26.74 14.77
N PHE E 122 -21.88 -25.82 13.86
CA PHE E 122 -21.82 -24.39 14.23
C PHE E 122 -22.96 -24.03 15.13
N GLN E 123 -24.12 -24.59 14.86
CA GLN E 123 -25.26 -24.53 15.79
C GLN E 123 -24.96 -25.16 17.10
N ALA E 124 -24.34 -26.31 17.07
CA ALA E 124 -23.97 -27.01 18.27
C ALA E 124 -23.04 -26.14 19.09
N GLN E 125 -22.01 -25.58 18.45
CA GLN E 125 -21.10 -24.65 19.12
C GLN E 125 -21.88 -23.56 19.86
N ASN E 126 -22.94 -23.06 19.25
CA ASN E 126 -23.67 -21.90 19.79
C ASN E 126 -24.39 -22.13 21.06
N MET E 127 -24.71 -23.37 21.40
CA MET E 127 -25.37 -23.63 22.66
C MET E 127 -24.45 -23.30 23.83
N PHE E 128 -23.19 -23.65 23.73
CA PHE E 128 -22.23 -23.30 24.77
C PHE E 128 -21.83 -21.81 24.74
N ILE E 129 -21.73 -21.21 23.56
CA ILE E 129 -21.24 -19.82 23.43
C ILE E 129 -22.22 -18.88 24.10
N THR E 130 -23.46 -19.01 23.71
CA THR E 130 -24.60 -18.38 24.34
C THR E 130 -24.54 -18.40 25.86
N ARG E 131 -24.29 -19.54 26.46
CA ARG E 131 -24.16 -19.60 27.90
C ARG E 131 -22.95 -18.91 28.40
N ALA E 132 -21.84 -19.00 27.67
CA ALA E 132 -20.61 -18.28 28.05
C ALA E 132 -20.79 -16.77 28.04
N ILE E 133 -21.63 -16.24 27.15
CA ILE E 133 -21.89 -14.80 27.12
C ILE E 133 -22.56 -14.37 28.42
N LYS E 134 -23.71 -14.97 28.72
CA LYS E 134 -24.44 -14.71 29.98
C LYS E 134 -23.59 -14.83 31.23
N LEU E 135 -22.85 -15.91 31.35
CA LEU E 135 -21.99 -16.15 32.51
C LEU E 135 -20.92 -15.10 32.64
N ALA E 136 -20.33 -14.72 31.50
CA ALA E 136 -19.28 -13.70 31.47
C ALA E 136 -19.82 -12.38 31.88
N ASN E 137 -21.03 -12.02 31.42
CA ASN E 137 -21.71 -10.78 31.87
C ASN E 137 -22.11 -10.73 33.34
N LYS E 138 -22.65 -11.84 33.86
CA LYS E 138 -22.94 -12.01 35.27
C LYS E 138 -21.66 -11.80 36.11
N GLU E 139 -20.52 -12.32 35.67
CA GLU E 139 -19.26 -12.23 36.45
C GLU E 139 -18.60 -10.85 36.25
N GLU E 140 -19.22 -10.03 35.40
CA GLU E 140 -18.69 -8.68 35.12
C GLU E 140 -17.28 -8.71 34.50
N LYS E 141 -17.13 -9.68 33.62
CA LYS E 141 -16.00 -9.75 32.73
C LYS E 141 -16.42 -9.12 31.39
N PHE E 142 -16.37 -7.78 31.33
CA PHE E 142 -17.01 -7.00 30.31
C PHE E 142 -16.40 -7.26 28.98
N ALA E 143 -15.07 -7.24 28.92
CA ALA E 143 -14.36 -7.38 27.67
C ALA E 143 -14.46 -8.80 27.08
N LEU E 144 -14.25 -9.83 27.92
CA LEU E 144 -14.53 -11.22 27.51
C LEU E 144 -15.89 -11.36 26.86
N ALA E 145 -16.88 -10.79 27.54
CA ALA E 145 -18.24 -10.83 27.04
C ALA E 145 -18.36 -10.38 25.62
N ALA E 146 -17.84 -9.19 25.31
CA ALA E 146 -18.01 -8.58 23.97
C ALA E 146 -17.23 -9.43 22.95
N GLY E 147 -16.15 -10.03 23.41
CA GLY E 147 -15.36 -10.92 22.56
C GLY E 147 -16.15 -12.12 22.17
N VAL E 148 -16.81 -12.78 23.13
CA VAL E 148 -17.56 -14.00 22.86
C VAL E 148 -18.83 -13.66 22.06
N VAL E 149 -19.42 -12.50 22.29
CA VAL E 149 -20.57 -12.04 21.48
C VAL E 149 -20.25 -12.03 20.01
N GLU E 150 -19.10 -11.51 19.67
CA GLU E 150 -18.59 -11.40 18.31
C GLU E 150 -18.46 -12.75 17.65
N LEU E 151 -18.01 -13.74 18.42
CA LEU E 151 -17.87 -15.11 17.95
C LEU E 151 -19.23 -15.74 17.69
N TYR E 152 -20.21 -15.48 18.56
CA TYR E 152 -21.62 -15.83 18.34
C TYR E 152 -22.11 -15.32 17.02
N GLY E 153 -21.81 -14.05 16.75
CA GLY E 153 -22.23 -13.42 15.51
C GLY E 153 -21.59 -14.08 14.30
N TYR E 154 -20.32 -14.44 14.41
CA TYR E 154 -19.61 -15.06 13.30
C TYR E 154 -20.23 -16.41 12.92
N ASN E 155 -20.52 -17.25 13.92
CA ASN E 155 -21.09 -18.57 13.69
C ASN E 155 -22.40 -18.47 12.95
N LEU E 156 -23.27 -17.57 13.41
CA LEU E 156 -24.50 -17.30 12.68
C LEU E 156 -24.22 -17.04 11.20
N GLN E 157 -23.28 -16.14 10.93
CA GLN E 157 -22.92 -15.76 9.57
C GLN E 157 -22.46 -16.95 8.75
N VAL E 158 -21.63 -17.79 9.34
CA VAL E 158 -21.08 -18.95 8.63
C VAL E 158 -22.18 -19.93 8.37
N ILE E 159 -23.02 -20.18 9.36
CA ILE E 159 -24.20 -21.02 9.16
C ILE E 159 -24.98 -20.58 7.91
N ARG E 160 -25.50 -19.36 7.93
CA ARG E 160 -26.24 -18.82 6.81
C ARG E 160 -25.51 -18.84 5.46
N ASN E 161 -24.19 -18.83 5.40
CA ASN E 161 -23.49 -18.80 4.12
C ASN E 161 -23.37 -20.20 3.63
N LEU E 162 -22.97 -21.10 4.54
CA LEU E 162 -23.02 -22.51 4.28
C LEU E 162 -24.45 -22.93 3.82
N ALA E 163 -25.48 -22.44 4.53
CA ALA E 163 -26.84 -22.79 4.19
C ALA E 163 -27.15 -22.30 2.77
N GLY E 164 -26.91 -21.03 2.54
CA GLY E 164 -27.07 -20.41 1.22
C GLY E 164 -26.32 -21.08 0.04
N ASP E 165 -25.21 -21.75 0.35
CA ASP E 165 -24.35 -22.39 -0.68
C ASP E 165 -24.89 -23.75 -1.11
N LEU E 166 -25.64 -24.39 -0.20
CA LEU E 166 -26.48 -25.54 -0.54
C LEU E 166 -27.86 -25.17 -1.09
N GLY E 167 -28.16 -23.88 -1.21
CA GLY E 167 -29.41 -23.42 -1.80
C GLY E 167 -30.58 -23.40 -0.86
N LYS E 168 -30.30 -23.46 0.43
CA LYS E 168 -31.35 -23.51 1.44
C LYS E 168 -31.40 -22.18 2.15
N SER E 169 -32.43 -21.97 2.93
CA SER E 169 -32.53 -20.81 3.81
C SER E 169 -32.15 -21.29 5.14
N VAL E 170 -31.97 -20.37 6.08
CA VAL E 170 -31.51 -20.81 7.39
C VAL E 170 -32.71 -21.48 8.04
N ALA E 171 -33.88 -20.83 8.00
CA ALA E 171 -35.16 -21.51 8.30
C ALA E 171 -35.09 -23.05 8.27
N ASP E 172 -34.63 -23.56 7.14
CA ASP E 172 -34.61 -25.00 6.97
C ASP E 172 -34.08 -25.64 8.23
N PHE E 173 -32.79 -25.43 8.42
CA PHE E 173 -32.15 -25.71 9.84
C PHE E 173 -32.74 -24.67 10.88
N THR F 3 -13.16 48.85 -2.42
CA THR F 3 -11.83 48.19 -2.24
C THR F 3 -10.74 48.80 -3.13
N LYS F 4 -11.13 49.30 -4.31
CA LYS F 4 -10.22 49.51 -5.48
C LYS F 4 -9.02 50.52 -5.37
N LEU F 5 -8.94 51.28 -4.27
CA LEU F 5 -7.76 52.12 -3.93
C LEU F 5 -7.01 51.71 -2.64
N MET F 6 -7.68 50.99 -1.72
CA MET F 6 -6.98 50.22 -0.67
C MET F 6 -5.89 49.37 -1.39
N ILE F 7 -6.31 48.75 -2.51
CA ILE F 7 -5.49 47.86 -3.33
C ILE F 7 -4.36 48.60 -4.05
N ASP F 8 -4.71 49.70 -4.68
CA ASP F 8 -3.79 50.35 -5.63
C ASP F 8 -2.61 51.05 -4.98
N GLU F 9 -2.69 51.37 -3.67
CA GLU F 9 -1.56 51.92 -2.96
C GLU F 9 -1.05 50.99 -1.85
N LYS F 10 -1.64 49.79 -1.72
CA LYS F 10 -0.95 48.64 -1.09
C LYS F 10 0.18 48.22 -2.05
N TYR F 11 -0.14 48.27 -3.35
CA TYR F 11 0.81 47.97 -4.43
C TYR F 11 1.86 49.03 -4.58
N ALA F 12 1.51 50.29 -4.29
CA ALA F 12 2.45 51.41 -4.40
C ALA F 12 3.49 51.24 -3.34
N LYS F 13 3.11 50.95 -2.10
CA LYS F 13 4.01 50.70 -0.99
C LYS F 13 4.80 49.41 -1.16
N GLU F 14 4.38 48.48 -2.04
CA GLU F 14 5.12 47.23 -2.29
C GLU F 14 6.27 47.51 -3.27
N LEU F 15 5.95 48.11 -4.41
CA LEU F 15 6.99 48.39 -5.44
C LEU F 15 8.08 49.35 -4.90
N ASP F 16 7.64 50.23 -4.00
CA ASP F 16 8.52 51.20 -3.28
C ASP F 16 9.47 50.49 -2.29
N LYS F 17 8.94 49.50 -1.57
CA LYS F 17 9.67 48.75 -0.55
C LYS F 17 10.45 47.63 -1.18
N ALA F 18 10.07 47.20 -2.39
CA ALA F 18 10.81 46.20 -3.17
C ALA F 18 12.07 46.86 -3.66
N GLU F 19 11.99 48.16 -3.98
CA GLU F 19 13.11 48.89 -4.53
C GLU F 19 14.23 49.05 -3.55
N ILE F 20 13.93 49.65 -2.40
CA ILE F 20 14.86 49.76 -1.26
C ILE F 20 15.49 48.41 -0.97
N ASP F 21 14.69 47.33 -1.02
CA ASP F 21 15.09 45.97 -0.62
C ASP F 21 16.04 45.29 -1.60
N HIS F 22 16.07 45.65 -2.88
CA HIS F 22 17.03 45.09 -3.86
C HIS F 22 18.40 45.76 -3.82
N HIS F 23 18.59 46.84 -3.04
CA HIS F 23 19.95 47.50 -2.96
C HIS F 23 20.84 47.01 -1.79
N LYS F 24 20.25 46.78 -0.61
CA LYS F 24 20.99 46.18 0.52
C LYS F 24 20.63 44.72 0.55
N PRO F 25 20.96 43.95 -0.48
CA PRO F 25 20.04 42.90 -0.98
C PRO F 25 19.57 42.06 0.22
N THR F 26 18.27 42.13 0.55
CA THR F 26 17.66 41.21 1.50
C THR F 26 17.58 39.80 0.87
N ALA F 27 17.42 38.77 1.74
CA ALA F 27 17.17 37.40 1.32
C ALA F 27 15.97 37.39 0.40
N GLY F 28 14.84 37.95 0.85
CA GLY F 28 13.60 37.98 0.05
C GLY F 28 13.79 38.49 -1.39
N ALA F 29 14.49 39.59 -1.48
CA ALA F 29 14.85 40.18 -2.76
C ALA F 29 15.68 39.23 -3.62
N MET F 30 16.76 38.73 -3.07
CA MET F 30 17.61 37.77 -3.78
C MET F 30 16.80 36.52 -4.24
N LEU F 31 15.92 36.01 -3.38
CA LEU F 31 15.11 34.82 -3.72
C LEU F 31 14.05 35.06 -4.80
N GLY F 32 13.59 36.32 -4.97
CA GLY F 32 12.88 36.77 -6.14
C GLY F 32 13.57 36.38 -7.44
N HIS F 33 14.90 36.50 -7.50
CA HIS F 33 15.65 36.08 -8.67
C HIS F 33 15.63 34.55 -8.75
N VAL F 34 15.69 33.88 -7.60
CA VAL F 34 15.85 32.41 -7.56
C VAL F 34 14.54 31.74 -7.94
N LEU F 35 13.47 32.30 -7.44
CA LEU F 35 12.10 31.84 -7.71
C LEU F 35 11.65 32.06 -9.12
N SER F 36 12.05 33.21 -9.68
CA SER F 36 11.82 33.52 -11.08
C SER F 36 12.56 32.60 -11.99
N ASN F 37 13.81 32.36 -11.65
CA ASN F 37 14.63 31.41 -12.40
C ASN F 37 13.95 30.03 -12.40
N LEU F 38 13.38 29.66 -11.23
CA LEU F 38 12.79 28.32 -11.12
C LEU F 38 11.66 28.23 -12.09
N PHE F 39 10.80 29.25 -12.11
CA PHE F 39 9.66 29.17 -12.99
C PHE F 39 10.00 29.16 -14.48
N ILE F 40 10.97 29.96 -14.93
CA ILE F 40 11.35 29.92 -16.34
C ILE F 40 11.99 28.60 -16.69
N GLU F 41 12.89 28.11 -15.83
CA GLU F 41 13.52 26.81 -16.02
C GLU F 41 12.48 25.74 -16.16
N ASN F 42 11.45 25.85 -15.35
CA ASN F 42 10.35 24.94 -15.43
C ASN F 42 9.79 24.93 -16.85
N ILE F 43 9.58 26.12 -17.45
CA ILE F 43 9.11 26.20 -18.84
C ILE F 43 10.10 25.53 -19.81
N ARG F 44 11.38 25.75 -19.61
CA ARG F 44 12.39 25.12 -20.44
C ARG F 44 12.42 23.63 -20.39
N LEU F 45 12.20 23.08 -19.18
CA LEU F 45 12.26 21.64 -18.96
C LEU F 45 11.00 20.99 -19.51
N THR F 46 9.88 21.72 -19.36
CA THR F 46 8.68 21.42 -20.12
C THR F 46 8.96 21.31 -21.64
N GLN F 47 9.31 22.42 -22.28
CA GLN F 47 9.76 22.39 -23.69
C GLN F 47 10.60 21.14 -23.96
N ALA F 48 11.70 20.95 -23.26
CA ALA F 48 12.60 19.82 -23.55
C ALA F 48 11.96 18.46 -23.23
N GLY F 49 11.10 18.43 -22.23
CA GLY F 49 10.44 17.19 -21.84
C GLY F 49 9.42 16.70 -22.86
N ILE F 50 8.83 17.63 -23.62
CA ILE F 50 7.96 17.29 -24.75
C ILE F 50 8.80 17.04 -26.00
N TYR F 51 9.78 17.89 -26.27
CA TYR F 51 10.47 17.86 -27.58
C TYR F 51 11.71 16.96 -27.70
N ALA F 52 12.28 16.51 -26.60
CA ALA F 52 13.49 15.67 -26.65
C ALA F 52 13.19 14.37 -27.38
N LYS F 53 14.19 13.67 -27.87
CA LYS F 53 13.89 12.46 -28.69
C LYS F 53 13.84 11.21 -27.81
N SER F 54 14.86 10.99 -26.97
CA SER F 54 14.88 9.84 -26.08
C SER F 54 13.78 9.88 -25.04
N PRO F 55 12.90 8.89 -25.00
CA PRO F 55 11.77 8.87 -24.05
C PRO F 55 12.19 8.67 -22.57
N VAL F 56 13.34 8.02 -22.31
CA VAL F 56 13.96 8.03 -20.97
C VAL F 56 14.32 9.45 -20.55
N LYS F 57 15.01 10.20 -21.41
CA LYS F 57 15.32 11.61 -21.08
C LYS F 57 14.09 12.50 -20.96
N CYS F 58 13.02 12.18 -21.65
CA CYS F 58 11.78 12.91 -21.55
C CYS F 58 11.13 12.72 -20.18
N GLU F 59 11.28 11.53 -19.57
CA GLU F 59 10.70 11.30 -18.25
C GLU F 59 11.50 12.07 -17.24
N TYR F 60 12.82 11.83 -17.24
CA TYR F 60 13.74 12.49 -16.39
C TYR F 60 13.53 14.02 -16.38
N LEU F 61 13.44 14.66 -17.56
CA LEU F 61 13.31 16.11 -17.66
C LEU F 61 11.95 16.64 -17.17
N ARG F 62 10.91 15.83 -17.27
CA ARG F 62 9.65 16.13 -16.61
C ARG F 62 9.70 16.06 -15.10
N GLU F 63 10.40 15.05 -14.58
CA GLU F 63 10.75 14.91 -13.15
C GLU F 63 11.44 16.15 -12.59
N ILE F 64 12.45 16.65 -13.32
CA ILE F 64 13.15 17.90 -12.94
C ILE F 64 12.21 19.11 -13.09
N ALA F 65 11.38 19.15 -14.12
CA ALA F 65 10.40 20.25 -14.18
C ALA F 65 9.53 20.23 -12.94
N GLN F 66 9.21 19.04 -12.47
CA GLN F 66 8.28 18.92 -11.35
C GLN F 66 8.94 19.25 -10.05
N ARG F 67 10.20 18.87 -9.84
CA ARG F 67 10.94 19.30 -8.65
C ARG F 67 11.05 20.85 -8.62
N GLU F 68 11.33 21.48 -9.76
CA GLU F 68 11.52 22.93 -9.80
C GLU F 68 10.27 23.63 -9.31
N VAL F 69 9.08 23.14 -9.69
CA VAL F 69 7.82 23.71 -9.24
C VAL F 69 7.56 23.47 -7.77
N GLU F 70 7.93 22.30 -7.26
CA GLU F 70 7.84 22.05 -5.84
C GLU F 70 8.74 22.93 -4.99
N TYR F 71 9.94 23.18 -5.45
CA TYR F 71 10.79 24.13 -4.73
C TYR F 71 10.24 25.57 -4.82
N PHE F 72 9.49 25.88 -5.91
CA PHE F 72 8.85 27.20 -6.01
C PHE F 72 7.83 27.44 -4.91
N PHE F 73 6.99 26.43 -4.68
CA PHE F 73 6.01 26.46 -3.59
C PHE F 73 6.65 26.28 -2.23
N LYS F 74 7.61 25.37 -2.09
CA LYS F 74 8.25 25.18 -0.80
C LYS F 74 8.84 26.50 -0.38
N ILE F 75 9.71 27.08 -1.22
CA ILE F 75 10.43 28.30 -0.84
C ILE F 75 9.54 29.53 -0.70
N SER F 76 8.49 29.60 -1.55
CA SER F 76 7.47 30.65 -1.43
C SER F 76 6.72 30.59 -0.12
N ASP F 77 6.27 29.38 0.23
CA ASP F 77 5.67 29.15 1.53
C ASP F 77 6.62 29.57 2.66
N LEU F 78 7.91 29.24 2.54
CA LEU F 78 8.85 29.54 3.62
C LEU F 78 8.93 31.07 3.74
N LEU F 79 9.04 31.76 2.62
CA LEU F 79 9.11 33.22 2.57
C LEU F 79 7.93 33.91 3.19
N LEU F 80 6.73 33.56 2.72
CA LEU F 80 5.52 34.10 3.30
C LEU F 80 5.36 33.80 4.76
N ASP F 81 5.96 32.71 5.25
CA ASP F 81 5.86 32.33 6.64
C ASP F 81 6.66 33.38 7.39
N GLU F 82 7.63 33.97 6.70
CA GLU F 82 8.52 34.94 7.31
C GLU F 82 8.17 36.35 6.81
N ASN F 83 6.92 36.50 6.38
CA ASN F 83 6.32 37.78 5.93
C ASN F 83 7.12 38.47 4.79
N GLU F 84 7.33 37.77 3.69
CA GLU F 84 7.96 38.33 2.54
C GLU F 84 7.11 38.02 1.36
N ILE F 85 7.40 38.77 0.31
CA ILE F 85 6.54 38.89 -0.83
C ILE F 85 7.24 38.09 -1.89
N VAL F 86 6.55 37.74 -2.96
CA VAL F 86 7.04 36.75 -3.87
C VAL F 86 6.54 37.01 -5.31
N PRO F 87 7.40 36.87 -6.33
CA PRO F 87 7.01 36.99 -7.75
C PRO F 87 5.82 36.10 -8.11
N SER F 88 4.84 36.62 -8.83
CA SER F 88 3.53 35.92 -8.99
C SER F 88 3.02 35.90 -10.43
N THR F 89 3.68 36.60 -11.35
CA THR F 89 3.16 36.79 -12.72
C THR F 89 4.26 36.64 -13.72
N THR F 90 3.93 36.26 -14.94
CA THR F 90 4.93 36.16 -16.03
C THR F 90 5.72 37.44 -16.12
N GLU F 91 5.02 38.56 -16.06
CA GLU F 91 5.62 39.90 -15.93
C GLU F 91 6.88 39.92 -15.06
N GLU F 92 6.68 39.68 -13.75
CA GLU F 92 7.75 39.77 -12.74
C GLU F 92 8.76 38.68 -12.97
N PHE F 93 8.37 37.48 -13.42
CA PHE F 93 9.34 36.41 -13.67
C PHE F 93 10.29 36.83 -14.77
N LEU F 94 9.83 37.64 -15.73
CA LEU F 94 10.72 38.06 -16.83
C LEU F 94 11.67 39.23 -16.41
N LYS F 95 11.17 40.17 -15.61
CA LYS F 95 12.00 41.22 -14.98
C LYS F 95 13.18 40.64 -14.18
N TYR F 96 12.88 39.79 -13.17
CA TYR F 96 13.87 39.25 -12.23
C TYR F 96 14.72 38.08 -12.74
N HIS F 97 14.25 37.31 -13.71
CA HIS F 97 15.07 36.23 -14.22
C HIS F 97 16.33 36.69 -14.88
N LYS F 98 17.44 36.06 -14.56
CA LYS F 98 18.72 36.30 -15.22
C LYS F 98 19.39 34.98 -15.63
N PHE F 99 20.05 34.99 -16.78
CA PHE F 99 20.90 33.92 -17.29
C PHE F 99 20.19 32.85 -18.10
N ILE F 100 19.05 32.45 -17.63
CA ILE F 100 18.28 31.42 -18.34
C ILE F 100 17.55 32.10 -19.50
N THR F 101 17.77 31.60 -20.72
CA THR F 101 17.09 32.15 -21.87
C THR F 101 16.29 31.08 -22.61
N GLU F 102 15.03 31.39 -22.90
CA GLU F 102 14.16 30.50 -23.69
C GLU F 102 14.38 30.69 -25.16
N ASP F 103 14.01 29.69 -25.94
CA ASP F 103 14.31 29.66 -27.34
C ASP F 103 13.39 28.64 -28.06
N PRO F 104 12.46 29.12 -28.87
CA PRO F 104 11.50 28.19 -29.51
C PRO F 104 12.16 27.27 -30.52
N LYS F 105 13.43 27.53 -30.84
CA LYS F 105 14.17 26.75 -31.80
C LYS F 105 14.80 25.52 -31.14
N ALA F 106 14.94 25.61 -29.82
CA ALA F 106 15.32 24.49 -28.93
C ALA F 106 14.61 23.19 -29.31
N LYS F 107 13.34 23.30 -29.72
CA LYS F 107 12.57 22.19 -30.22
C LYS F 107 13.13 21.45 -31.40
N TYR F 108 14.19 21.98 -32.00
CA TYR F 108 14.91 21.27 -33.05
C TYR F 108 16.35 20.93 -32.70
N TRP F 109 16.76 21.06 -31.43
CA TRP F 109 18.16 20.78 -31.05
C TRP F 109 18.27 19.30 -30.81
N THR F 110 19.49 18.85 -30.93
CA THR F 110 19.92 17.49 -30.51
C THR F 110 19.68 17.28 -28.99
N ASP F 111 19.52 16.03 -28.53
CA ASP F 111 19.31 15.76 -27.07
C ASP F 111 20.51 16.24 -26.25
N GLU F 112 21.70 16.02 -26.79
CA GLU F 112 22.93 16.38 -26.11
C GLU F 112 23.04 17.87 -25.93
N ASP F 113 22.51 18.67 -26.87
CA ASP F 113 22.68 20.13 -26.76
C ASP F 113 21.68 20.61 -25.77
N LEU F 114 20.52 19.99 -25.75
CA LEU F 114 19.50 20.27 -24.71
C LEU F 114 20.05 20.11 -23.26
N LEU F 115 20.75 19.02 -23.02
CA LEU F 115 21.28 18.69 -21.74
C LEU F 115 22.33 19.68 -21.33
N GLU F 116 23.25 20.02 -22.23
CA GLU F 116 24.29 20.99 -21.92
C GLU F 116 23.72 22.32 -21.57
N SER F 117 22.65 22.70 -22.25
CA SER F 117 22.01 23.96 -21.98
C SER F 117 21.52 24.03 -20.54
N PHE F 118 21.23 22.86 -19.96
CA PHE F 118 20.72 22.74 -18.59
C PHE F 118 21.82 22.67 -17.54
N ILE F 119 22.94 22.02 -17.86
CA ILE F 119 24.09 22.07 -16.96
C ILE F 119 24.44 23.52 -16.68
N VAL F 120 24.45 24.35 -17.72
CA VAL F 120 24.84 25.73 -17.61
C VAL F 120 23.78 26.57 -16.96
N ASP F 121 22.54 26.32 -17.31
CA ASP F 121 21.38 26.90 -16.65
C ASP F 121 21.45 26.74 -15.08
N PHE F 122 21.86 25.57 -14.61
CA PHE F 122 21.78 25.18 -13.22
C PHE F 122 22.99 25.68 -12.44
N GLN F 123 24.19 25.63 -13.07
CA GLN F 123 25.35 26.36 -12.54
C GLN F 123 25.05 27.85 -12.37
N ALA F 124 24.30 28.43 -13.32
CA ALA F 124 23.91 29.85 -13.20
C ALA F 124 22.88 30.12 -12.11
N GLN F 125 21.88 29.24 -11.96
CA GLN F 125 20.91 29.37 -10.86
C GLN F 125 21.64 29.41 -9.56
N ASN F 126 22.66 28.58 -9.44
CA ASN F 126 23.37 28.42 -8.17
C ASN F 126 24.03 29.68 -7.67
N MET F 127 24.41 30.59 -8.57
CA MET F 127 25.00 31.88 -8.16
C MET F 127 24.13 32.71 -7.20
N PHE F 128 22.85 32.82 -7.54
CA PHE F 128 21.89 33.54 -6.71
C PHE F 128 21.45 32.76 -5.46
N ILE F 129 21.43 31.40 -5.53
CA ILE F 129 21.00 30.53 -4.42
C ILE F 129 21.98 30.59 -3.25
N THR F 130 23.25 30.45 -3.60
CA THR F 130 24.40 30.60 -2.75
C THR F 130 24.35 31.90 -1.96
N ARG F 131 24.08 33.01 -2.66
CA ARG F 131 23.96 34.30 -1.98
C ARG F 131 22.69 34.32 -1.08
N ALA F 132 21.64 33.64 -1.51
CA ALA F 132 20.38 33.60 -0.76
C ALA F 132 20.53 32.86 0.58
N ILE F 133 21.32 31.79 0.61
CA ILE F 133 21.66 31.12 1.85
C ILE F 133 22.34 32.05 2.84
N LYS F 134 23.42 32.70 2.42
CA LYS F 134 24.16 33.53 3.34
C LYS F 134 23.25 34.59 3.90
N LEU F 135 22.50 35.25 3.03
CA LEU F 135 21.60 36.31 3.44
C LEU F 135 20.54 35.87 4.44
N ALA F 136 19.97 34.68 4.20
CA ALA F 136 18.98 34.08 5.06
C ALA F 136 19.55 33.71 6.43
N ASN F 137 20.82 33.31 6.51
CA ASN F 137 21.48 33.09 7.81
C ASN F 137 21.76 34.45 8.47
N LYS F 138 22.28 35.48 7.77
CA LYS F 138 22.42 36.81 8.45
C LYS F 138 21.14 37.29 9.07
N GLU F 139 20.05 37.00 8.41
CA GLU F 139 18.75 37.52 8.80
C GLU F 139 18.10 36.64 9.83
N GLU F 140 18.70 35.49 10.09
CA GLU F 140 18.16 34.53 11.07
C GLU F 140 16.74 34.06 10.70
N LYS F 141 16.58 33.81 9.41
CA LYS F 141 15.42 33.13 8.90
C LYS F 141 15.86 31.69 8.73
N PHE F 142 15.92 30.99 9.87
CA PHE F 142 16.53 29.67 9.93
C PHE F 142 15.89 28.63 9.01
N ALA F 143 14.56 28.54 9.04
CA ALA F 143 13.87 27.51 8.26
C ALA F 143 13.97 27.80 6.77
N LEU F 144 13.87 29.08 6.41
CA LEU F 144 14.11 29.48 5.00
C LEU F 144 15.49 29.10 4.52
N ALA F 145 16.51 29.22 5.35
CA ALA F 145 17.89 28.81 4.97
C ALA F 145 18.02 27.33 4.62
N ALA F 146 17.43 26.47 5.45
CA ALA F 146 17.54 25.04 5.30
C ALA F 146 16.84 24.65 4.00
N GLY F 147 15.74 25.35 3.74
CA GLY F 147 14.99 25.18 2.52
C GLY F 147 15.92 25.44 1.38
N VAL F 148 16.62 26.58 1.44
CA VAL F 148 17.46 26.96 0.33
C VAL F 148 18.71 26.08 0.17
N VAL F 149 19.26 25.55 1.26
CA VAL F 149 20.37 24.59 1.20
C VAL F 149 20.01 23.29 0.45
N GLU F 150 18.77 22.85 0.61
CA GLU F 150 18.24 21.65 -0.06
C GLU F 150 18.23 21.82 -1.56
N LEU F 151 17.68 22.97 -2.02
CA LEU F 151 17.67 23.35 -3.45
C LEU F 151 19.06 23.43 -4.03
N TYR F 152 19.98 24.01 -3.24
CA TYR F 152 21.37 24.09 -3.63
C TYR F 152 21.92 22.72 -3.89
N GLY F 153 21.60 21.77 -3.01
CA GLY F 153 22.14 20.43 -3.10
C GLY F 153 21.53 19.65 -4.23
N TYR F 154 20.25 19.96 -4.47
CA TYR F 154 19.49 19.35 -5.57
C TYR F 154 20.11 19.77 -6.91
N ASN F 155 20.30 21.06 -7.13
CA ASN F 155 20.95 21.55 -8.36
C ASN F 155 22.25 20.83 -8.62
N LEU F 156 23.10 20.74 -7.59
CA LEU F 156 24.41 20.11 -7.77
C LEU F 156 24.25 18.68 -8.33
N GLN F 157 23.31 17.91 -7.77
CA GLN F 157 23.00 16.54 -8.14
C GLN F 157 22.52 16.44 -9.59
N VAL F 158 21.63 17.35 -9.96
CA VAL F 158 21.14 17.46 -11.33
C VAL F 158 22.28 17.69 -12.35
N ILE F 159 23.10 18.72 -12.10
CA ILE F 159 24.32 19.01 -12.84
C ILE F 159 25.13 17.73 -13.02
N ARG F 160 25.39 16.95 -11.97
CA ARG F 160 26.30 15.78 -12.06
C ARG F 160 25.71 14.61 -12.83
N ASN F 161 24.39 14.51 -12.78
CA ASN F 161 23.65 13.44 -13.46
C ASN F 161 23.54 13.78 -14.88
N LEU F 162 23.24 15.06 -15.15
CA LEU F 162 23.19 15.56 -16.52
C LEU F 162 24.54 15.38 -17.14
N ALA F 163 25.58 15.77 -16.44
CA ALA F 163 26.91 15.67 -17.01
C ALA F 163 27.15 14.20 -17.33
N GLY F 164 26.78 13.34 -16.38
CA GLY F 164 27.04 11.92 -16.47
C GLY F 164 26.44 11.29 -17.69
N ASP F 165 25.19 11.67 -18.00
CA ASP F 165 24.48 11.09 -19.15
C ASP F 165 25.15 11.47 -20.46
N LEU F 166 25.80 12.65 -20.48
CA LEU F 166 26.69 13.10 -21.59
C LEU F 166 28.02 12.36 -21.63
N GLY F 167 28.29 11.47 -20.68
CA GLY F 167 29.52 10.75 -20.65
C GLY F 167 30.65 11.58 -20.06
N LYS F 168 30.33 12.65 -19.35
CA LYS F 168 31.32 13.52 -18.74
C LYS F 168 31.24 13.55 -17.21
N SER F 169 32.40 13.74 -16.57
CA SER F 169 32.46 13.95 -15.14
C SER F 169 32.21 15.43 -14.90
N VAL F 170 31.97 15.81 -13.66
CA VAL F 170 31.51 17.16 -13.40
C VAL F 170 32.59 18.21 -13.64
N ALA F 171 33.85 17.78 -13.60
CA ALA F 171 35.03 18.66 -13.79
C ALA F 171 34.93 19.28 -15.10
N ASP F 172 34.61 18.49 -16.11
CA ASP F 172 34.70 19.07 -17.43
C ASP F 172 33.91 20.40 -17.66
N PHE F 173 32.80 20.58 -16.93
CA PHE F 173 32.26 21.99 -16.56
C PHE F 173 32.59 22.57 -15.17
N THR G 3 -24.52 -44.40 -0.72
CA THR G 3 -23.18 -43.74 -0.62
C THR G 3 -22.43 -44.14 0.72
N LYS G 4 -23.12 -44.70 1.71
CA LYS G 4 -22.56 -44.97 3.07
C LYS G 4 -21.70 -46.23 3.20
N LEU G 5 -22.06 -47.27 2.46
CA LEU G 5 -21.30 -48.54 2.41
C LEU G 5 -20.03 -48.39 1.53
N MET G 6 -20.12 -47.59 0.46
CA MET G 6 -18.95 -47.26 -0.38
C MET G 6 -17.88 -46.47 0.36
N ILE G 7 -18.30 -45.50 1.17
CA ILE G 7 -17.38 -44.75 2.01
C ILE G 7 -16.57 -45.71 2.83
N ASP G 8 -17.27 -46.60 3.52
CA ASP G 8 -16.67 -47.64 4.32
C ASP G 8 -15.70 -48.56 3.49
N GLU G 9 -15.98 -48.82 2.20
CA GLU G 9 -15.13 -49.69 1.34
C GLU G 9 -13.85 -48.98 0.92
N LYS G 10 -13.98 -47.72 0.51
CA LYS G 10 -12.79 -46.91 0.16
C LYS G 10 -11.85 -46.78 1.35
N TYR G 11 -12.40 -46.67 2.56
CA TYR G 11 -11.60 -46.53 3.75
C TYR G 11 -10.92 -47.82 4.10
N ALA G 12 -11.51 -48.94 3.74
CA ALA G 12 -10.89 -50.23 3.99
C ALA G 12 -9.68 -50.42 3.07
N LYS G 13 -9.80 -49.93 1.84
CA LYS G 13 -8.70 -50.03 0.86
C LYS G 13 -7.58 -49.05 1.23
N GLU G 14 -7.96 -47.85 1.69
CA GLU G 14 -7.06 -46.87 2.24
C GLU G 14 -6.19 -47.44 3.34
N LEU G 15 -6.83 -48.08 4.32
CA LEU G 15 -6.15 -48.71 5.43
C LEU G 15 -5.23 -49.82 4.98
N ASP G 16 -5.70 -50.57 3.99
CA ASP G 16 -4.96 -51.67 3.40
C ASP G 16 -3.65 -51.19 2.79
N LYS G 17 -3.77 -50.16 1.93
CA LYS G 17 -2.69 -49.53 1.20
C LYS G 17 -1.74 -48.87 2.16
N ALA G 18 -2.28 -48.24 3.20
CA ALA G 18 -1.49 -47.48 4.17
C ALA G 18 -0.48 -48.37 4.92
N GLU G 19 -0.83 -49.62 5.14
CA GLU G 19 0.01 -50.55 5.89
C GLU G 19 1.19 -51.00 5.08
N ILE G 20 0.90 -51.43 3.86
CA ILE G 20 1.93 -51.70 2.86
C ILE G 20 2.94 -50.55 2.67
N ASP G 21 2.42 -49.32 2.56
CA ASP G 21 3.24 -48.16 2.29
C ASP G 21 4.18 -47.81 3.46
N HIS G 22 3.69 -47.97 4.72
CA HIS G 22 4.59 -47.72 5.91
C HIS G 22 5.73 -48.73 6.07
N HIS G 23 5.74 -49.82 5.31
CA HIS G 23 6.86 -50.83 5.30
C HIS G 23 8.10 -50.42 4.57
N LYS G 24 7.95 -50.00 3.31
CA LYS G 24 9.11 -49.82 2.43
C LYS G 24 9.65 -48.42 2.45
N PRO G 25 9.34 -47.69 3.52
CA PRO G 25 8.51 -46.48 3.49
C PRO G 25 8.32 -45.89 2.12
N THR G 26 7.11 -45.50 1.72
CA THR G 26 6.99 -44.52 0.62
C THR G 26 7.29 -43.12 1.15
N ALA G 27 7.36 -42.14 0.23
CA ALA G 27 7.60 -40.75 0.61
C ALA G 27 6.42 -40.28 1.43
N GLY G 28 5.23 -40.44 0.84
CA GLY G 28 3.98 -40.01 1.43
C GLY G 28 3.73 -40.56 2.80
N ALA G 29 4.18 -41.79 3.04
CA ALA G 29 4.00 -42.42 4.32
C ALA G 29 4.90 -41.77 5.38
N MET G 30 6.17 -41.58 5.06
CA MET G 30 7.10 -40.75 5.83
C MET G 30 6.46 -39.39 6.19
N LEU G 31 5.80 -38.74 5.22
CA LEU G 31 5.27 -37.40 5.43
C LEU G 31 4.01 -37.47 6.27
N GLY G 32 3.50 -38.69 6.47
CA GLY G 32 2.45 -38.93 7.44
C GLY G 32 2.95 -38.57 8.83
N HIS G 33 4.16 -38.99 9.13
CA HIS G 33 4.79 -38.66 10.42
C HIS G 33 5.13 -37.17 10.45
N VAL G 34 5.58 -36.59 9.32
CA VAL G 34 6.03 -35.21 9.31
C VAL G 34 4.84 -34.30 9.49
N LEU G 35 3.80 -34.57 8.72
CA LEU G 35 2.55 -33.80 8.83
C LEU G 35 1.87 -33.95 10.22
N SER G 36 2.06 -35.07 10.90
CA SER G 36 1.50 -35.26 12.24
C SER G 36 2.32 -34.50 13.29
N ASN G 37 3.62 -34.54 13.15
CA ASN G 37 4.51 -33.78 14.01
C ASN G 37 4.23 -32.29 13.85
N LEU G 38 3.89 -31.81 12.64
CA LEU G 38 3.68 -30.40 12.43
C LEU G 38 2.48 -29.96 13.22
N PHE G 39 1.40 -30.74 13.12
CA PHE G 39 0.14 -30.36 13.75
C PHE G 39 0.21 -30.43 15.23
N ILE G 40 0.78 -31.50 15.75
CA ILE G 40 0.92 -31.65 17.19
C ILE G 40 1.82 -30.55 17.69
N GLU G 41 2.87 -30.19 16.93
CA GLU G 41 3.75 -29.12 17.38
C GLU G 41 3.01 -27.79 17.36
N ASN G 42 2.12 -27.64 16.38
CA ASN G 42 1.28 -26.41 16.36
C ASN G 42 0.53 -26.22 17.66
N ILE G 43 0.10 -27.33 18.25
CA ILE G 43 -0.62 -27.26 19.53
C ILE G 43 0.33 -26.94 20.66
N ARG G 44 1.46 -27.62 20.75
CA ARG G 44 2.43 -27.26 21.77
C ARG G 44 2.71 -25.79 21.68
N LEU G 45 3.01 -25.31 20.48
CA LEU G 45 3.39 -23.91 20.26
C LEU G 45 2.26 -22.95 20.60
N THR G 46 1.01 -23.38 20.41
CA THR G 46 -0.13 -22.62 20.85
C THR G 46 -0.18 -22.53 22.41
N GLN G 47 0.14 -23.61 23.11
CA GLN G 47 0.16 -23.60 24.56
C GLN G 47 1.21 -22.62 25.03
N ALA G 48 2.41 -22.74 24.51
CA ALA G 48 3.51 -21.88 24.94
C ALA G 48 3.25 -20.42 24.53
N GLY G 49 2.47 -20.23 23.46
CA GLY G 49 2.23 -18.91 22.87
C GLY G 49 1.26 -18.11 23.73
N ILE G 50 0.45 -18.81 24.50
CA ILE G 50 -0.56 -18.26 25.40
C ILE G 50 0.03 -18.07 26.78
N TYR G 51 0.68 -19.13 27.25
CA TYR G 51 1.17 -19.21 28.62
C TYR G 51 2.63 -18.77 28.86
N ALA G 52 3.47 -18.47 27.87
CA ALA G 52 4.85 -18.03 28.22
C ALA G 52 4.70 -16.65 28.87
N LYS G 53 5.72 -16.20 29.59
CA LYS G 53 5.67 -14.91 30.32
C LYS G 53 6.01 -13.72 29.40
N SER G 54 7.18 -13.76 28.79
CA SER G 54 7.61 -12.64 27.98
C SER G 54 6.73 -12.42 26.75
N PRO G 55 6.15 -11.22 26.62
CA PRO G 55 5.34 -10.86 25.45
C PRO G 55 6.05 -11.09 24.11
N VAL G 56 7.35 -10.86 24.04
CA VAL G 56 8.13 -11.05 22.83
C VAL G 56 8.23 -12.52 22.44
N LYS G 57 8.37 -13.38 23.43
CA LYS G 57 8.43 -14.83 23.18
C LYS G 57 7.05 -15.34 22.78
N CYS G 58 6.00 -14.82 23.41
CA CYS G 58 4.63 -15.18 22.97
C CYS G 58 4.36 -14.85 21.52
N GLU G 59 4.82 -13.68 21.06
CA GLU G 59 4.64 -13.24 19.69
C GLU G 59 5.37 -14.20 18.75
N TYR G 60 6.59 -14.55 19.10
CA TYR G 60 7.46 -15.37 18.26
C TYR G 60 6.97 -16.82 18.14
N LEU G 61 6.47 -17.36 19.25
CA LEU G 61 6.00 -18.75 19.30
C LEU G 61 4.70 -18.87 18.48
N ARG G 62 3.83 -17.89 18.61
CA ARG G 62 2.60 -17.78 17.82
C ARG G 62 2.89 -17.73 16.36
N GLU G 63 3.94 -16.99 15.98
CA GLU G 63 4.37 -16.98 14.60
C GLU G 63 4.93 -18.32 14.13
N ILE G 64 5.74 -18.98 14.95
CA ILE G 64 6.16 -20.36 14.61
C ILE G 64 4.95 -21.30 14.44
N ALA G 65 3.91 -21.16 15.26
CA ALA G 65 2.73 -22.05 15.14
C ALA G 65 2.03 -21.85 13.80
N GLN G 66 1.96 -20.61 13.36
CA GLN G 66 1.31 -20.22 12.11
C GLN G 66 2.04 -20.87 10.93
N ARG G 67 3.37 -20.93 11.02
CA ARG G 67 4.19 -21.51 9.96
C ARG G 67 4.10 -22.98 9.96
N GLU G 68 3.96 -23.59 11.14
CA GLU G 68 3.70 -25.02 11.22
C GLU G 68 2.45 -25.37 10.41
N VAL G 69 1.41 -24.57 10.51
CA VAL G 69 0.15 -24.79 9.84
C VAL G 69 0.25 -24.52 8.34
N GLU G 70 0.94 -23.45 8.01
CA GLU G 70 1.15 -23.03 6.61
C GLU G 70 1.85 -24.15 5.86
N TYR G 71 2.86 -24.77 6.47
CA TYR G 71 3.56 -25.91 5.85
C TYR G 71 2.63 -27.11 5.77
N PHE G 72 1.86 -27.34 6.83
CA PHE G 72 0.89 -28.42 6.84
C PHE G 72 0.01 -28.27 5.62
N PHE G 73 -0.52 -27.09 5.35
CA PHE G 73 -1.28 -26.94 4.12
C PHE G 73 -0.44 -27.10 2.88
N LYS G 74 0.78 -26.58 2.87
CA LYS G 74 1.50 -26.42 1.64
C LYS G 74 2.03 -27.80 1.17
N ILE G 75 2.46 -28.64 2.11
CA ILE G 75 2.89 -30.03 1.78
C ILE G 75 1.73 -31.02 1.53
N SER G 76 0.63 -30.84 2.26
CA SER G 76 -0.59 -31.60 1.98
C SER G 76 -1.10 -31.34 0.57
N ASP G 77 -1.16 -30.08 0.15
CA ASP G 77 -1.45 -29.75 -1.28
C ASP G 77 -0.49 -30.42 -2.24
N LEU G 78 0.78 -30.46 -1.87
CA LEU G 78 1.80 -30.95 -2.74
C LEU G 78 1.68 -32.45 -2.87
N LEU G 79 1.23 -33.12 -1.80
CA LEU G 79 1.01 -34.57 -1.83
C LEU G 79 -0.27 -34.93 -2.61
N LEU G 80 -1.36 -34.21 -2.36
CA LEU G 80 -2.58 -34.45 -3.09
C LEU G 80 -2.46 -34.25 -4.59
N ASP G 81 -1.49 -33.40 -4.98
CA ASP G 81 -1.24 -33.03 -6.37
C ASP G 81 -0.62 -34.19 -7.07
N GLU G 82 0.29 -34.83 -6.34
CA GLU G 82 0.95 -36.09 -6.70
C GLU G 82 0.15 -37.36 -6.29
N ASN G 83 -1.18 -37.20 -6.14
CA ASN G 83 -2.11 -38.26 -5.79
C ASN G 83 -1.74 -39.17 -4.60
N GLU G 84 -1.16 -38.58 -3.57
CA GLU G 84 -1.06 -39.22 -2.27
C GLU G 84 -2.16 -38.64 -1.31
N ILE G 85 -2.19 -39.24 -0.12
CA ILE G 85 -3.21 -39.07 0.89
C ILE G 85 -2.50 -38.65 2.18
N VAL G 86 -3.26 -38.07 3.08
CA VAL G 86 -2.72 -37.20 4.12
C VAL G 86 -3.59 -37.34 5.36
N PRO G 87 -2.96 -37.51 6.51
CA PRO G 87 -3.69 -37.59 7.76
C PRO G 87 -4.39 -36.30 8.09
N SER G 88 -5.50 -36.33 8.82
CA SER G 88 -6.34 -35.16 8.94
C SER G 88 -7.33 -35.19 10.10
N THR G 89 -7.04 -36.01 11.12
CA THR G 89 -7.80 -36.05 12.37
C THR G 89 -6.90 -36.24 13.57
N THR G 90 -7.42 -35.86 14.74
CA THR G 90 -6.68 -35.91 15.97
C THR G 90 -6.15 -37.29 16.15
N GLU G 91 -7.00 -38.26 15.89
CA GLU G 91 -6.68 -39.68 16.02
C GLU G 91 -5.44 -40.18 15.21
N GLU G 92 -5.34 -39.74 13.96
CA GLU G 92 -4.22 -40.07 13.08
C GLU G 92 -2.99 -39.27 13.47
N PHE G 93 -3.20 -38.02 13.80
CA PHE G 93 -2.08 -37.21 14.25
C PHE G 93 -1.48 -37.97 15.41
N LEU G 94 -2.29 -38.40 16.39
CA LEU G 94 -1.75 -39.12 17.53
C LEU G 94 -1.16 -40.48 17.19
N LYS G 95 -1.70 -41.13 16.17
CA LYS G 95 -1.17 -42.41 15.73
C LYS G 95 0.26 -42.31 15.14
N TYR G 96 0.45 -41.36 14.21
CA TYR G 96 1.69 -41.24 13.46
C TYR G 96 2.70 -40.25 14.09
N HIS G 97 2.34 -39.47 15.11
CA HIS G 97 3.27 -38.48 15.68
C HIS G 97 4.39 -39.19 16.44
N LYS G 98 5.60 -38.63 16.37
CA LYS G 98 6.76 -39.22 17.07
C LYS G 98 7.59 -38.16 17.84
N PHE G 99 7.98 -38.55 19.05
CA PHE G 99 8.96 -37.89 19.90
C PHE G 99 8.46 -36.62 20.57
N ILE G 100 7.53 -35.90 19.92
CA ILE G 100 6.91 -34.69 20.48
C ILE G 100 5.92 -35.16 21.53
N THR G 101 6.01 -34.67 22.77
CA THR G 101 5.00 -35.04 23.74
C THR G 101 4.43 -33.79 24.34
N GLU G 102 3.11 -33.74 24.32
CA GLU G 102 2.38 -32.69 25.00
C GLU G 102 2.45 -32.88 26.51
N ASP G 103 2.06 -31.86 27.27
CA ASP G 103 2.10 -31.93 28.73
C ASP G 103 1.31 -30.74 29.28
N PRO G 104 0.18 -31.00 29.94
CA PRO G 104 -0.61 -29.91 30.53
C PRO G 104 0.20 -29.12 31.56
N LYS G 105 1.26 -29.71 32.10
CA LYS G 105 2.10 -29.08 33.12
C LYS G 105 2.91 -27.92 32.57
N ALA G 106 3.22 -27.98 31.27
CA ALA G 106 4.00 -26.98 30.54
C ALA G 106 3.62 -25.54 30.81
N LYS G 107 2.33 -25.30 31.06
CA LYS G 107 1.87 -23.96 31.35
C LYS G 107 2.49 -23.35 32.62
N TYR G 108 3.26 -24.12 33.37
CA TYR G 108 3.94 -23.66 34.59
C TYR G 108 5.45 -23.72 34.43
N TRP G 109 5.94 -24.32 33.36
CA TRP G 109 7.36 -24.30 33.12
C TRP G 109 7.83 -22.88 33.05
N THR G 110 9.10 -22.69 33.18
CA THR G 110 9.73 -21.41 32.91
C THR G 110 9.94 -21.16 31.39
N ASP G 111 10.05 -19.92 30.95
CA ASP G 111 10.16 -19.66 29.48
C ASP G 111 11.28 -20.40 28.84
N GLU G 112 12.40 -20.42 29.54
CA GLU G 112 13.62 -21.11 29.11
C GLU G 112 13.46 -22.61 28.99
N ASP G 113 12.62 -23.22 29.80
CA ASP G 113 12.36 -24.64 29.62
C ASP G 113 11.41 -24.87 28.48
N LEU G 114 10.39 -24.05 28.28
CA LEU G 114 9.56 -24.17 27.05
C LEU G 114 10.49 -24.09 25.83
N LEU G 115 11.38 -23.11 25.80
CA LEU G 115 12.25 -22.96 24.66
C LEU G 115 13.10 -24.16 24.41
N GLU G 116 13.69 -24.72 25.45
CA GLU G 116 14.53 -25.90 25.34
C GLU G 116 13.78 -27.11 24.78
N SER G 117 12.52 -27.29 25.18
CA SER G 117 11.72 -28.39 24.70
C SER G 117 11.39 -28.32 23.20
N PHE G 118 11.27 -27.08 22.71
CA PHE G 118 11.08 -26.84 21.25
C PHE G 118 12.35 -27.06 20.44
N ILE G 119 13.51 -26.68 21.01
CA ILE G 119 14.77 -27.05 20.37
C ILE G 119 14.88 -28.55 20.16
N VAL G 120 14.53 -29.36 21.17
CA VAL G 120 14.60 -30.80 21.04
C VAL G 120 13.55 -31.32 20.10
N ASP G 121 12.33 -30.81 20.23
CA ASP G 121 11.26 -31.20 19.31
C ASP G 121 11.59 -31.08 17.83
N PHE G 122 12.25 -29.98 17.48
CA PHE G 122 12.45 -29.60 16.11
C PHE G 122 13.60 -30.39 15.58
N GLN G 123 14.62 -30.61 16.40
CA GLN G 123 15.67 -31.59 16.06
C GLN G 123 15.08 -32.93 15.73
N ALA G 124 14.20 -33.43 16.58
CA ALA G 124 13.47 -34.65 16.27
C ALA G 124 12.67 -34.55 14.99
N GLN G 125 11.99 -33.43 14.75
CA GLN G 125 11.13 -33.30 13.57
C GLN G 125 11.87 -33.63 12.28
N ASN G 126 13.16 -33.27 12.32
CA ASN G 126 14.05 -33.29 11.19
C ASN G 126 14.47 -34.66 10.80
N MET G 127 14.52 -35.60 11.74
CA MET G 127 14.85 -37.01 11.41
C MET G 127 13.94 -37.52 10.32
N PHE G 128 12.65 -37.29 10.47
CA PHE G 128 11.65 -37.71 9.46
C PHE G 128 11.66 -36.85 8.22
N ILE G 129 12.00 -35.55 8.30
CA ILE G 129 12.05 -34.66 7.14
C ILE G 129 13.18 -35.07 6.18
N THR G 130 14.32 -35.37 6.74
CA THR G 130 15.44 -35.91 6.01
C THR G 130 15.11 -37.12 5.15
N ARG G 131 14.48 -38.11 5.76
CA ARG G 131 14.12 -39.31 5.05
C ARG G 131 13.13 -38.96 3.95
N ALA G 132 12.14 -38.12 4.28
CA ALA G 132 11.10 -37.71 3.36
C ALA G 132 11.64 -37.05 2.11
N ILE G 133 12.68 -36.22 2.23
CA ILE G 133 13.26 -35.54 1.07
C ILE G 133 13.86 -36.61 0.20
N LYS G 134 14.68 -37.50 0.78
CA LYS G 134 15.40 -38.48 0.00
C LYS G 134 14.47 -39.37 -0.74
N LEU G 135 13.38 -39.78 -0.07
CA LEU G 135 12.36 -40.63 -0.72
C LEU G 135 11.64 -39.89 -1.82
N ALA G 136 11.29 -38.63 -1.59
CA ALA G 136 10.61 -37.84 -2.62
C ALA G 136 11.46 -37.74 -3.89
N ASN G 137 12.78 -37.70 -3.72
CA ASN G 137 13.70 -37.68 -4.83
C ASN G 137 13.66 -39.02 -5.55
N LYS G 138 13.75 -40.16 -4.84
CA LYS G 138 13.66 -41.50 -5.45
C LYS G 138 12.43 -41.61 -6.29
N GLU G 139 11.29 -41.16 -5.79
CA GLU G 139 10.03 -41.32 -6.47
C GLU G 139 9.75 -40.29 -7.53
N GLU G 140 10.69 -39.36 -7.66
CA GLU G 140 10.58 -38.29 -8.64
C GLU G 140 9.37 -37.34 -8.44
N LYS G 141 9.06 -37.07 -7.18
CA LYS G 141 8.06 -36.08 -6.83
C LYS G 141 8.80 -34.77 -6.63
N PHE G 142 9.12 -34.12 -7.76
CA PHE G 142 10.08 -33.02 -7.73
C PHE G 142 9.63 -31.84 -6.92
N ALA G 143 8.40 -31.40 -7.11
CA ALA G 143 7.92 -30.22 -6.38
C ALA G 143 7.69 -30.58 -4.90
N LEU G 144 7.31 -31.80 -4.59
CA LEU G 144 7.09 -32.15 -3.20
C LEU G 144 8.43 -32.10 -2.48
N ALA G 145 9.45 -32.51 -3.17
CA ALA G 145 10.80 -32.50 -2.62
C ALA G 145 11.36 -31.08 -2.32
N ALA G 146 11.13 -30.14 -3.24
CA ALA G 146 11.61 -28.79 -3.06
C ALA G 146 10.90 -28.17 -1.87
N GLY G 147 9.62 -28.50 -1.75
CA GLY G 147 8.80 -28.07 -0.62
C GLY G 147 9.32 -28.49 0.73
N VAL G 148 9.68 -29.76 0.85
CA VAL G 148 10.10 -30.32 2.13
C VAL G 148 11.51 -29.85 2.50
N VAL G 149 12.35 -29.54 1.51
CA VAL G 149 13.63 -28.87 1.75
C VAL G 149 13.41 -27.51 2.43
N GLU G 150 12.46 -26.75 1.90
CA GLU G 150 12.07 -25.49 2.53
C GLU G 150 11.79 -25.66 4.03
N LEU G 151 11.10 -26.76 4.37
CA LEU G 151 10.64 -27.00 5.74
C LEU G 151 11.85 -27.46 6.53
N TYR G 152 12.71 -28.25 5.94
CA TYR G 152 13.96 -28.60 6.59
C TYR G 152 14.76 -27.37 6.98
N GLY G 153 14.82 -26.37 6.10
CA GLY G 153 15.62 -25.17 6.33
C GLY G 153 14.96 -24.35 7.39
N TYR G 154 13.66 -24.20 7.31
CA TYR G 154 12.94 -23.52 8.36
C TYR G 154 13.25 -24.05 9.74
N ASN G 155 13.36 -25.37 9.88
CA ASN G 155 13.60 -25.97 11.16
C ASN G 155 14.96 -25.68 11.69
N LEU G 156 15.99 -25.81 10.85
CA LEU G 156 17.35 -25.48 11.28
C LEU G 156 17.44 -24.03 11.73
N GLN G 157 16.67 -23.17 11.07
CA GLN G 157 16.60 -21.75 11.43
C GLN G 157 15.91 -21.52 12.81
N VAL G 158 14.71 -22.07 12.97
CA VAL G 158 14.06 -22.07 14.28
C VAL G 158 14.97 -22.57 15.38
N ILE G 159 15.71 -23.66 15.14
CA ILE G 159 16.62 -24.17 16.17
C ILE G 159 17.67 -23.16 16.60
N ARG G 160 18.38 -22.53 15.65
CA ARG G 160 19.44 -21.56 15.97
C ARG G 160 18.87 -20.35 16.68
N ASN G 161 17.66 -19.90 16.32
CA ASN G 161 17.03 -18.74 16.95
C ASN G 161 16.60 -18.99 18.37
N LEU G 162 15.90 -20.08 18.62
CA LEU G 162 15.61 -20.44 20.01
C LEU G 162 16.91 -20.62 20.81
N ALA G 163 17.87 -21.34 20.25
CA ALA G 163 19.13 -21.53 20.91
C ALA G 163 19.75 -20.21 21.30
N GLY G 164 19.79 -19.28 20.33
CA GLY G 164 20.45 -17.99 20.54
C GLY G 164 19.74 -17.16 21.59
N ASP G 165 18.42 -17.23 21.67
CA ASP G 165 17.62 -16.52 22.68
C ASP G 165 18.00 -17.05 24.08
N LEU G 166 18.50 -18.28 24.18
CA LEU G 166 18.92 -18.82 25.48
C LEU G 166 20.37 -18.48 25.79
N GLY G 167 21.05 -17.84 24.85
CA GLY G 167 22.42 -17.37 25.04
C GLY G 167 23.41 -18.43 24.63
N LYS G 168 22.96 -19.40 23.83
CA LYS G 168 23.74 -20.54 23.46
C LYS G 168 23.81 -20.73 21.97
N SER G 169 24.91 -21.36 21.57
CA SER G 169 25.15 -21.70 20.19
C SER G 169 24.44 -22.99 19.85
N VAL G 170 24.33 -23.25 18.55
CA VAL G 170 23.62 -24.43 18.08
C VAL G 170 24.42 -25.64 18.44
N ALA G 171 25.76 -25.50 18.44
CA ALA G 171 26.67 -26.57 18.88
C ALA G 171 26.22 -27.04 20.22
N ASP G 172 26.14 -26.12 21.20
CA ASP G 172 25.74 -26.58 22.54
C ASP G 172 24.76 -27.76 22.57
N PHE G 173 23.67 -27.60 21.80
CA PHE G 173 22.93 -28.86 21.16
C PHE G 173 23.46 -29.54 19.85
N THR H 3 25.21 23.43 -38.10
CA THR H 3 23.77 23.12 -37.80
C THR H 3 22.98 24.35 -37.34
N LYS H 4 23.64 25.43 -36.90
CA LYS H 4 22.91 26.60 -36.40
C LYS H 4 21.96 27.23 -37.47
N LEU H 5 22.32 26.99 -38.74
CA LEU H 5 21.57 27.49 -39.91
C LEU H 5 20.43 26.55 -40.34
N MET H 6 20.61 25.22 -40.25
CA MET H 6 19.49 24.27 -40.52
C MET H 6 18.37 24.43 -39.51
N ILE H 7 18.71 24.73 -38.27
CA ILE H 7 17.70 25.03 -37.27
C ILE H 7 16.85 26.24 -37.69
N ASP H 8 17.52 27.31 -38.10
CA ASP H 8 16.88 28.55 -38.54
C ASP H 8 15.93 28.31 -39.72
N GLU H 9 16.31 27.40 -40.62
CA GLU H 9 15.49 26.97 -41.76
C GLU H 9 14.20 26.33 -41.24
N LYS H 10 14.34 25.26 -40.44
CA LYS H 10 13.23 24.51 -39.85
C LYS H 10 12.24 25.43 -39.17
N TYR H 11 12.79 26.45 -38.49
CA TYR H 11 11.94 27.42 -37.77
C TYR H 11 11.25 28.44 -38.70
N ALA H 12 11.85 28.75 -39.85
CA ALA H 12 11.20 29.59 -40.85
C ALA H 12 9.97 28.84 -41.41
N LYS H 13 10.21 27.59 -41.80
CA LYS H 13 9.16 26.67 -42.17
C LYS H 13 8.01 26.58 -41.16
N GLU H 14 8.33 26.52 -39.88
CA GLU H 14 7.32 26.37 -38.85
C GLU H 14 6.43 27.60 -38.77
N LEU H 15 7.02 28.79 -38.89
CA LEU H 15 6.29 30.06 -38.86
C LEU H 15 5.38 30.30 -40.07
N ASP H 16 5.81 29.76 -41.22
CA ASP H 16 5.01 29.72 -42.45
C ASP H 16 3.83 28.82 -42.29
N LYS H 17 4.10 27.55 -41.99
CA LYS H 17 3.08 26.51 -41.84
C LYS H 17 2.05 26.93 -40.80
N ALA H 18 2.50 27.62 -39.75
CA ALA H 18 1.63 28.01 -38.63
C ALA H 18 0.69 29.16 -39.03
N GLU H 19 1.16 30.07 -39.90
CA GLU H 19 0.38 31.16 -40.44
C GLU H 19 -0.85 30.69 -41.22
N ILE H 20 -0.58 29.72 -42.11
CA ILE H 20 -1.58 29.04 -42.90
C ILE H 20 -2.56 28.33 -41.98
N ASP H 21 -2.06 27.61 -40.97
CA ASP H 21 -2.90 26.77 -40.13
C ASP H 21 -3.87 27.56 -39.17
N HIS H 22 -3.46 28.78 -38.78
CA HIS H 22 -4.33 29.56 -37.91
C HIS H 22 -5.53 30.17 -38.63
N HIS H 23 -5.42 30.32 -39.95
CA HIS H 23 -6.54 30.87 -40.76
C HIS H 23 -7.52 29.81 -41.06
N LYS H 24 -7.01 28.65 -41.48
CA LYS H 24 -7.89 27.58 -42.02
C LYS H 24 -8.33 26.61 -40.94
N PRO H 25 -8.73 27.10 -39.75
CA PRO H 25 -8.13 26.66 -38.47
C PRO H 25 -7.92 25.14 -38.45
N THR H 26 -6.69 24.63 -38.33
CA THR H 26 -6.46 23.22 -37.99
C THR H 26 -6.73 23.02 -36.51
N ALA H 27 -6.66 21.76 -36.05
CA ALA H 27 -6.87 21.46 -34.66
C ALA H 27 -5.67 21.94 -33.84
N GLY H 28 -4.46 21.54 -34.26
CA GLY H 28 -3.22 22.00 -33.67
C GLY H 28 -3.18 23.46 -33.29
N ALA H 29 -3.64 24.28 -34.21
CA ALA H 29 -3.59 25.74 -34.04
C ALA H 29 -4.64 26.28 -33.04
N MET H 30 -5.82 25.69 -33.00
CA MET H 30 -6.80 26.00 -31.96
C MET H 30 -6.28 25.55 -30.59
N LEU H 31 -5.57 24.43 -30.60
CA LEU H 31 -5.03 23.86 -29.41
C LEU H 31 -3.86 24.72 -28.94
N GLY H 32 -3.24 25.48 -29.85
CA GLY H 32 -2.20 26.44 -29.51
C GLY H 32 -2.69 27.46 -28.52
N HIS H 33 -3.94 27.89 -28.66
CA HIS H 33 -4.55 28.88 -27.75
C HIS H 33 -4.92 28.19 -26.43
N VAL H 34 -5.38 26.91 -26.53
CA VAL H 34 -5.81 26.11 -25.39
C VAL H 34 -4.65 25.76 -24.49
N LEU H 35 -3.57 25.22 -25.08
CA LEU H 35 -2.31 24.96 -24.34
C LEU H 35 -1.67 26.19 -23.77
N SER H 36 -1.74 27.29 -24.49
CA SER H 36 -1.23 28.57 -23.98
C SER H 36 -2.05 29.12 -22.82
N ASN H 37 -3.35 28.92 -22.88
CA ASN H 37 -4.27 29.27 -21.82
C ASN H 37 -4.03 28.42 -20.58
N LEU H 38 -3.72 27.14 -20.80
CA LEU H 38 -3.49 26.23 -19.70
C LEU H 38 -2.32 26.81 -18.93
N PHE H 39 -1.22 27.10 -19.60
CA PHE H 39 -0.03 27.53 -18.91
C PHE H 39 -0.18 28.83 -18.18
N ILE H 40 -1.00 29.75 -18.70
CA ILE H 40 -1.09 31.08 -18.09
C ILE H 40 -1.99 30.96 -16.88
N GLU H 41 -3.06 30.20 -17.00
CA GLU H 41 -3.86 29.81 -15.83
C GLU H 41 -3.02 29.14 -14.72
N ASN H 42 -2.13 28.23 -15.09
CA ASN H 42 -1.19 27.65 -14.17
C ASN H 42 -0.55 28.75 -13.35
N ILE H 43 0.01 29.78 -13.98
CA ILE H 43 0.63 30.88 -13.25
C ILE H 43 -0.37 31.57 -12.33
N ARG H 44 -1.57 31.90 -12.82
CA ARG H 44 -2.58 32.63 -12.05
C ARG H 44 -2.94 31.86 -10.84
N LEU H 45 -3.03 30.54 -10.98
CA LEU H 45 -3.47 29.65 -9.93
C LEU H 45 -2.33 29.41 -8.95
N THR H 46 -1.10 29.41 -9.48
CA THR H 46 0.09 29.40 -8.64
C THR H 46 0.08 30.65 -7.75
N GLN H 47 -0.09 31.79 -8.39
CA GLN H 47 -0.26 33.03 -7.67
C GLN H 47 -1.28 32.91 -6.55
N ALA H 48 -2.49 32.48 -6.88
CA ALA H 48 -3.65 32.53 -5.94
C ALA H 48 -3.56 31.46 -4.88
N GLY H 49 -2.89 30.37 -5.20
CA GLY H 49 -2.63 29.30 -4.26
C GLY H 49 -1.64 29.67 -3.18
N ILE H 50 -0.80 30.67 -3.49
CA ILE H 50 0.09 31.26 -2.54
C ILE H 50 -0.57 32.33 -1.74
N TYR H 51 -1.25 33.28 -2.39
CA TYR H 51 -1.71 34.49 -1.66
C TYR H 51 -3.12 34.45 -1.03
N ALA H 52 -4.03 33.64 -1.55
CA ALA H 52 -5.32 33.48 -0.93
C ALA H 52 -5.15 33.19 0.56
N LYS H 53 -6.04 33.73 1.39
CA LYS H 53 -5.86 33.66 2.84
C LYS H 53 -6.23 32.28 3.41
N SER H 54 -7.42 31.73 3.05
CA SER H 54 -7.91 30.47 3.59
C SER H 54 -7.04 29.32 3.17
N PRO H 55 -6.42 28.63 4.14
CA PRO H 55 -5.59 27.47 3.81
C PRO H 55 -6.35 26.43 2.98
N VAL H 56 -7.66 26.26 3.16
CA VAL H 56 -8.42 25.27 2.38
C VAL H 56 -8.46 25.68 0.94
N LYS H 57 -8.68 26.98 0.69
CA LYS H 57 -8.75 27.45 -0.70
C LYS H 57 -7.40 27.40 -1.38
N CYS H 58 -6.33 27.70 -0.64
CA CYS H 58 -4.96 27.54 -1.15
C CYS H 58 -4.66 26.17 -1.69
N GLU H 59 -5.00 25.11 -0.95
CA GLU H 59 -4.66 23.75 -1.30
C GLU H 59 -5.48 23.31 -2.52
N TYR H 60 -6.77 23.61 -2.50
CA TYR H 60 -7.62 23.43 -3.72
C TYR H 60 -7.08 24.14 -4.97
N LEU H 61 -6.61 25.39 -4.76
CA LEU H 61 -6.13 26.24 -5.86
C LEU H 61 -4.87 25.70 -6.45
N ARG H 62 -3.98 25.14 -5.61
CA ARG H 62 -2.78 24.44 -6.14
C ARG H 62 -3.11 23.09 -6.79
N GLU H 63 -4.15 22.43 -6.31
CA GLU H 63 -4.58 21.14 -6.87
C GLU H 63 -5.02 21.39 -8.32
N ILE H 64 -5.86 22.41 -8.56
CA ILE H 64 -6.24 22.82 -9.91
C ILE H 64 -5.04 23.28 -10.76
N ALA H 65 -4.07 23.96 -10.14
CA ALA H 65 -2.87 24.39 -10.83
C ALA H 65 -2.14 23.23 -11.44
N GLN H 66 -2.05 22.13 -10.69
CA GLN H 66 -1.31 20.96 -11.12
C GLN H 66 -2.04 20.24 -12.23
N ARG H 67 -3.37 20.37 -12.26
CA ARG H 67 -4.14 19.69 -13.29
C ARG H 67 -4.01 20.35 -14.65
N GLU H 68 -3.90 21.67 -14.66
CA GLU H 68 -3.56 22.44 -15.88
C GLU H 68 -2.28 21.90 -16.52
N VAL H 69 -1.24 21.71 -15.73
CA VAL H 69 0.03 21.20 -16.23
C VAL H 69 -0.09 19.77 -16.70
N GLU H 70 -0.92 19.03 -16.02
CA GLU H 70 -1.12 17.64 -16.30
C GLU H 70 -1.80 17.51 -17.64
N TYR H 71 -2.87 18.28 -17.83
CA TYR H 71 -3.56 18.38 -19.12
C TYR H 71 -2.68 18.98 -20.20
N PHE H 72 -1.91 20.02 -19.86
CA PHE H 72 -0.91 20.55 -20.77
C PHE H 72 0.00 19.46 -21.30
N PHE H 73 0.52 18.59 -20.44
CA PHE H 73 1.42 17.52 -20.94
C PHE H 73 0.63 16.48 -21.73
N LYS H 74 -0.60 16.27 -21.28
CA LYS H 74 -1.38 15.15 -21.74
C LYS H 74 -1.73 15.37 -23.20
N ILE H 75 -2.32 16.55 -23.45
CA ILE H 75 -2.72 16.97 -24.77
C ILE H 75 -1.53 17.19 -25.71
N SER H 76 -0.39 17.67 -25.19
CA SER H 76 0.78 17.92 -25.99
C SER H 76 1.33 16.65 -26.51
N ASP H 77 1.30 15.62 -25.68
CA ASP H 77 1.73 14.29 -26.09
C ASP H 77 0.80 13.78 -27.15
N LEU H 78 -0.48 14.16 -27.07
CA LEU H 78 -1.47 13.70 -28.01
C LEU H 78 -1.29 14.40 -29.36
N LEU H 79 -1.10 15.72 -29.32
CA LEU H 79 -0.72 16.47 -30.52
C LEU H 79 0.53 15.91 -31.18
N LEU H 80 1.66 15.84 -30.50
CA LEU H 80 2.88 15.32 -31.13
C LEU H 80 2.77 13.90 -31.67
N ASP H 81 1.83 13.14 -31.12
CA ASP H 81 1.62 11.73 -31.47
C ASP H 81 1.07 11.70 -32.88
N GLU H 82 0.19 12.66 -33.14
CA GLU H 82 -0.39 12.92 -34.46
C GLU H 82 0.37 13.98 -35.27
N ASN H 83 1.61 14.24 -34.87
CA ASN H 83 2.62 14.98 -35.59
C ASN H 83 2.37 16.46 -35.76
N GLU H 84 1.76 17.05 -34.75
CA GLU H 84 1.62 18.48 -34.65
C GLU H 84 2.68 19.05 -33.66
N ILE H 85 2.52 20.33 -33.38
CA ILE H 85 3.52 21.13 -32.71
C ILE H 85 2.83 22.06 -31.72
N VAL H 86 3.60 22.44 -30.72
CA VAL H 86 3.08 22.95 -29.50
C VAL H 86 3.88 24.16 -29.09
N PRO H 87 3.23 25.19 -28.59
CA PRO H 87 3.95 26.33 -28.01
C PRO H 87 4.71 25.98 -26.71
N SER H 88 6.04 26.19 -26.65
CA SER H 88 6.86 25.69 -25.58
C SER H 88 7.58 26.82 -24.83
N THR H 89 7.29 28.08 -25.15
CA THR H 89 8.04 29.21 -24.56
C THR H 89 7.07 30.25 -24.04
N THR H 90 7.56 31.11 -23.19
CA THR H 90 6.77 32.16 -22.55
C THR H 90 6.29 33.12 -23.63
N GLU H 91 7.15 33.33 -24.60
CA GLU H 91 6.84 34.10 -25.80
C GLU H 91 5.58 33.65 -26.50
N GLU H 92 5.56 32.40 -26.94
CA GLU H 92 4.41 31.82 -27.63
C GLU H 92 3.18 31.72 -26.76
N PHE H 93 3.34 31.54 -25.45
CA PHE H 93 2.19 31.47 -24.59
C PHE H 93 1.49 32.83 -24.62
N LEU H 94 2.23 33.92 -24.40
CA LEU H 94 1.67 35.28 -24.39
C LEU H 94 1.11 35.67 -25.74
N LYS H 95 1.82 35.28 -26.82
CA LYS H 95 1.31 35.50 -28.15
C LYS H 95 -0.10 34.92 -28.26
N TYR H 96 -0.23 33.60 -28.13
CA TYR H 96 -1.48 32.88 -28.38
C TYR H 96 -2.55 32.91 -27.25
N HIS H 97 -2.24 33.40 -26.06
CA HIS H 97 -3.26 33.39 -24.96
C HIS H 97 -4.39 34.36 -25.18
N LYS H 98 -5.57 33.95 -24.78
CA LYS H 98 -6.77 34.75 -25.04
C LYS H 98 -7.59 34.98 -23.75
N PHE H 99 -8.00 36.22 -23.57
CA PHE H 99 -9.00 36.63 -22.58
C PHE H 99 -8.51 36.59 -21.13
N ILE H 100 -7.62 35.64 -20.79
CA ILE H 100 -7.09 35.52 -19.43
C ILE H 100 -6.02 36.59 -19.28
N THR H 101 -6.13 37.34 -18.21
CA THR H 101 -5.13 38.36 -17.93
C THR H 101 -4.64 38.25 -16.50
N GLU H 102 -3.31 38.33 -16.33
CA GLU H 102 -2.66 38.34 -15.02
C GLU H 102 -2.70 39.74 -14.43
N ASP H 103 -2.33 39.89 -13.16
CA ASP H 103 -2.45 41.15 -12.46
C ASP H 103 -1.71 41.03 -11.14
N PRO H 104 -0.50 41.60 -11.06
CA PRO H 104 0.29 41.58 -9.83
C PRO H 104 -0.49 42.05 -8.57
N LYS H 105 -1.49 42.90 -8.72
CA LYS H 105 -2.23 43.35 -7.55
C LYS H 105 -3.31 42.30 -7.08
N ALA H 106 -3.44 41.17 -7.79
CA ALA H 106 -4.36 40.10 -7.32
C ALA H 106 -4.03 39.51 -5.94
N LYS H 107 -2.77 39.61 -5.53
CA LYS H 107 -2.34 39.19 -4.19
C LYS H 107 -3.01 39.92 -3.05
N TYR H 108 -3.54 41.09 -3.34
CA TYR H 108 -4.31 41.90 -2.35
C TYR H 108 -5.82 41.75 -2.55
N TRP H 109 -6.26 41.04 -3.61
CA TRP H 109 -7.68 40.75 -3.71
C TRP H 109 -8.09 39.84 -2.61
N THR H 110 -9.39 39.90 -2.40
CA THR H 110 -10.15 39.14 -1.42
C THR H 110 -10.30 37.69 -1.98
N ASP H 111 -10.57 36.68 -1.14
CA ASP H 111 -10.61 35.30 -1.65
C ASP H 111 -11.75 35.07 -2.63
N GLU H 112 -12.88 35.75 -2.38
CA GLU H 112 -14.07 35.76 -3.23
C GLU H 112 -13.72 36.28 -4.64
N ASP H 113 -13.10 37.45 -4.74
CA ASP H 113 -12.77 38.02 -6.04
C ASP H 113 -11.81 37.14 -6.81
N LEU H 114 -10.86 36.51 -6.13
CA LEU H 114 -10.00 35.52 -6.81
C LEU H 114 -10.80 34.38 -7.44
N LEU H 115 -11.71 33.82 -6.65
CA LEU H 115 -12.51 32.70 -7.11
C LEU H 115 -13.36 33.13 -8.26
N GLU H 116 -14.12 34.19 -8.07
CA GLU H 116 -14.87 34.88 -9.14
C GLU H 116 -14.13 34.94 -10.46
N SER H 117 -12.91 35.45 -10.42
CA SER H 117 -12.05 35.62 -11.59
C SER H 117 -11.65 34.36 -12.30
N PHE H 118 -11.76 33.20 -11.65
CA PHE H 118 -11.40 31.96 -12.29
C PHE H 118 -12.59 31.36 -12.92
N ILE H 119 -13.77 31.61 -12.37
CA ILE H 119 -14.92 31.09 -13.08
C ILE H 119 -14.96 31.69 -14.45
N VAL H 120 -14.82 33.03 -14.50
CA VAL H 120 -14.78 33.76 -15.77
C VAL H 120 -13.64 33.31 -16.68
N ASP H 121 -12.45 33.08 -16.13
CA ASP H 121 -11.33 32.55 -16.92
C ASP H 121 -11.62 31.20 -17.51
N PHE H 122 -12.29 30.36 -16.75
CA PHE H 122 -12.52 28.95 -17.12
C PHE H 122 -13.65 28.85 -18.13
N GLN H 123 -14.65 29.72 -18.01
CA GLN H 123 -15.65 29.93 -19.11
C GLN H 123 -14.96 30.29 -20.40
N ALA H 124 -14.11 31.33 -20.38
CA ALA H 124 -13.32 31.71 -21.53
C ALA H 124 -12.56 30.55 -22.09
N GLN H 125 -11.77 29.84 -21.27
CA GLN H 125 -11.00 28.70 -21.79
C GLN H 125 -11.86 27.77 -22.67
N ASN H 126 -13.11 27.54 -22.21
CA ASN H 126 -14.11 26.60 -22.85
C ASN H 126 -14.53 26.95 -24.30
N MET H 127 -14.72 28.26 -24.60
CA MET H 127 -15.00 28.73 -25.97
C MET H 127 -14.05 28.17 -27.01
N PHE H 128 -12.77 28.01 -26.65
CA PHE H 128 -11.76 27.42 -27.55
C PHE H 128 -11.68 25.93 -27.54
N ILE H 129 -11.99 25.32 -26.38
CA ILE H 129 -11.85 23.87 -26.24
C ILE H 129 -12.92 23.20 -27.06
N THR H 130 -14.16 23.67 -26.86
CA THR H 130 -15.27 23.38 -27.74
C THR H 130 -14.87 23.27 -29.20
N ARG H 131 -14.28 24.36 -29.75
CA ARG H 131 -13.89 24.43 -31.16
C ARG H 131 -12.88 23.37 -31.55
N ALA H 132 -11.92 23.09 -30.66
CA ALA H 132 -10.87 22.11 -30.86
C ALA H 132 -11.38 20.66 -30.78
N ILE H 133 -12.38 20.38 -29.94
CA ILE H 133 -13.02 19.05 -29.98
C ILE H 133 -13.60 18.85 -31.40
N LYS H 134 -14.45 19.81 -31.81
CA LYS H 134 -15.11 19.81 -33.11
C LYS H 134 -14.08 19.69 -34.22
N LEU H 135 -13.00 20.47 -34.17
CA LEU H 135 -11.97 20.39 -35.19
C LEU H 135 -11.31 19.07 -35.20
N ALA H 136 -11.01 18.51 -34.04
CA ALA H 136 -10.23 17.30 -33.97
C ALA H 136 -11.02 16.10 -34.47
N ASN H 137 -12.35 16.12 -34.26
CA ASN H 137 -13.25 15.09 -34.81
C ASN H 137 -13.20 15.15 -36.33
N LYS H 138 -13.32 16.38 -36.88
CA LYS H 138 -13.23 16.64 -38.33
C LYS H 138 -11.98 16.01 -38.91
N GLU H 139 -10.84 16.12 -38.22
CA GLU H 139 -9.54 15.71 -38.77
C GLU H 139 -9.27 14.23 -38.61
N GLU H 140 -10.18 13.54 -37.97
CA GLU H 140 -10.06 12.12 -37.68
C GLU H 140 -8.90 11.85 -36.73
N LYS H 141 -8.78 12.73 -35.74
CA LYS H 141 -7.75 12.67 -34.72
C LYS H 141 -8.42 12.24 -33.42
N PHE H 142 -8.66 10.94 -33.33
CA PHE H 142 -9.63 10.41 -32.37
C PHE H 142 -9.13 10.46 -30.94
N ALA H 143 -7.89 9.98 -30.72
CA ALA H 143 -7.30 9.98 -29.37
C ALA H 143 -7.24 11.43 -28.93
N LEU H 144 -6.69 12.31 -29.75
CA LEU H 144 -6.66 13.73 -29.40
C LEU H 144 -8.04 14.29 -28.99
N ALA H 145 -9.07 13.93 -29.76
CA ALA H 145 -10.39 14.44 -29.51
C ALA H 145 -10.85 14.03 -28.12
N ALA H 146 -10.63 12.77 -27.75
CA ALA H 146 -11.11 12.23 -26.47
C ALA H 146 -10.47 12.99 -25.31
N GLY H 147 -9.15 13.19 -25.40
CA GLY H 147 -8.38 13.97 -24.40
C GLY H 147 -8.94 15.36 -24.17
N VAL H 148 -9.30 16.03 -25.24
CA VAL H 148 -9.81 17.39 -25.13
C VAL H 148 -11.22 17.44 -24.51
N VAL H 149 -12.05 16.42 -24.72
CA VAL H 149 -13.34 16.29 -24.05
C VAL H 149 -13.21 16.13 -22.53
N GLU H 150 -12.32 15.24 -22.11
CA GLU H 150 -11.92 15.19 -20.70
C GLU H 150 -11.71 16.60 -20.15
N LEU H 151 -10.89 17.42 -20.84
CA LEU H 151 -10.59 18.78 -20.37
C LEU H 151 -11.83 19.66 -20.25
N TYR H 152 -12.66 19.64 -21.32
CA TYR H 152 -13.97 20.29 -21.34
C TYR H 152 -14.74 19.98 -20.07
N GLY H 153 -14.88 18.67 -19.79
CA GLY H 153 -15.50 18.16 -18.58
C GLY H 153 -14.93 18.77 -17.32
N TYR H 154 -13.61 18.64 -17.12
CA TYR H 154 -12.93 19.18 -15.95
C TYR H 154 -13.19 20.66 -15.72
N ASN H 155 -13.10 21.46 -16.78
CA ASN H 155 -13.36 22.88 -16.68
C ASN H 155 -14.78 23.11 -16.15
N LEU H 156 -15.75 22.36 -16.64
CA LEU H 156 -17.15 22.50 -16.19
C LEU H 156 -17.28 22.18 -14.73
N GLN H 157 -16.60 21.12 -14.32
CA GLN H 157 -16.54 20.71 -12.92
C GLN H 157 -15.98 21.80 -12.01
N VAL H 158 -14.87 22.41 -12.44
CA VAL H 158 -14.23 23.46 -11.70
C VAL H 158 -15.16 24.66 -11.57
N ILE H 159 -15.79 25.07 -12.68
CA ILE H 159 -16.64 26.27 -12.67
C ILE H 159 -17.68 26.11 -11.58
N ARG H 160 -18.22 24.88 -11.51
CA ARG H 160 -19.32 24.57 -10.61
C ARG H 160 -18.89 24.57 -9.20
N ASN H 161 -17.71 24.00 -8.93
CA ASN H 161 -17.20 23.88 -7.55
C ASN H 161 -16.83 25.27 -7.07
N LEU H 162 -16.25 26.08 -7.92
CA LEU H 162 -15.87 27.42 -7.50
C LEU H 162 -17.10 28.22 -7.21
N ALA H 163 -18.12 28.05 -8.06
CA ALA H 163 -19.35 28.73 -7.94
C ALA H 163 -20.01 28.33 -6.61
N GLY H 164 -20.08 27.02 -6.34
CA GLY H 164 -20.68 26.49 -5.10
C GLY H 164 -20.03 27.00 -3.83
N ASP H 165 -18.69 27.09 -3.84
CA ASP H 165 -17.88 27.56 -2.72
C ASP H 165 -18.22 29.02 -2.41
N LEU H 166 -18.63 29.79 -3.42
CA LEU H 166 -18.98 31.21 -3.25
C LEU H 166 -20.45 31.44 -2.77
N GLY H 167 -21.28 30.40 -2.88
CA GLY H 167 -22.67 30.34 -2.38
C GLY H 167 -23.68 30.38 -3.51
N LYS H 168 -23.21 30.15 -4.75
CA LYS H 168 -23.99 30.47 -5.96
C LYS H 168 -24.21 29.22 -6.85
N SER H 169 -24.95 29.37 -7.96
CA SER H 169 -25.08 28.35 -8.97
C SER H 169 -24.29 28.66 -10.19
N VAL H 170 -24.25 27.65 -11.04
CA VAL H 170 -23.68 27.81 -12.35
C VAL H 170 -24.41 28.92 -13.09
N ALA H 171 -25.75 28.93 -12.98
CA ALA H 171 -26.63 29.94 -13.64
C ALA H 171 -26.12 31.30 -13.33
N ASP H 172 -26.02 31.61 -12.05
CA ASP H 172 -25.73 32.99 -11.71
C ASP H 172 -24.82 33.72 -12.78
N PHE H 173 -23.54 33.17 -12.84
CA PHE H 173 -22.79 33.25 -14.22
C PHE H 173 -23.27 32.37 -15.43
N THR I 3 -20.70 39.08 25.51
CA THR I 3 -20.11 37.64 25.53
C THR I 3 -19.34 37.32 26.81
N LYS I 4 -18.76 38.34 27.43
CA LYS I 4 -17.81 38.15 28.54
C LYS I 4 -18.51 37.77 29.85
N LEU I 5 -19.79 38.14 29.95
CA LEU I 5 -20.70 37.73 31.05
C LEU I 5 -21.66 36.54 30.78
N MET I 6 -21.85 36.16 29.51
CA MET I 6 -22.50 34.89 29.17
C MET I 6 -21.53 33.74 29.26
N ILE I 7 -20.23 34.08 29.18
CA ILE I 7 -19.12 33.11 29.27
C ILE I 7 -18.75 32.83 30.73
N ASP I 8 -18.89 33.83 31.60
CA ASP I 8 -18.52 33.69 33.02
C ASP I 8 -19.60 33.10 33.88
N GLU I 9 -20.88 33.26 33.45
CA GLU I 9 -22.02 32.68 34.16
C GLU I 9 -22.40 31.31 33.49
N LYS I 10 -21.91 31.04 32.26
CA LYS I 10 -21.93 29.68 31.67
C LYS I 10 -21.01 28.72 32.43
N TYR I 11 -19.93 29.27 32.97
CA TYR I 11 -18.93 28.53 33.79
C TYR I 11 -19.37 28.33 35.22
N ALA I 12 -20.14 29.31 35.74
CA ALA I 12 -20.67 29.24 37.10
C ALA I 12 -21.76 28.16 37.18
N LYS I 13 -22.51 27.94 36.09
CA LYS I 13 -23.57 26.89 36.02
C LYS I 13 -22.98 25.51 35.71
N GLU I 14 -21.84 25.49 35.00
CA GLU I 14 -21.11 24.25 34.72
C GLU I 14 -20.56 23.72 36.04
N LEU I 15 -20.08 24.61 36.90
CA LEU I 15 -19.56 24.23 38.23
C LEU I 15 -20.72 23.82 39.18
N ASP I 16 -21.93 24.32 38.94
CA ASP I 16 -23.14 23.98 39.75
C ASP I 16 -23.59 22.56 39.40
N LYS I 17 -23.89 22.35 38.11
CA LYS I 17 -24.21 21.05 37.51
C LYS I 17 -23.20 19.93 37.82
N ALA I 18 -21.90 20.25 37.80
CA ALA I 18 -20.83 19.26 37.96
C ALA I 18 -20.58 18.88 39.44
N GLU I 19 -21.05 19.68 40.37
CA GLU I 19 -20.95 19.38 41.82
C GLU I 19 -22.10 18.45 42.22
N ILE I 20 -23.28 18.77 41.76
CA ILE I 20 -24.49 17.93 41.92
C ILE I 20 -24.29 16.53 41.31
N ASP I 21 -23.74 16.44 40.10
CA ASP I 21 -23.43 15.19 39.39
C ASP I 21 -22.35 14.33 40.10
N HIS I 22 -21.30 14.91 40.68
CA HIS I 22 -20.28 14.11 41.41
C HIS I 22 -20.90 13.36 42.59
N HIS I 23 -22.06 13.79 43.06
CA HIS I 23 -22.64 13.27 44.30
C HIS I 23 -23.60 12.07 44.08
N LYS I 24 -24.47 12.14 43.06
CA LYS I 24 -25.27 10.96 42.64
C LYS I 24 -24.55 10.30 41.45
N PRO I 25 -23.38 9.70 41.66
CA PRO I 25 -22.32 9.66 40.62
C PRO I 25 -22.94 9.46 39.24
N THR I 26 -23.01 10.48 38.38
CA THR I 26 -23.47 10.27 36.98
C THR I 26 -22.32 9.62 36.23
N ALA I 27 -22.63 9.12 35.05
CA ALA I 27 -21.65 8.41 34.23
C ALA I 27 -20.58 9.43 33.85
N GLY I 28 -21.05 10.60 33.38
CA GLY I 28 -20.17 11.68 32.97
C GLY I 28 -19.20 12.19 34.02
N ALA I 29 -19.56 12.06 35.28
CA ALA I 29 -18.70 12.62 36.30
C ALA I 29 -17.72 11.56 36.74
N MET I 30 -18.09 10.27 36.67
CA MET I 30 -17.16 9.19 37.02
C MET I 30 -16.05 9.26 36.02
N LEU I 31 -16.43 9.32 34.74
CA LEU I 31 -15.48 9.41 33.63
C LEU I 31 -14.59 10.66 33.70
N GLY I 32 -14.94 11.59 34.53
CA GLY I 32 -14.12 12.73 34.76
C GLY I 32 -12.84 12.29 35.43
N HIS I 33 -12.92 11.39 36.41
CA HIS I 33 -11.72 10.77 36.99
C HIS I 33 -11.01 9.87 35.95
N VAL I 34 -11.77 9.14 35.16
CA VAL I 34 -11.21 8.25 34.13
C VAL I 34 -10.33 8.98 33.12
N LEU I 35 -10.83 10.09 32.63
CA LEU I 35 -10.13 10.90 31.64
C LEU I 35 -8.93 11.64 32.18
N SER I 36 -9.04 12.09 33.42
CA SER I 36 -7.97 12.79 34.08
C SER I 36 -6.88 11.81 34.34
N ASN I 37 -7.26 10.58 34.71
CA ASN I 37 -6.29 9.52 34.95
C ASN I 37 -5.56 9.20 33.66
N LEU I 38 -6.27 9.22 32.54
CA LEU I 38 -5.67 8.86 31.23
C LEU I 38 -4.59 9.83 30.90
N PHE I 39 -4.85 11.11 31.07
CA PHE I 39 -3.88 12.12 30.69
C PHE I 39 -2.70 12.16 31.64
N ILE I 40 -2.94 11.96 32.91
CA ILE I 40 -1.80 11.99 33.81
C ILE I 40 -1.00 10.75 33.54
N GLU I 41 -1.64 9.66 33.07
CA GLU I 41 -0.87 8.42 32.83
C GLU I 41 -0.01 8.59 31.60
N ASN I 42 -0.61 9.21 30.60
CA ASN I 42 0.09 9.69 29.42
C ASN I 42 1.39 10.43 29.71
N ILE I 43 1.42 11.20 30.80
CA ILE I 43 2.61 11.98 31.13
C ILE I 43 3.64 11.09 31.75
N ARG I 44 3.21 10.18 32.60
CA ARG I 44 4.12 9.26 33.20
C ARG I 44 4.74 8.34 32.19
N LEU I 45 3.91 7.83 31.27
CA LEU I 45 4.39 6.96 30.20
C LEU I 45 5.34 7.70 29.27
N THR I 46 5.10 8.99 29.04
CA THR I 46 6.03 9.84 28.29
C THR I 46 7.41 9.91 28.96
N GLN I 47 7.43 10.10 30.26
CA GLN I 47 8.65 10.17 31.05
C GLN I 47 9.38 8.83 30.94
N ALA I 48 8.68 7.75 31.18
CA ALA I 48 9.29 6.44 31.12
C ALA I 48 9.70 6.11 29.69
N GLY I 49 8.90 6.57 28.75
CA GLY I 49 9.21 6.30 27.36
C GLY I 49 10.52 6.94 26.93
N ILE I 50 10.93 8.01 27.62
CA ILE I 50 12.16 8.75 27.39
C ILE I 50 13.34 8.28 28.27
N TYR I 51 13.06 7.89 29.51
CA TYR I 51 14.16 7.63 30.46
C TYR I 51 14.54 6.15 30.66
N ALA I 52 13.60 5.24 30.59
CA ALA I 52 13.88 3.83 30.55
C ALA I 52 15.09 3.54 29.70
N LYS I 53 15.81 2.48 30.04
CA LYS I 53 17.09 2.20 29.40
C LYS I 53 16.87 1.35 28.15
N SER I 54 16.18 0.23 28.32
CA SER I 54 15.78 -0.66 27.22
C SER I 54 15.11 0.07 26.08
N PRO I 55 15.72 0.06 24.90
CA PRO I 55 15.08 0.57 23.68
C PRO I 55 13.71 -0.07 23.36
N VAL I 56 13.63 -1.37 23.53
CA VAL I 56 12.36 -2.12 23.40
C VAL I 56 11.28 -1.60 24.34
N LYS I 57 11.62 -1.38 25.60
CA LYS I 57 10.62 -0.88 26.54
C LYS I 57 10.21 0.54 26.24
N CYS I 58 11.16 1.41 25.93
CA CYS I 58 10.87 2.78 25.52
C CYS I 58 9.84 2.87 24.43
N GLU I 59 9.91 1.95 23.49
CA GLU I 59 9.02 1.90 22.34
C GLU I 59 7.59 1.45 22.72
N TYR I 60 7.51 0.34 23.46
CA TYR I 60 6.29 -0.14 24.03
C TYR I 60 5.63 0.94 24.92
N LEU I 61 6.39 1.67 25.72
CA LEU I 61 5.80 2.59 26.67
C LEU I 61 5.25 3.77 25.93
N ARG I 62 5.91 4.13 24.85
CA ARG I 62 5.45 5.20 23.99
C ARG I 62 4.22 4.83 23.27
N GLU I 63 4.03 3.55 22.95
CA GLU I 63 2.83 3.08 22.26
C GLU I 63 1.64 3.13 23.19
N ILE I 64 1.85 2.79 24.46
CA ILE I 64 0.80 2.85 25.45
C ILE I 64 0.43 4.32 25.71
N ALA I 65 1.40 5.22 25.77
CA ALA I 65 1.10 6.66 25.88
C ALA I 65 0.22 7.10 24.72
N GLN I 66 0.46 6.59 23.53
CA GLN I 66 -0.31 7.03 22.39
C GLN I 66 -1.76 6.58 22.54
N ARG I 67 -1.96 5.34 23.03
CA ARG I 67 -3.25 4.73 23.19
C ARG I 67 -4.04 5.46 24.26
N GLU I 68 -3.40 5.86 25.34
CA GLU I 68 -4.10 6.57 26.41
C GLU I 68 -4.73 7.85 25.85
N VAL I 69 -3.97 8.55 25.00
CA VAL I 69 -4.45 9.72 24.30
C VAL I 69 -5.56 9.39 23.31
N GLU I 70 -5.39 8.38 22.48
CA GLU I 70 -6.43 7.96 21.59
C GLU I 70 -7.71 7.71 22.36
N TYR I 71 -7.61 7.05 23.51
CA TYR I 71 -8.78 6.72 24.34
C TYR I 71 -9.35 7.95 25.03
N PHE I 72 -8.49 8.92 25.33
CA PHE I 72 -8.97 10.20 25.85
C PHE I 72 -9.84 10.90 24.79
N PHE I 73 -9.44 10.86 23.54
CA PHE I 73 -10.25 11.46 22.50
C PHE I 73 -11.46 10.63 22.18
N LYS I 74 -11.33 9.32 22.07
CA LYS I 74 -12.46 8.50 21.65
C LYS I 74 -13.61 8.73 22.63
N ILE I 75 -13.32 8.67 23.93
CA ILE I 75 -14.29 8.67 24.98
C ILE I 75 -14.84 10.07 25.28
N SER I 76 -13.98 11.09 25.10
CA SER I 76 -14.40 12.48 25.19
C SER I 76 -15.38 12.79 24.10
N ASP I 77 -15.14 12.25 22.92
CA ASP I 77 -16.06 12.40 21.78
C ASP I 77 -17.46 11.74 22.04
N LEU I 78 -17.47 10.63 22.76
CA LEU I 78 -18.69 9.87 23.01
C LEU I 78 -19.48 10.60 24.11
N LEU I 79 -18.80 11.16 25.12
CA LEU I 79 -19.45 12.02 26.10
C LEU I 79 -20.12 13.23 25.45
N LEU I 80 -19.39 14.01 24.64
CA LEU I 80 -19.97 15.16 23.95
C LEU I 80 -21.10 14.81 22.99
N ASP I 81 -20.95 13.76 22.21
CA ASP I 81 -22.01 13.29 21.33
C ASP I 81 -23.34 13.22 22.12
N GLU I 82 -23.22 12.72 23.36
CA GLU I 82 -24.29 12.44 24.30
C GLU I 82 -24.46 13.61 25.32
N ASN I 83 -24.19 14.83 24.88
CA ASN I 83 -24.27 16.07 25.73
C ASN I 83 -23.57 16.14 27.12
N GLU I 84 -22.63 15.27 27.44
CA GLU I 84 -21.84 15.51 28.63
C GLU I 84 -20.64 16.47 28.37
N ILE I 85 -19.91 16.76 29.44
CA ILE I 85 -18.80 17.68 29.46
C ILE I 85 -17.57 16.94 30.00
N VAL I 86 -16.39 17.50 29.78
CA VAL I 86 -15.14 16.78 29.86
C VAL I 86 -14.05 17.70 30.47
N PRO I 87 -13.23 17.20 31.40
CA PRO I 87 -12.10 18.00 31.86
C PRO I 87 -11.09 18.24 30.72
N SER I 88 -10.42 19.38 30.72
CA SER I 88 -9.67 19.87 29.56
C SER I 88 -8.51 20.81 29.93
N THR I 89 -8.09 20.81 31.18
CA THR I 89 -6.97 21.61 31.60
C THR I 89 -6.16 20.90 32.64
N THR I 90 -4.94 21.37 32.83
CA THR I 90 -4.05 20.79 33.83
C THR I 90 -4.64 20.81 35.20
N GLU I 91 -5.16 21.99 35.50
CA GLU I 91 -5.80 22.27 36.76
C GLU I 91 -6.87 21.23 37.05
N GLU I 92 -7.73 21.00 36.05
CA GLU I 92 -8.80 20.05 36.19
C GLU I 92 -8.32 18.60 36.22
N PHE I 93 -7.32 18.22 35.42
CA PHE I 93 -6.82 16.84 35.46
C PHE I 93 -6.24 16.60 36.84
N LEU I 94 -5.57 17.63 37.39
CA LEU I 94 -4.91 17.51 38.71
C LEU I 94 -5.92 17.47 39.84
N LYS I 95 -7.09 18.02 39.59
CA LYS I 95 -8.18 18.02 40.57
C LYS I 95 -8.76 16.60 40.74
N TYR I 96 -9.31 16.06 39.63
CA TYR I 96 -10.03 14.77 39.59
C TYR I 96 -9.18 13.52 39.51
N HIS I 97 -7.86 13.63 39.39
CA HIS I 97 -7.03 12.45 39.25
C HIS I 97 -6.76 11.81 40.58
N LYS I 98 -6.96 10.51 40.62
CA LYS I 98 -6.65 9.74 41.82
C LYS I 98 -5.64 8.61 41.53
N PHE I 99 -4.79 8.35 42.53
CA PHE I 99 -4.00 7.12 42.64
C PHE I 99 -2.67 7.11 41.93
N ILE I 100 -2.70 7.67 40.74
CA ILE I 100 -1.53 7.75 39.87
C ILE I 100 -0.71 8.93 40.35
N THR I 101 0.53 8.67 40.79
CA THR I 101 1.36 9.78 41.19
C THR I 101 2.68 9.88 40.43
N GLU I 102 2.87 11.09 39.91
CA GLU I 102 4.10 11.49 39.27
C GLU I 102 5.26 11.62 40.23
N ASP I 103 6.46 11.49 39.69
CA ASP I 103 7.69 11.58 40.45
C ASP I 103 8.82 11.92 39.45
N PRO I 104 9.33 13.15 39.50
CA PRO I 104 10.50 13.48 38.64
C PRO I 104 11.73 12.63 38.94
N LYS I 105 11.81 12.05 40.14
CA LYS I 105 12.89 11.14 40.51
C LYS I 105 12.81 9.78 39.78
N ALA I 106 11.70 9.49 39.11
CA ALA I 106 11.50 8.22 38.40
C ALA I 106 12.45 7.99 37.24
N LYS I 107 12.98 9.07 36.64
CA LYS I 107 14.04 8.96 35.67
C LYS I 107 15.25 8.23 36.19
N TYR I 108 15.46 8.21 37.50
CA TYR I 108 16.62 7.45 38.10
C TYR I 108 16.26 6.01 38.51
N TRP I 109 15.01 5.57 38.25
CA TRP I 109 14.56 4.23 38.59
C TRP I 109 15.09 3.18 37.61
N THR I 110 14.99 1.96 38.07
CA THR I 110 15.41 0.81 37.33
C THR I 110 14.24 0.57 36.35
N ASP I 111 14.43 -0.20 35.29
CA ASP I 111 13.33 -0.41 34.34
C ASP I 111 12.21 -1.21 34.98
N GLU I 112 12.60 -2.17 35.81
CA GLU I 112 11.66 -3.07 36.49
C GLU I 112 10.74 -2.32 37.42
N ASP I 113 11.28 -1.33 38.13
CA ASP I 113 10.48 -0.55 39.07
C ASP I 113 9.47 0.29 38.30
N LEU I 114 9.91 0.89 37.19
CA LEU I 114 9.00 1.62 36.30
C LEU I 114 7.85 0.71 35.87
N LEU I 115 8.14 -0.53 35.52
CA LEU I 115 7.14 -1.44 35.03
C LEU I 115 6.14 -1.76 36.10
N GLU I 116 6.64 -2.17 37.23
CA GLU I 116 5.89 -2.31 38.46
C GLU I 116 5.01 -1.14 38.76
N SER I 117 5.48 0.08 38.60
CA SER I 117 4.65 1.22 38.93
C SER I 117 3.47 1.39 37.96
N PHE I 118 3.62 0.87 36.72
CA PHE I 118 2.50 0.92 35.78
C PHE I 118 1.55 -0.22 36.01
N ILE I 119 2.01 -1.37 36.46
CA ILE I 119 1.03 -2.42 36.79
C ILE I 119 0.04 -1.90 37.82
N VAL I 120 0.56 -1.37 38.91
CA VAL I 120 -0.26 -0.77 39.98
C VAL I 120 -1.11 0.37 39.49
N ASP I 121 -0.55 1.32 38.73
CA ASP I 121 -1.32 2.44 38.16
C ASP I 121 -2.55 1.92 37.38
N PHE I 122 -2.41 0.86 36.60
CA PHE I 122 -3.42 0.43 35.65
C PHE I 122 -4.51 -0.39 36.34
N GLN I 123 -4.10 -1.15 37.36
CA GLN I 123 -5.08 -1.80 38.24
C GLN I 123 -5.96 -0.75 38.90
N ALA I 124 -5.37 0.38 39.27
CA ALA I 124 -6.10 1.46 39.89
C ALA I 124 -7.07 2.18 38.98
N GLN I 125 -6.71 2.36 37.73
CA GLN I 125 -7.62 3.04 36.80
C GLN I 125 -8.91 2.24 36.66
N ASN I 126 -8.80 0.93 36.76
CA ASN I 126 -9.94 0.02 36.58
C ASN I 126 -10.99 0.19 37.67
N MET I 127 -10.61 0.48 38.91
CA MET I 127 -11.62 0.79 39.91
C MET I 127 -12.62 1.77 39.38
N PHE I 128 -12.20 2.88 38.79
CA PHE I 128 -13.17 3.85 38.26
C PHE I 128 -13.81 3.49 36.93
N ILE I 129 -13.14 2.67 36.11
CA ILE I 129 -13.59 2.39 34.73
C ILE I 129 -14.80 1.45 34.77
N THR I 130 -14.58 0.41 35.57
CA THR I 130 -15.64 -0.47 36.09
C THR I 130 -16.91 0.24 36.49
N ARG I 131 -16.78 1.21 37.37
CA ARG I 131 -17.96 1.98 37.78
C ARG I 131 -18.59 2.75 36.66
N ALA I 132 -17.78 3.35 35.79
CA ALA I 132 -18.32 4.10 34.67
C ALA I 132 -19.08 3.22 33.64
N ILE I 133 -18.72 1.96 33.47
CA ILE I 133 -19.45 1.08 32.56
C ILE I 133 -20.85 0.90 33.05
N LYS I 134 -20.95 0.50 34.32
CA LYS I 134 -22.20 0.30 34.99
C LYS I 134 -23.05 1.52 34.94
N LEU I 135 -22.51 2.68 35.29
CA LEU I 135 -23.27 3.90 35.20
C LEU I 135 -23.68 4.26 33.77
N ALA I 136 -22.91 3.85 32.76
CA ALA I 136 -23.22 4.19 31.41
C ALA I 136 -24.36 3.36 30.86
N ASN I 137 -24.41 2.07 31.24
CA ASN I 137 -25.50 1.13 30.85
C ASN I 137 -26.77 1.55 31.60
N LYS I 138 -26.62 1.87 32.87
CA LYS I 138 -27.72 2.39 33.66
C LYS I 138 -28.34 3.55 32.94
N GLU I 139 -27.55 4.57 32.65
CA GLU I 139 -28.07 5.80 32.00
C GLU I 139 -28.47 5.62 30.56
N GLU I 140 -28.34 4.42 30.05
CA GLU I 140 -28.69 4.10 28.64
C GLU I 140 -27.88 4.87 27.60
N LYS I 141 -26.66 5.24 27.97
CA LYS I 141 -25.70 5.77 26.99
C LYS I 141 -24.94 4.56 26.41
N PHE I 142 -25.46 4.04 25.32
CA PHE I 142 -25.01 2.72 24.86
C PHE I 142 -23.64 2.74 24.21
N ALA I 143 -23.42 3.74 23.34
CA ALA I 143 -22.18 3.84 22.56
C ALA I 143 -20.99 4.13 23.47
N LEU I 144 -21.19 5.05 24.39
CA LEU I 144 -20.23 5.39 25.44
C LEU I 144 -19.80 4.16 26.21
N ALA I 145 -20.77 3.36 26.58
CA ALA I 145 -20.56 2.19 27.41
C ALA I 145 -19.62 1.20 26.68
N ALA I 146 -19.93 0.92 25.41
CA ALA I 146 -19.11 0.06 24.57
C ALA I 146 -17.67 0.60 24.58
N GLY I 147 -17.53 1.92 24.41
CA GLY I 147 -16.24 2.58 24.37
C GLY I 147 -15.44 2.30 25.60
N VAL I 148 -16.07 2.45 26.76
CA VAL I 148 -15.37 2.29 28.03
C VAL I 148 -15.12 0.83 28.28
N VAL I 149 -15.89 -0.08 27.69
CA VAL I 149 -15.59 -1.51 27.78
C VAL I 149 -14.28 -1.87 27.07
N GLU I 150 -14.00 -1.31 25.91
CA GLU I 150 -12.73 -1.48 25.22
C GLU I 150 -11.58 -1.00 26.08
N LEU I 151 -11.77 0.15 26.74
CA LEU I 151 -10.68 0.71 27.59
C LEU I 151 -10.30 -0.24 28.70
N TYR I 152 -11.34 -0.80 29.32
CA TYR I 152 -11.20 -1.76 30.41
C TYR I 152 -10.41 -2.99 29.98
N GLY I 153 -10.77 -3.52 28.80
CA GLY I 153 -10.06 -4.63 28.16
C GLY I 153 -8.60 -4.30 27.90
N TYR I 154 -8.39 -3.13 27.34
CA TYR I 154 -7.04 -2.71 27.00
C TYR I 154 -6.15 -2.73 28.25
N ASN I 155 -6.63 -2.08 29.31
CA ASN I 155 -5.89 -1.94 30.57
C ASN I 155 -5.50 -3.32 31.08
N LEU I 156 -6.42 -4.27 30.98
CA LEU I 156 -6.24 -5.62 31.49
C LEU I 156 -5.13 -6.32 30.73
N GLN I 157 -5.08 -6.14 29.43
CA GLN I 157 -4.01 -6.63 28.56
C GLN I 157 -2.61 -5.95 28.78
N VAL I 158 -2.56 -4.65 29.03
CA VAL I 158 -1.32 -3.96 29.44
C VAL I 158 -0.75 -4.50 30.75
N ILE I 159 -1.61 -4.65 31.77
CA ILE I 159 -1.23 -5.27 33.04
C ILE I 159 -0.59 -6.63 32.79
N ARG I 160 -1.24 -7.47 31.99
CA ARG I 160 -0.69 -8.81 31.79
C ARG I 160 0.64 -8.80 31.04
N ASN I 161 0.84 -7.89 30.07
CA ASN I 161 2.13 -7.86 29.35
C ASN I 161 3.23 -7.25 30.18
N LEU I 162 2.95 -6.17 30.90
CA LEU I 162 3.95 -5.63 31.80
C LEU I 162 4.41 -6.68 32.78
N ALA I 163 3.46 -7.43 33.31
CA ALA I 163 3.77 -8.41 34.34
C ALA I 163 4.65 -9.51 33.75
N GLY I 164 4.30 -9.92 32.54
CA GLY I 164 5.07 -10.96 31.85
C GLY I 164 6.49 -10.53 31.56
N ASP I 165 6.67 -9.24 31.28
CA ASP I 165 7.97 -8.76 30.88
C ASP I 165 8.85 -8.79 32.10
N LEU I 166 8.22 -8.76 33.25
CA LEU I 166 8.91 -8.88 34.53
C LEU I 166 9.10 -10.34 34.92
N GLY I 167 8.48 -11.26 34.20
CA GLY I 167 8.65 -12.67 34.44
C GLY I 167 7.67 -13.21 35.45
N LYS I 168 6.50 -12.60 35.55
CA LYS I 168 5.47 -13.05 36.45
C LYS I 168 4.12 -13.10 35.76
N SER I 169 3.26 -14.05 36.19
CA SER I 169 1.89 -14.11 35.74
C SER I 169 1.15 -13.10 36.58
N VAL I 170 -0.09 -12.83 36.19
CA VAL I 170 -0.84 -11.73 36.78
C VAL I 170 -1.28 -12.04 38.21
N ALA I 171 -1.47 -13.33 38.53
CA ALA I 171 -1.67 -13.78 39.94
C ALA I 171 -0.79 -13.09 40.86
N ASP I 172 0.50 -13.26 40.67
CA ASP I 172 1.32 -12.61 41.62
C ASP I 172 0.66 -11.17 42.00
N PHE I 173 0.46 -10.26 41.01
CA PHE I 173 -0.42 -9.00 41.20
C PHE I 173 -1.99 -9.07 41.30
N THR J 3 -23.27 -31.75 -26.74
CA THR J 3 -24.16 -31.38 -27.89
C THR J 3 -23.37 -31.51 -29.20
N LYS J 4 -23.33 -32.75 -29.72
CA LYS J 4 -22.43 -33.15 -30.82
C LYS J 4 -22.83 -32.78 -32.30
N LEU J 5 -24.01 -33.22 -32.71
CA LEU J 5 -24.53 -32.99 -34.09
C LEU J 5 -24.68 -31.47 -34.43
N MET J 6 -25.18 -30.72 -33.45
CA MET J 6 -25.49 -29.29 -33.56
C MET J 6 -24.29 -28.33 -33.43
N ILE J 7 -23.09 -28.84 -33.10
CA ILE J 7 -21.85 -28.03 -33.02
C ILE J 7 -21.27 -27.73 -34.38
N ASP J 8 -21.19 -28.75 -35.23
CA ASP J 8 -20.68 -28.57 -36.58
C ASP J 8 -21.59 -27.70 -37.41
N GLU J 9 -22.87 -27.74 -37.09
CA GLU J 9 -23.82 -26.90 -37.82
C GLU J 9 -23.76 -25.42 -37.39
N LYS J 10 -23.42 -25.18 -36.11
CA LYS J 10 -23.20 -23.82 -35.59
C LYS J 10 -21.87 -23.20 -36.07
N TYR J 11 -20.85 -24.04 -36.32
CA TYR J 11 -19.58 -23.63 -36.92
C TYR J 11 -19.72 -23.30 -38.42
N ALA J 12 -20.51 -24.07 -39.17
CA ALA J 12 -20.71 -23.85 -40.60
C ALA J 12 -21.63 -22.63 -40.85
N LYS J 13 -22.45 -22.24 -39.88
CA LYS J 13 -23.29 -21.04 -39.99
C LYS J 13 -22.55 -19.78 -39.50
N GLU J 14 -21.49 -19.99 -38.71
CA GLU J 14 -20.58 -18.91 -38.27
C GLU J 14 -19.68 -18.60 -39.45
N LEU J 15 -19.21 -19.63 -40.15
CA LEU J 15 -18.27 -19.50 -41.25
C LEU J 15 -18.92 -18.93 -42.49
N ASP J 16 -20.22 -19.20 -42.67
CA ASP J 16 -21.07 -18.59 -43.71
C ASP J 16 -21.20 -17.08 -43.48
N LYS J 17 -21.48 -16.70 -42.23
CA LYS J 17 -21.56 -15.30 -41.78
C LYS J 17 -20.18 -14.61 -41.70
N ALA J 18 -19.10 -15.38 -41.81
CA ALA J 18 -17.73 -14.91 -41.86
C ALA J 18 -17.48 -14.29 -43.23
N GLU J 19 -17.98 -14.93 -44.28
CA GLU J 19 -17.80 -14.39 -45.64
C GLU J 19 -18.72 -13.22 -45.93
N ILE J 20 -19.98 -13.29 -45.45
CA ILE J 20 -20.98 -12.23 -45.73
C ILE J 20 -20.67 -10.87 -45.06
N ASP J 21 -19.94 -10.92 -43.94
CA ASP J 21 -19.56 -9.73 -43.15
C ASP J 21 -18.22 -9.08 -43.54
N HIS J 22 -17.27 -9.84 -44.13
CA HIS J 22 -16.01 -9.24 -44.61
C HIS J 22 -16.22 -8.48 -45.92
N HIS J 23 -17.27 -8.79 -46.69
CA HIS J 23 -17.52 -8.14 -48.00
C HIS J 23 -18.35 -6.85 -47.89
N LYS J 24 -19.11 -6.63 -46.80
CA LYS J 24 -19.92 -5.38 -46.65
C LYS J 24 -19.42 -4.45 -45.53
N PRO J 25 -18.10 -4.39 -45.27
CA PRO J 25 -17.48 -4.28 -43.93
C PRO J 25 -18.42 -3.98 -42.71
N THR J 26 -18.49 -4.92 -41.77
CA THR J 26 -18.92 -4.63 -40.41
C THR J 26 -17.71 -4.37 -39.54
N ALA J 27 -17.90 -3.53 -38.54
CA ALA J 27 -16.97 -3.39 -37.44
C ALA J 27 -16.47 -4.75 -37.03
N GLY J 28 -17.40 -5.63 -36.63
CA GLY J 28 -17.09 -6.98 -36.21
C GLY J 28 -16.02 -7.66 -37.04
N ALA J 29 -16.17 -7.60 -38.35
CA ALA J 29 -15.31 -8.33 -39.27
C ALA J 29 -13.94 -7.66 -39.40
N MET J 30 -13.94 -6.34 -39.50
CA MET J 30 -12.75 -5.51 -39.48
C MET J 30 -11.87 -5.85 -38.29
N LEU J 31 -12.47 -5.84 -37.10
CA LEU J 31 -11.81 -6.12 -35.84
C LEU J 31 -11.21 -7.50 -35.78
N GLY J 32 -11.70 -8.42 -36.62
CA GLY J 32 -11.05 -9.70 -36.83
C GLY J 32 -9.58 -9.54 -37.23
N HIS J 33 -9.27 -8.56 -38.11
CA HIS J 33 -7.87 -8.32 -38.55
C HIS J 33 -7.11 -7.64 -37.43
N VAL J 34 -7.75 -6.66 -36.78
CA VAL J 34 -7.12 -5.92 -35.69
C VAL J 34 -6.71 -6.85 -34.53
N LEU J 35 -7.62 -7.74 -34.09
CA LEU J 35 -7.33 -8.70 -33.03
C LEU J 35 -6.30 -9.71 -33.43
N SER J 36 -6.26 -10.08 -34.68
CA SER J 36 -5.31 -11.06 -35.18
C SER J 36 -3.93 -10.43 -35.31
N ASN J 37 -3.93 -9.14 -35.54
CA ASN J 37 -2.73 -8.35 -35.66
C ASN J 37 -2.11 -8.18 -34.28
N LEU J 38 -2.91 -7.80 -33.27
CA LEU J 38 -2.48 -7.72 -31.87
C LEU J 38 -1.78 -8.99 -31.47
N PHE J 39 -2.48 -10.12 -31.64
CA PHE J 39 -1.88 -11.39 -31.21
C PHE J 39 -0.59 -11.80 -31.92
N ILE J 40 -0.40 -11.40 -33.17
CA ILE J 40 0.80 -11.81 -33.90
C ILE J 40 1.91 -10.79 -33.61
N GLU J 41 1.53 -9.55 -33.32
CA GLU J 41 2.48 -8.57 -32.80
C GLU J 41 3.03 -9.02 -31.46
N ASN J 42 2.13 -9.54 -30.60
CA ASN J 42 2.48 -10.05 -29.32
C ASN J 42 3.55 -11.11 -29.43
N ILE J 43 3.52 -11.91 -30.50
CA ILE J 43 4.54 -12.96 -30.65
C ILE J 43 5.84 -12.37 -31.08
N ARG J 44 5.82 -11.38 -31.97
CA ARG J 44 7.05 -10.73 -32.39
C ARG J 44 7.71 -10.01 -31.24
N LEU J 45 6.91 -9.24 -30.49
CA LEU J 45 7.44 -8.52 -29.30
C LEU J 45 7.99 -9.48 -28.26
N THR J 46 7.39 -10.65 -28.15
CA THR J 46 7.94 -11.71 -27.28
C THR J 46 9.34 -12.08 -27.72
N GLN J 47 9.50 -12.47 -28.97
CA GLN J 47 10.81 -12.74 -29.57
C GLN J 47 11.83 -11.62 -29.29
N ALA J 48 11.43 -10.39 -29.49
CA ALA J 48 12.33 -9.24 -29.40
C ALA J 48 12.62 -8.86 -27.94
N GLY J 49 11.70 -9.18 -27.01
CA GLY J 49 11.89 -8.96 -25.60
C GLY J 49 12.90 -9.94 -25.07
N ILE J 50 13.06 -11.07 -25.79
CA ILE J 50 13.94 -12.11 -25.37
C ILE J 50 15.31 -11.91 -25.94
N TYR J 51 15.34 -11.45 -27.18
CA TYR J 51 16.56 -11.60 -27.95
C TYR J 51 17.29 -10.29 -28.13
N ALA J 52 16.60 -9.16 -28.05
CA ALA J 52 17.29 -7.85 -28.04
C ALA J 52 18.44 -7.80 -27.06
N LYS J 53 19.34 -6.85 -27.25
CA LYS J 53 20.57 -6.87 -26.47
C LYS J 53 20.51 -6.02 -25.21
N SER J 54 20.04 -4.78 -25.27
CA SER J 54 19.97 -3.92 -24.08
C SER J 54 18.81 -4.37 -23.15
N PRO J 55 19.13 -4.53 -21.85
CA PRO J 55 18.13 -4.84 -20.83
C PRO J 55 16.96 -3.87 -20.87
N VAL J 56 17.27 -2.60 -20.98
CA VAL J 56 16.25 -1.55 -20.96
C VAL J 56 15.22 -1.71 -22.08
N LYS J 57 15.65 -2.24 -23.21
CA LYS J 57 14.74 -2.39 -24.35
C LYS J 57 14.02 -3.75 -24.30
N CYS J 58 14.62 -4.80 -23.76
CA CYS J 58 13.87 -6.02 -23.48
C CYS J 58 12.66 -5.77 -22.57
N GLU J 59 12.87 -4.91 -21.57
CA GLU J 59 11.83 -4.51 -20.63
C GLU J 59 10.67 -3.80 -21.29
N TYR J 60 11.01 -2.84 -22.14
CA TYR J 60 10.02 -2.02 -22.82
C TYR J 60 9.18 -2.80 -23.82
N LEU J 61 9.73 -3.81 -24.47
CA LEU J 61 9.06 -4.57 -25.51
C LEU J 61 8.16 -5.62 -24.94
N ARG J 62 8.64 -6.34 -23.92
CA ARG J 62 7.83 -7.17 -23.05
C ARG J 62 6.61 -6.46 -22.55
N GLU J 63 6.76 -5.17 -22.25
CA GLU J 63 5.66 -4.39 -21.72
C GLU J 63 4.70 -4.03 -22.80
N ILE J 64 5.20 -3.78 -24.01
CA ILE J 64 4.29 -3.56 -25.13
C ILE J 64 3.63 -4.91 -25.45
N ALA J 65 4.32 -6.01 -25.29
CA ALA J 65 3.70 -7.31 -25.51
C ALA J 65 2.46 -7.46 -24.63
N GLN J 66 2.62 -7.14 -23.35
CA GLN J 66 1.61 -7.28 -22.31
C GLN J 66 0.38 -6.54 -22.73
N ARG J 67 0.56 -5.31 -23.21
CA ARG J 67 -0.53 -4.40 -23.60
C ARG J 67 -1.26 -4.83 -24.86
N GLU J 68 -0.58 -5.52 -25.79
CA GLU J 68 -1.26 -6.05 -26.99
C GLU J 68 -2.26 -7.05 -26.53
N VAL J 69 -1.82 -7.98 -25.68
CA VAL J 69 -2.71 -8.93 -25.02
C VAL J 69 -3.80 -8.28 -24.15
N GLU J 70 -3.51 -7.18 -23.48
CA GLU J 70 -4.57 -6.57 -22.67
C GLU J 70 -5.67 -5.97 -23.54
N TYR J 71 -5.27 -5.41 -24.67
CA TYR J 71 -6.22 -4.85 -25.65
C TYR J 71 -6.98 -5.96 -26.37
N PHE J 72 -6.33 -7.09 -26.62
CA PHE J 72 -6.99 -8.26 -27.19
C PHE J 72 -8.19 -8.64 -26.34
N PHE J 73 -7.96 -8.83 -25.04
CA PHE J 73 -9.03 -9.24 -24.14
C PHE J 73 -10.02 -8.11 -24.01
N LYS J 74 -9.58 -6.86 -24.02
CA LYS J 74 -10.51 -5.78 -23.68
C LYS J 74 -11.47 -5.65 -24.82
N ILE J 75 -10.96 -5.70 -26.04
CA ILE J 75 -11.75 -5.52 -27.23
C ILE J 75 -12.58 -6.75 -27.55
N SER J 76 -12.02 -7.94 -27.38
CA SER J 76 -12.85 -9.14 -27.42
C SER J 76 -14.04 -9.02 -26.50
N ASP J 77 -13.83 -8.66 -25.24
CA ASP J 77 -14.96 -8.57 -24.32
C ASP J 77 -15.98 -7.56 -24.78
N LEU J 78 -15.51 -6.51 -25.43
CA LEU J 78 -16.36 -5.41 -25.91
C LEU J 78 -17.24 -5.81 -27.08
N LEU J 79 -16.65 -6.63 -27.96
CA LEU J 79 -17.34 -7.32 -29.06
C LEU J 79 -18.43 -8.24 -28.57
N LEU J 80 -18.07 -9.44 -28.09
CA LEU J 80 -18.99 -10.38 -27.39
C LEU J 80 -20.05 -9.72 -26.51
N ASP J 81 -19.74 -8.59 -25.91
CA ASP J 81 -20.75 -7.82 -25.18
C ASP J 81 -21.84 -7.32 -26.14
N GLU J 82 -21.42 -6.80 -27.29
CA GLU J 82 -22.29 -6.36 -28.38
C GLU J 82 -22.77 -7.49 -29.37
N ASN J 83 -22.37 -8.72 -29.08
CA ASN J 83 -22.90 -9.91 -29.70
C ASN J 83 -22.22 -10.39 -30.95
N GLU J 84 -20.97 -10.00 -31.10
CA GLU J 84 -20.23 -10.44 -32.27
C GLU J 84 -19.24 -11.52 -31.88
N ILE J 85 -18.39 -11.91 -32.83
CA ILE J 85 -17.56 -13.10 -32.65
C ILE J 85 -16.13 -12.72 -32.86
N VAL J 86 -15.22 -13.63 -32.53
CA VAL J 86 -13.85 -13.26 -32.32
C VAL J 86 -12.89 -14.41 -32.69
N PRO J 87 -11.85 -14.14 -33.47
CA PRO J 87 -10.81 -15.14 -33.71
C PRO J 87 -10.24 -15.67 -32.40
N SER J 88 -9.86 -16.94 -32.38
CA SER J 88 -9.39 -17.56 -31.15
C SER J 88 -8.43 -18.73 -31.32
N THR J 89 -7.80 -18.87 -32.48
CA THR J 89 -6.79 -19.90 -32.73
C THR J 89 -5.72 -19.41 -33.69
N THR J 90 -4.55 -20.06 -33.65
CA THR J 90 -3.44 -19.79 -34.54
C THR J 90 -3.83 -19.87 -36.02
N GLU J 91 -4.68 -20.81 -36.38
CA GLU J 91 -5.20 -20.91 -37.76
C GLU J 91 -5.88 -19.60 -38.17
N GLU J 92 -6.79 -19.08 -37.34
CA GLU J 92 -7.59 -17.90 -37.71
C GLU J 92 -6.76 -16.64 -37.71
N PHE J 93 -5.85 -16.52 -36.77
CA PHE J 93 -5.03 -15.32 -36.59
C PHE J 93 -4.18 -15.17 -37.82
N LEU J 94 -3.56 -16.28 -38.25
CA LEU J 94 -2.71 -16.32 -39.43
C LEU J 94 -3.45 -16.01 -40.72
N LYS J 95 -4.73 -16.36 -40.77
CA LYS J 95 -5.59 -16.09 -41.93
C LYS J 95 -5.94 -14.61 -42.04
N TYR J 96 -6.44 -14.02 -40.96
CA TYR J 96 -6.89 -12.62 -40.96
C TYR J 96 -5.80 -11.56 -40.70
N HIS J 97 -4.55 -12.00 -40.49
CA HIS J 97 -3.42 -11.10 -40.20
C HIS J 97 -2.83 -10.43 -41.43
N LYS J 98 -2.82 -9.09 -41.43
CA LYS J 98 -2.37 -8.32 -42.61
C LYS J 98 -1.14 -7.47 -42.25
N PHE J 99 -0.12 -7.58 -43.10
CA PHE J 99 1.06 -6.70 -43.17
C PHE J 99 2.21 -7.10 -42.20
N ILE J 100 1.85 -7.48 -41.00
CA ILE J 100 2.82 -7.95 -40.03
C ILE J 100 3.38 -9.30 -40.47
N THR J 101 4.66 -9.50 -40.26
CA THR J 101 5.28 -10.77 -40.67
C THR J 101 6.44 -11.13 -39.73
N GLU J 102 6.47 -12.39 -39.33
CA GLU J 102 7.54 -12.91 -38.46
C GLU J 102 8.70 -13.42 -39.27
N ASP J 103 9.83 -13.56 -38.61
CA ASP J 103 11.01 -14.09 -39.23
C ASP J 103 11.84 -14.68 -38.08
N PRO J 104 12.15 -15.99 -38.12
CA PRO J 104 13.03 -16.63 -37.14
C PRO J 104 14.43 -15.99 -37.05
N LYS J 105 14.85 -15.32 -38.13
CA LYS J 105 16.22 -14.72 -38.24
C LYS J 105 16.41 -13.47 -37.37
N ALA J 106 15.27 -12.89 -36.98
CA ALA J 106 15.22 -11.61 -36.25
C ALA J 106 15.97 -11.59 -34.87
N LYS J 107 16.13 -12.77 -34.28
CA LYS J 107 16.97 -12.97 -33.10
C LYS J 107 18.45 -12.59 -33.28
N TYR J 108 18.85 -12.36 -34.52
CA TYR J 108 20.20 -11.84 -34.81
C TYR J 108 20.21 -10.43 -35.36
N TRP J 109 19.04 -9.82 -35.64
CA TRP J 109 18.98 -8.41 -36.08
C TRP J 109 19.60 -7.55 -34.98
N THR J 110 19.97 -6.34 -35.37
CA THR J 110 20.44 -5.36 -34.43
C THR J 110 19.22 -4.75 -33.73
N ASP J 111 19.43 -4.21 -32.52
CA ASP J 111 18.31 -3.61 -31.77
C ASP J 111 17.66 -2.46 -32.52
N GLU J 112 18.41 -1.78 -33.42
CA GLU J 112 17.87 -0.66 -34.23
C GLU J 112 16.90 -1.20 -35.27
N ASP J 113 17.25 -2.32 -35.90
CA ASP J 113 16.46 -2.84 -37.00
C ASP J 113 15.22 -3.48 -36.48
N LEU J 114 15.23 -3.90 -35.19
CA LEU J 114 14.07 -4.50 -34.55
C LEU J 114 13.03 -3.46 -34.27
N LEU J 115 13.49 -2.39 -33.60
CA LEU J 115 12.66 -1.23 -33.29
C LEU J 115 12.00 -0.65 -34.54
N GLU J 116 12.70 -0.68 -35.66
CA GLU J 116 12.25 -0.01 -36.87
C GLU J 116 11.09 -0.79 -37.47
N SER J 117 11.25 -2.12 -37.56
CA SER J 117 10.16 -3.01 -37.97
C SER J 117 8.89 -2.85 -37.15
N PHE J 118 9.05 -2.49 -35.86
CA PHE J 118 7.89 -2.30 -34.99
C PHE J 118 7.18 -1.00 -35.27
N ILE J 119 7.91 0.02 -35.74
CA ILE J 119 7.26 1.27 -36.22
C ILE J 119 6.44 1.06 -37.51
N VAL J 120 6.97 0.28 -38.44
CA VAL J 120 6.23 -0.04 -39.64
C VAL J 120 5.00 -0.85 -39.29
N ASP J 121 5.14 -1.93 -38.51
CA ASP J 121 4.01 -2.77 -38.08
C ASP J 121 2.88 -1.93 -37.50
N PHE J 122 3.23 -1.02 -36.58
CA PHE J 122 2.20 -0.32 -35.80
C PHE J 122 1.49 0.71 -36.69
N GLN J 123 2.23 1.24 -37.67
CA GLN J 123 1.63 2.10 -38.71
C GLN J 123 0.58 1.28 -39.51
N ALA J 124 0.94 0.05 -39.83
CA ALA J 124 0.09 -0.88 -40.55
C ALA J 124 -1.13 -1.28 -39.73
N GLN J 125 -0.93 -1.58 -38.44
CA GLN J 125 -2.02 -1.90 -37.57
C GLN J 125 -3.03 -0.78 -37.61
N ASN J 126 -2.59 0.46 -37.79
CA ASN J 126 -3.43 1.62 -37.64
C ASN J 126 -4.38 1.92 -38.78
N MET J 127 -4.13 1.34 -39.98
CA MET J 127 -5.08 1.36 -41.12
C MET J 127 -6.40 0.69 -40.72
N PHE J 128 -6.31 -0.54 -40.19
CA PHE J 128 -7.48 -1.34 -39.82
C PHE J 128 -8.23 -0.81 -38.61
N ILE J 129 -7.50 -0.35 -37.57
CA ILE J 129 -8.12 0.26 -36.34
C ILE J 129 -8.91 1.51 -36.70
N THR J 130 -8.33 2.32 -37.60
CA THR J 130 -8.92 3.55 -38.10
C THR J 130 -10.33 3.36 -38.68
N ARG J 131 -10.47 2.32 -39.50
CA ARG J 131 -11.73 1.94 -40.13
C ARG J 131 -12.69 1.41 -39.12
N ALA J 132 -12.21 0.49 -38.29
CA ALA J 132 -12.98 -0.15 -37.23
C ALA J 132 -13.66 0.92 -36.43
N ILE J 133 -12.96 2.03 -36.14
CA ILE J 133 -13.59 3.12 -35.39
C ILE J 133 -14.76 3.62 -36.18
N LYS J 134 -14.52 4.00 -37.42
CA LYS J 134 -15.56 4.57 -38.30
C LYS J 134 -16.80 3.65 -38.42
N LEU J 135 -16.55 2.36 -38.65
CA LEU J 135 -17.61 1.36 -38.70
C LEU J 135 -18.43 1.24 -37.41
N ALA J 136 -17.70 1.23 -36.29
CA ALA J 136 -18.32 1.05 -34.97
C ALA J 136 -19.19 2.24 -34.59
N ASN J 137 -18.82 3.43 -35.01
CA ASN J 137 -19.68 4.59 -34.76
C ASN J 137 -20.98 4.52 -35.57
N LYS J 138 -20.85 4.07 -36.82
CA LYS J 138 -21.97 3.91 -37.73
C LYS J 138 -22.89 2.83 -37.19
N GLU J 139 -22.35 1.73 -36.66
CA GLU J 139 -23.18 0.61 -36.14
C GLU J 139 -23.82 0.93 -34.79
N GLU J 140 -23.54 2.12 -34.27
CA GLU J 140 -24.03 2.61 -32.94
C GLU J 140 -23.56 1.75 -31.70
N LYS J 141 -22.44 1.07 -31.89
CA LYS J 141 -21.70 0.37 -30.82
C LYS J 141 -20.76 1.37 -30.11
N PHE J 142 -21.26 2.05 -29.11
CA PHE J 142 -20.55 3.19 -28.54
C PHE J 142 -19.36 2.75 -27.70
N ALA J 143 -19.55 1.70 -26.91
CA ALA J 143 -18.53 1.28 -25.98
C ALA J 143 -17.38 0.66 -26.76
N LEU J 144 -17.71 -0.15 -27.76
CA LEU J 144 -16.69 -0.74 -28.58
C LEU J 144 -15.90 0.34 -29.30
N ALA J 145 -16.53 1.47 -29.57
CA ALA J 145 -15.90 2.57 -30.33
C ALA J 145 -14.76 3.10 -29.53
N ALA J 146 -15.10 3.61 -28.36
CA ALA J 146 -14.19 4.31 -27.43
C ALA J 146 -13.01 3.43 -27.03
N GLY J 147 -13.29 2.15 -26.85
CA GLY J 147 -12.26 1.15 -26.60
C GLY J 147 -11.30 1.11 -27.75
N VAL J 148 -11.78 1.21 -28.97
CA VAL J 148 -10.86 1.12 -30.10
C VAL J 148 -10.10 2.45 -30.31
N VAL J 149 -10.71 3.59 -29.97
CA VAL J 149 -10.02 4.88 -30.03
C VAL J 149 -8.78 4.85 -29.14
N GLU J 150 -8.94 4.28 -27.94
CA GLU J 150 -7.88 4.06 -26.97
C GLU J 150 -6.72 3.32 -27.62
N LEU J 151 -6.97 2.18 -28.24
CA LEU J 151 -5.91 1.42 -28.91
C LEU J 151 -5.27 2.18 -30.08
N TYR J 152 -6.02 3.13 -30.67
CA TYR J 152 -5.48 3.99 -31.71
C TYR J 152 -4.44 4.93 -31.10
N GLY J 153 -4.82 5.58 -30.03
CA GLY J 153 -3.98 6.47 -29.24
C GLY J 153 -2.71 5.81 -28.75
N TYR J 154 -2.85 4.59 -28.25
CA TYR J 154 -1.74 3.82 -27.74
C TYR J 154 -0.69 3.51 -28.81
N ASN J 155 -1.17 3.21 -30.05
CA ASN J 155 -0.29 2.83 -31.13
C ASN J 155 0.57 4.03 -31.51
N LEU J 156 -0.06 5.17 -31.75
CA LEU J 156 0.66 6.43 -32.02
C LEU J 156 1.81 6.68 -31.03
N GLN J 157 1.48 6.46 -29.76
CA GLN J 157 2.35 6.70 -28.62
C GLN J 157 3.53 5.76 -28.64
N VAL J 158 3.27 4.50 -28.96
CA VAL J 158 4.36 3.54 -29.14
C VAL J 158 5.26 3.97 -30.28
N ILE J 159 4.65 4.28 -31.44
CA ILE J 159 5.40 4.73 -32.64
C ILE J 159 6.39 5.84 -32.32
N ARG J 160 5.92 6.89 -31.63
CA ARG J 160 6.73 8.04 -31.33
C ARG J 160 7.81 7.72 -30.31
N ASN J 161 7.53 6.81 -29.39
CA ASN J 161 8.51 6.38 -28.42
C ASN J 161 9.61 5.55 -29.03
N LEU J 162 9.27 4.67 -29.97
CA LEU J 162 10.28 3.85 -30.64
C LEU J 162 11.12 4.71 -31.56
N ALA J 163 10.50 5.72 -32.20
CA ALA J 163 11.24 6.58 -33.13
C ALA J 163 12.21 7.37 -32.35
N GLY J 164 11.69 8.05 -31.34
CA GLY J 164 12.48 8.82 -30.40
C GLY J 164 13.69 8.09 -29.81
N ASP J 165 13.58 6.78 -29.69
CA ASP J 165 14.62 5.95 -29.07
C ASP J 165 15.76 5.73 -30.05
N LEU J 166 15.44 5.85 -31.35
CA LEU J 166 16.42 5.80 -32.46
C LEU J 166 16.93 7.18 -32.92
N GLY J 167 16.58 8.22 -32.17
CA GLY J 167 16.97 9.58 -32.55
C GLY J 167 15.97 10.35 -33.46
N LYS J 168 15.11 9.61 -34.13
CA LYS J 168 14.36 10.20 -35.24
C LYS J 168 13.05 10.79 -34.70
N SER J 169 12.27 11.39 -35.59
CA SER J 169 10.97 11.96 -35.22
C SER J 169 9.90 11.10 -35.84
N VAL J 170 8.64 11.36 -35.51
CA VAL J 170 7.49 10.71 -36.18
C VAL J 170 7.53 11.02 -37.68
N ALA J 171 8.02 12.20 -38.00
CA ALA J 171 8.22 12.61 -39.40
C ALA J 171 9.18 11.80 -40.16
N ASP J 172 10.30 11.56 -39.51
CA ASP J 172 11.24 10.80 -40.26
C ASP J 172 10.47 9.63 -40.99
N PHE J 173 9.67 8.84 -40.31
CA PHE J 173 8.59 8.00 -41.04
C PHE J 173 7.26 8.70 -41.43
N THR K 3 18.99 2.19 47.69
CA THR K 3 18.55 2.72 46.38
C THR K 3 17.68 3.98 46.53
N LYS K 4 16.69 3.99 47.42
CA LYS K 4 15.86 5.20 47.69
C LYS K 4 16.75 6.41 48.03
N LEU K 5 17.84 6.15 48.72
CA LEU K 5 18.83 7.18 49.06
C LEU K 5 19.65 7.74 47.93
N MET K 6 20.11 6.89 47.01
CA MET K 6 20.89 7.35 45.84
C MET K 6 19.98 8.02 44.86
N ILE K 7 18.76 7.54 44.74
CA ILE K 7 17.81 8.25 43.92
C ILE K 7 17.72 9.68 44.41
N ASP K 8 17.64 9.85 45.72
CA ASP K 8 17.52 11.15 46.33
C ASP K 8 18.77 11.96 46.09
N GLU K 9 19.93 11.32 46.20
CA GLU K 9 21.21 11.99 46.02
C GLU K 9 21.37 12.48 44.58
N LYS K 10 21.15 11.59 43.61
CA LYS K 10 21.17 11.99 42.20
C LYS K 10 20.26 13.15 41.90
N TYR K 11 19.06 13.17 42.47
CA TYR K 11 18.07 14.24 42.16
C TYR K 11 18.51 15.60 42.78
N ALA K 12 19.26 15.56 43.88
CA ALA K 12 19.82 16.76 44.52
C ALA K 12 20.88 17.35 43.60
N LYS K 13 21.80 16.52 43.11
CA LYS K 13 22.72 16.95 42.09
C LYS K 13 22.03 17.51 40.86
N GLU K 14 20.93 16.90 40.43
CA GLU K 14 20.21 17.38 39.27
C GLU K 14 19.71 18.78 39.47
N LEU K 15 19.22 19.03 40.68
CA LEU K 15 18.70 20.34 41.08
C LEU K 15 19.79 21.38 41.14
N ASP K 16 20.94 21.05 41.74
CA ASP K 16 22.11 21.94 41.68
C ASP K 16 22.43 22.27 40.22
N LYS K 17 22.49 21.25 39.38
CA LYS K 17 22.94 21.46 38.00
C LYS K 17 21.96 22.31 37.19
N ALA K 18 20.66 22.24 37.49
CA ALA K 18 19.67 22.98 36.70
C ALA K 18 19.69 24.50 37.00
N GLU K 19 19.75 24.87 38.29
CA GLU K 19 19.90 26.28 38.70
C GLU K 19 21.14 26.95 38.04
N ILE K 20 22.30 26.27 38.07
CA ILE K 20 23.53 26.75 37.44
C ILE K 20 23.28 26.88 35.95
N ASP K 21 22.73 25.85 35.33
CA ASP K 21 22.55 25.87 33.89
C ASP K 21 21.50 26.95 33.37
N HIS K 22 20.55 27.35 34.26
CA HIS K 22 19.53 28.31 33.89
C HIS K 22 19.99 29.80 33.85
N HIS K 23 21.08 30.22 34.54
CA HIS K 23 21.64 31.60 34.28
C HIS K 23 22.83 31.63 33.34
N LYS K 24 23.37 30.47 33.03
CA LYS K 24 24.45 30.39 32.07
C LYS K 24 23.99 30.64 30.64
N PRO K 25 22.67 30.85 30.45
CA PRO K 25 21.76 29.81 29.92
C PRO K 25 22.42 28.85 28.96
N THR K 26 22.42 27.58 29.26
CA THR K 26 22.75 26.53 28.28
C THR K 26 21.55 26.24 27.37
N ALA K 27 21.79 25.38 26.38
CA ALA K 27 20.80 25.05 25.39
C ALA K 27 19.72 24.14 26.01
N GLY K 28 20.17 23.21 26.83
CA GLY K 28 19.30 22.32 27.59
C GLY K 28 18.34 23.05 28.48
N ALA K 29 18.81 24.08 29.16
CA ALA K 29 17.95 24.85 30.05
C ALA K 29 16.90 25.59 29.25
N MET K 30 17.26 26.10 28.08
CA MET K 30 16.36 26.94 27.32
C MET K 30 15.35 26.02 26.69
N LEU K 31 15.80 24.81 26.34
CA LEU K 31 14.91 23.84 25.72
C LEU K 31 13.96 23.31 26.77
N GLY K 32 14.35 23.44 28.05
CA GLY K 32 13.48 23.25 29.20
C GLY K 32 12.20 24.03 29.08
N HIS K 33 12.31 25.31 28.79
CA HIS K 33 11.13 26.17 28.53
C HIS K 33 10.36 25.73 27.27
N VAL K 34 11.11 25.34 26.22
CA VAL K 34 10.47 25.00 24.92
C VAL K 34 9.66 23.76 25.04
N LEU K 35 10.23 22.75 25.70
CA LEU K 35 9.54 21.45 25.85
C LEU K 35 8.31 21.59 26.78
N SER K 36 8.46 22.33 27.86
CA SER K 36 7.32 22.60 28.71
C SER K 36 6.24 23.36 27.97
N ASN K 37 6.63 24.30 27.13
CA ASN K 37 5.65 25.00 26.34
C ASN K 37 4.94 24.07 25.39
N LEU K 38 5.66 23.16 24.76
CA LEU K 38 5.05 22.22 23.83
C LEU K 38 3.98 21.43 24.56
N PHE K 39 4.32 20.86 25.70
CA PHE K 39 3.37 20.00 26.38
C PHE K 39 2.14 20.75 26.81
N ILE K 40 2.31 21.95 27.34
CA ILE K 40 1.09 22.63 27.78
C ILE K 40 0.25 23.05 26.58
N GLU K 41 0.90 23.43 25.48
CA GLU K 41 0.18 23.77 24.28
C GLU K 41 -0.63 22.57 23.81
N ASN K 42 -0.06 21.39 23.98
CA ASN K 42 -0.74 20.16 23.69
C ASN K 42 -2.07 20.13 24.43
N ILE K 43 -2.06 20.29 25.75
CA ILE K 43 -3.27 20.37 26.54
C ILE K 43 -4.23 21.42 26.02
N ARG K 44 -3.71 22.55 25.59
CA ARG K 44 -4.57 23.60 25.04
C ARG K 44 -5.17 23.21 23.72
N LEU K 45 -4.45 22.45 22.91
CA LEU K 45 -4.96 22.10 21.57
C LEU K 45 -5.94 21.00 21.67
N THR K 46 -5.72 20.13 22.67
CA THR K 46 -6.60 19.03 22.97
C THR K 46 -7.97 19.61 23.37
N GLN K 47 -7.95 20.48 24.39
CA GLN K 47 -9.17 21.20 24.76
C GLN K 47 -9.89 21.76 23.51
N ALA K 48 -9.19 22.56 22.73
CA ALA K 48 -9.78 23.23 21.57
C ALA K 48 -10.25 22.24 20.48
N GLY K 49 -9.59 21.09 20.41
CA GLY K 49 -9.93 20.08 19.42
C GLY K 49 -11.17 19.30 19.81
N ILE K 50 -11.56 19.38 21.09
CA ILE K 50 -12.76 18.72 21.57
C ILE K 50 -13.95 19.65 21.50
N TYR K 51 -13.79 20.89 22.01
CA TYR K 51 -14.87 21.85 22.21
C TYR K 51 -15.14 22.87 21.08
N ALA K 52 -14.27 23.04 20.12
CA ALA K 52 -14.50 23.98 19.02
C ALA K 52 -15.67 23.50 18.16
N LYS K 53 -16.39 24.42 17.52
CA LYS K 53 -17.65 24.11 16.83
C LYS K 53 -17.34 23.47 15.48
N SER K 54 -16.61 24.17 14.60
CA SER K 54 -16.30 23.65 13.27
C SER K 54 -15.62 22.28 13.29
N PRO K 55 -16.23 21.27 12.67
CA PRO K 55 -15.55 19.95 12.61
C PRO K 55 -14.24 19.98 11.82
N VAL K 56 -14.13 20.78 10.78
CA VAL K 56 -12.88 20.95 10.05
C VAL K 56 -11.77 21.50 10.95
N LYS K 57 -12.12 22.39 11.85
CA LYS K 57 -11.11 23.00 12.74
C LYS K 57 -10.67 22.10 13.88
N CYS K 58 -11.58 21.25 14.35
CA CYS K 58 -11.29 20.26 15.39
C CYS K 58 -10.23 19.29 14.95
N GLU K 59 -10.40 18.80 13.73
CA GLU K 59 -9.50 17.83 13.15
C GLU K 59 -8.14 18.49 12.95
N TYR K 60 -8.15 19.72 12.44
CA TYR K 60 -6.94 20.52 12.30
C TYR K 60 -6.21 20.81 13.61
N LEU K 61 -6.92 21.01 14.72
CA LEU K 61 -6.32 21.37 16.01
C LEU K 61 -5.75 20.13 16.69
N ARG K 62 -6.37 19.00 16.41
CA ARG K 62 -5.93 17.72 16.94
C ARG K 62 -4.63 17.37 16.29
N GLU K 63 -4.59 17.64 14.98
CA GLU K 63 -3.44 17.39 14.15
C GLU K 63 -2.22 18.15 14.64
N ILE K 64 -2.38 19.42 14.98
CA ILE K 64 -1.34 20.25 15.63
C ILE K 64 -1.00 19.72 17.04
N ALA K 65 -1.98 19.22 17.79
CA ALA K 65 -1.70 18.66 19.11
C ALA K 65 -0.75 17.51 19.00
N GLN K 66 -0.94 16.70 17.96
CA GLN K 66 -0.10 15.52 17.74
C GLN K 66 1.30 15.90 17.42
N ARG K 67 1.46 16.96 16.58
CA ARG K 67 2.78 17.42 16.16
C ARG K 67 3.57 18.00 17.29
N GLU K 68 2.90 18.69 18.22
CA GLU K 68 3.56 19.19 19.44
C GLU K 68 4.20 18.04 20.20
N VAL K 69 3.44 16.98 20.41
CA VAL K 69 3.95 15.79 21.05
C VAL K 69 5.04 15.13 20.25
N GLU K 70 4.91 15.02 18.93
CA GLU K 70 5.96 14.35 18.16
C GLU K 70 7.26 15.06 18.36
N TYR K 71 7.21 16.37 18.25
CA TYR K 71 8.33 17.20 18.48
C TYR K 71 8.85 17.13 19.90
N PHE K 72 7.95 17.01 20.89
CA PHE K 72 8.38 16.87 22.30
C PHE K 72 9.30 15.67 22.45
N PHE K 73 8.99 14.60 21.78
CA PHE K 73 9.79 13.36 21.78
C PHE K 73 11.00 13.46 20.93
N LYS K 74 10.83 14.04 19.75
CA LYS K 74 11.92 14.15 18.79
C LYS K 74 13.10 14.89 19.44
N ILE K 75 12.81 16.07 19.99
CA ILE K 75 13.75 16.94 20.65
C ILE K 75 14.23 16.41 21.98
N SER K 76 13.34 15.81 22.76
CA SER K 76 13.78 15.17 23.99
C SER K 76 14.84 14.14 23.71
N ASP K 77 14.56 13.25 22.78
CA ASP K 77 15.54 12.25 22.30
C ASP K 77 16.82 12.89 21.77
N LEU K 78 16.71 14.06 21.16
CA LEU K 78 17.92 14.70 20.63
C LEU K 78 18.74 15.28 21.80
N LEU K 79 18.04 15.78 22.79
CA LEU K 79 18.69 16.25 24.00
C LEU K 79 19.32 15.11 24.76
N LEU K 80 18.63 14.00 24.97
CA LEU K 80 19.22 12.91 25.70
C LEU K 80 20.43 12.31 25.02
N ASP K 81 20.39 12.32 23.69
CA ASP K 81 21.47 11.80 22.88
C ASP K 81 22.74 12.59 23.20
N GLU K 82 22.56 13.85 23.55
CA GLU K 82 23.64 14.74 23.75
C GLU K 82 23.78 14.95 25.29
N ASN K 83 23.46 13.92 26.06
CA ASN K 83 23.53 13.87 27.53
C ASN K 83 22.97 15.11 28.28
N GLU K 84 21.80 15.57 27.87
CA GLU K 84 21.07 16.55 28.63
C GLU K 84 19.86 15.91 29.29
N ILE K 85 19.22 16.71 30.13
CA ILE K 85 18.08 16.34 30.93
C ILE K 85 16.82 17.01 30.40
N VAL K 86 15.68 16.44 30.75
CA VAL K 86 14.43 16.85 30.15
C VAL K 86 13.28 16.84 31.20
N PRO K 87 12.44 17.86 31.15
CA PRO K 87 11.25 17.90 32.02
C PRO K 87 10.30 16.77 31.71
N SER K 88 9.70 16.14 32.70
CA SER K 88 9.03 14.85 32.56
C SER K 88 7.76 14.77 33.43
N THR K 89 7.36 15.84 34.10
CA THR K 89 6.17 15.80 34.99
C THR K 89 5.37 17.07 34.89
N THR K 90 4.08 17.00 35.06
CA THR K 90 3.24 18.19 35.21
C THR K 90 3.83 19.29 36.07
N GLU K 91 4.41 18.91 37.20
CA GLU K 91 5.10 19.82 38.07
C GLU K 91 6.13 20.64 37.33
N GLU K 92 7.03 19.99 36.60
CA GLU K 92 8.11 20.68 35.91
C GLU K 92 7.60 21.47 34.71
N PHE K 93 6.49 21.07 34.11
CA PHE K 93 6.00 21.79 32.96
C PHE K 93 5.43 23.12 33.41
N LEU K 94 4.74 23.12 34.58
CA LEU K 94 4.05 24.32 35.10
C LEU K 94 5.09 25.33 35.47
N LYS K 95 6.09 24.87 36.19
CA LYS K 95 7.23 25.66 36.57
C LYS K 95 7.97 26.38 35.43
N TYR K 96 8.09 25.75 34.26
CA TYR K 96 9.02 26.17 33.21
C TYR K 96 8.34 26.75 31.98
N HIS K 97 7.05 26.48 31.80
CA HIS K 97 6.30 27.17 30.71
C HIS K 97 6.15 28.67 30.93
N LYS K 98 5.88 29.39 29.84
CA LYS K 98 5.85 30.85 29.83
C LYS K 98 4.81 31.37 28.81
N PHE K 99 3.98 32.33 29.24
CA PHE K 99 3.03 33.02 28.40
C PHE K 99 1.85 32.21 27.91
N ILE K 100 1.88 30.90 28.06
CA ILE K 100 0.75 30.09 27.66
C ILE K 100 -0.03 29.90 28.94
N THR K 101 -1.28 30.30 28.93
CA THR K 101 -2.14 30.03 30.06
C THR K 101 -3.38 29.29 29.63
N GLU K 102 -3.83 28.41 30.49
CA GLU K 102 -5.00 27.63 30.19
C GLU K 102 -6.18 28.33 30.81
N ASP K 103 -7.36 27.98 30.35
CA ASP K 103 -8.55 28.59 30.88
C ASP K 103 -9.68 27.61 30.81
N PRO K 104 -10.12 27.08 31.94
CA PRO K 104 -11.30 26.21 31.89
C PRO K 104 -12.46 26.87 31.09
N LYS K 105 -12.51 28.18 30.99
CA LYS K 105 -13.62 28.85 30.32
C LYS K 105 -13.56 28.81 28.80
N ALA K 106 -12.56 28.15 28.21
CA ALA K 106 -12.33 28.32 26.78
C ALA K 106 -13.20 27.41 25.92
N LYS K 107 -13.75 26.36 26.52
CA LYS K 107 -14.82 25.57 25.86
C LYS K 107 -16.02 26.37 25.35
N TYR K 108 -16.23 27.52 25.98
CA TYR K 108 -17.34 28.44 25.62
C TYR K 108 -16.93 29.58 24.68
N TRP K 109 -15.63 29.78 24.46
CA TRP K 109 -15.20 30.75 23.48
C TRP K 109 -15.70 30.35 22.13
N THR K 110 -15.58 31.32 21.27
CA THR K 110 -15.94 31.27 19.90
C THR K 110 -14.76 30.66 19.11
N ASP K 111 -14.98 30.11 17.92
CA ASP K 111 -13.87 29.52 17.15
C ASP K 111 -12.81 30.52 16.81
N GLU K 112 -13.23 31.74 16.41
CA GLU K 112 -12.30 32.79 16.05
C GLU K 112 -11.39 33.09 17.28
N ASP K 113 -11.96 33.16 18.48
CA ASP K 113 -11.20 33.54 19.67
C ASP K 113 -10.17 32.50 20.06
N LEU K 114 -10.43 31.23 19.76
CA LEU K 114 -9.47 30.14 20.00
C LEU K 114 -8.31 30.26 19.02
N LEU K 115 -8.65 30.31 17.73
CA LEU K 115 -7.63 30.55 16.72
C LEU K 115 -6.69 31.71 17.02
N GLU K 116 -7.22 32.84 17.43
CA GLU K 116 -6.39 33.99 17.78
C GLU K 116 -5.48 33.66 18.92
N SER K 117 -6.01 33.03 19.96
CA SER K 117 -5.21 32.70 21.14
C SER K 117 -4.05 31.78 20.79
N PHE K 118 -4.17 30.98 19.75
CA PHE K 118 -3.11 30.10 19.36
C PHE K 118 -2.07 30.82 18.55
N ILE K 119 -2.49 31.83 17.77
CA ILE K 119 -1.53 32.68 17.04
C ILE K 119 -0.60 33.43 17.97
N VAL K 120 -1.11 33.87 19.11
CA VAL K 120 -0.28 34.51 20.12
C VAL K 120 0.59 33.50 20.87
N ASP K 121 0.06 32.31 21.11
CA ASP K 121 0.81 31.26 21.84
C ASP K 121 2.03 30.75 21.07
N PHE K 122 1.91 30.68 19.76
CA PHE K 122 2.97 30.16 18.88
C PHE K 122 4.03 31.20 18.70
N GLN K 123 3.66 32.48 18.63
CA GLN K 123 4.61 33.61 18.58
C GLN K 123 5.41 33.68 19.89
N ALA K 124 4.71 33.49 20.99
CA ALA K 124 5.36 33.41 22.30
C ALA K 124 6.31 32.26 22.30
N GLN K 125 5.93 31.09 21.76
CA GLN K 125 6.78 29.89 21.73
C GLN K 125 8.09 30.16 20.99
N ASN K 126 8.02 30.96 19.93
CA ASN K 126 9.21 31.27 19.06
C ASN K 126 10.33 32.18 19.67
N MET K 127 10.03 32.92 20.73
CA MET K 127 11.06 33.66 21.46
C MET K 127 12.10 32.72 22.02
N PHE K 128 11.61 31.62 22.59
CA PHE K 128 12.46 30.60 23.19
C PHE K 128 13.14 29.71 22.21
N ILE K 129 12.44 29.36 21.12
CA ILE K 129 12.95 28.38 20.16
C ILE K 129 14.17 29.01 19.53
N THR K 130 13.99 30.25 19.10
CA THR K 130 15.01 31.12 18.55
C THR K 130 16.28 31.16 19.33
N ARG K 131 16.17 31.48 20.62
CA ARG K 131 17.32 31.51 21.48
C ARG K 131 17.94 30.14 21.62
N ALA K 132 17.15 29.08 21.54
CA ALA K 132 17.63 27.70 21.69
C ALA K 132 18.40 27.28 20.45
N ILE K 133 17.95 27.68 19.25
CA ILE K 133 18.70 27.39 18.03
C ILE K 133 20.09 28.01 18.19
N LYS K 134 20.16 29.27 18.61
CA LYS K 134 21.41 29.99 18.72
C LYS K 134 22.33 29.37 19.74
N LEU K 135 21.83 29.03 20.92
CA LEU K 135 22.61 28.28 21.92
C LEU K 135 23.01 26.89 21.40
N ALA K 136 22.17 26.21 20.65
CA ALA K 136 22.51 24.85 20.22
C ALA K 136 23.70 24.89 19.28
N ASN K 137 23.69 25.87 18.36
CA ASN K 137 24.86 26.11 17.50
C ASN K 137 26.13 26.52 18.22
N LYS K 138 26.02 27.42 19.21
CA LYS K 138 27.15 27.81 20.10
C LYS K 138 27.82 26.60 20.76
N GLU K 139 27.03 25.71 21.34
CA GLU K 139 27.58 24.53 22.03
C GLU K 139 27.98 23.42 21.04
N GLU K 140 27.82 23.68 19.78
CA GLU K 140 28.09 22.69 18.71
C GLU K 140 27.33 21.35 18.96
N LYS K 141 26.06 21.45 19.33
CA LYS K 141 25.18 20.32 19.33
C LYS K 141 24.39 20.27 18.01
N PHE K 142 25.06 19.79 16.96
CA PHE K 142 24.61 20.04 15.59
C PHE K 142 23.27 19.47 15.26
N ALA K 143 23.08 18.18 15.55
CA ALA K 143 21.79 17.55 15.26
C ALA K 143 20.70 18.21 16.07
N LEU K 144 20.97 18.55 17.31
CA LEU K 144 19.95 19.15 18.15
C LEU K 144 19.45 20.41 17.47
N ALA K 145 20.36 21.21 16.95
CA ALA K 145 20.04 22.47 16.36
C ALA K 145 19.16 22.33 15.11
N ALA K 146 19.48 21.39 14.22
CA ALA K 146 18.65 21.14 13.04
C ALA K 146 17.24 20.77 13.43
N GLY K 147 17.06 19.95 14.47
CA GLY K 147 15.73 19.59 14.93
C GLY K 147 14.97 20.83 15.43
N VAL K 148 15.65 21.73 16.09
CA VAL K 148 14.95 22.87 16.64
C VAL K 148 14.68 23.90 15.50
N VAL K 149 15.46 23.85 14.42
CA VAL K 149 15.19 24.69 13.26
C VAL K 149 13.84 24.27 12.66
N GLU K 150 13.60 22.97 12.59
CA GLU K 150 12.34 22.41 12.11
C GLU K 150 11.15 22.92 12.91
N LEU K 151 11.24 22.93 14.22
CA LEU K 151 10.11 23.30 15.08
C LEU K 151 9.84 24.78 14.88
N TYR K 152 10.90 25.54 14.70
CA TYR K 152 10.84 26.96 14.46
C TYR K 152 10.02 27.22 13.23
N GLY K 153 10.33 26.47 12.17
CA GLY K 153 9.63 26.55 10.90
C GLY K 153 8.17 26.07 10.95
N TYR K 154 7.92 24.95 11.65
CA TYR K 154 6.58 24.41 11.77
C TYR K 154 5.72 25.50 12.42
N ASN K 155 6.23 26.15 13.47
CA ASN K 155 5.50 27.16 14.25
C ASN K 155 5.09 28.29 13.30
N LEU K 156 5.99 28.71 12.43
CA LEU K 156 5.65 29.77 11.48
C LEU K 156 4.53 29.38 10.53
N GLN K 157 4.68 28.24 9.83
CA GLN K 157 3.64 27.59 9.02
C GLN K 157 2.26 27.66 9.69
N VAL K 158 2.22 27.30 10.97
CA VAL K 158 1.03 27.26 11.76
C VAL K 158 0.47 28.65 12.05
N ILE K 159 1.31 29.61 12.43
CA ILE K 159 0.82 31.00 12.57
C ILE K 159 0.18 31.55 11.26
N ARG K 160 0.84 31.30 10.14
CA ARG K 160 0.30 31.74 8.86
C ARG K 160 -0.99 31.05 8.53
N ASN K 161 -1.14 29.77 8.89
CA ASN K 161 -2.38 29.03 8.57
C ASN K 161 -3.52 29.50 9.46
N LEU K 162 -3.30 29.67 10.76
CA LEU K 162 -4.38 30.12 11.65
C LEU K 162 -4.87 31.55 11.26
N ALA K 163 -3.95 32.40 10.85
CA ALA K 163 -4.23 33.76 10.43
C ALA K 163 -4.97 33.78 9.10
N GLY K 164 -4.58 32.95 8.15
CA GLY K 164 -5.34 32.76 6.93
C GLY K 164 -6.80 32.36 7.14
N ASP K 165 -7.03 31.43 8.07
CA ASP K 165 -8.37 30.95 8.40
C ASP K 165 -9.24 32.11 8.94
N LEU K 166 -8.71 32.98 9.78
CA LEU K 166 -9.46 34.07 10.38
C LEU K 166 -9.69 35.23 9.39
N GLY K 167 -9.23 35.06 8.16
CA GLY K 167 -9.41 36.02 7.09
C GLY K 167 -8.17 36.89 6.85
N LYS K 168 -7.34 36.98 7.89
CA LYS K 168 -6.26 37.97 7.96
C LYS K 168 -4.93 37.53 7.26
N SER K 169 -3.89 38.34 7.42
CA SER K 169 -2.52 38.04 7.00
C SER K 169 -1.66 37.96 8.22
N VAL K 170 -0.43 37.49 8.01
CA VAL K 170 0.48 37.34 9.16
C VAL K 170 0.75 38.76 9.75
N ALA K 171 0.88 39.73 8.81
CA ALA K 171 1.19 41.15 9.12
C ALA K 171 0.13 41.61 10.06
N ASP K 172 -1.14 41.43 9.77
CA ASP K 172 -2.08 41.94 10.76
C ASP K 172 -1.73 41.75 12.27
N PHE K 173 -1.88 40.35 12.69
CA PHE K 173 -0.45 39.91 13.60
C PHE K 173 1.14 40.21 13.36
N THR L 3 24.90 -7.08 -42.90
CA THR L 3 25.37 -8.51 -42.71
C THR L 3 24.24 -9.50 -43.06
N LYS L 4 23.82 -9.50 -44.33
CA LYS L 4 22.83 -10.47 -44.87
C LYS L 4 23.55 -11.77 -45.40
N LEU L 5 24.86 -11.86 -45.21
CA LEU L 5 25.68 -13.09 -45.47
C LEU L 5 26.35 -13.63 -44.15
N MET L 6 26.30 -12.88 -43.02
CA MET L 6 26.67 -13.33 -41.64
C MET L 6 25.42 -13.56 -40.71
N ILE L 7 24.28 -12.92 -40.99
CA ILE L 7 22.99 -13.29 -40.37
C ILE L 7 22.59 -14.68 -40.78
N ASP L 8 22.63 -14.92 -42.09
CA ASP L 8 22.23 -16.17 -42.67
C ASP L 8 23.25 -17.29 -42.44
N GLU L 9 24.52 -16.96 -42.11
CA GLU L 9 25.49 -17.92 -41.59
C GLU L 9 25.24 -18.31 -40.13
N LYS L 10 24.35 -17.59 -39.46
CA LYS L 10 23.98 -17.98 -38.10
C LYS L 10 22.58 -18.67 -38.05
N TYR L 11 21.70 -18.38 -39.00
CA TYR L 11 20.41 -19.15 -39.09
C TYR L 11 20.67 -20.52 -39.71
N ALA L 12 21.77 -20.62 -40.47
CA ALA L 12 22.20 -21.92 -40.99
C ALA L 12 22.94 -22.68 -39.90
N LYS L 13 23.88 -21.99 -39.23
CA LYS L 13 24.71 -22.65 -38.20
C LYS L 13 23.95 -22.91 -36.89
N GLU L 14 22.77 -22.29 -36.72
CA GLU L 14 21.86 -22.60 -35.62
C GLU L 14 21.08 -23.85 -35.98
N LEU L 15 20.27 -23.79 -37.06
CA LEU L 15 19.46 -24.91 -37.54
C LEU L 15 20.26 -26.20 -37.60
N ASP L 16 21.56 -26.13 -37.91
CA ASP L 16 22.46 -27.29 -37.97
C ASP L 16 22.58 -27.90 -36.58
N LYS L 17 23.01 -27.09 -35.60
CA LYS L 17 23.12 -27.46 -34.19
C LYS L 17 21.75 -27.75 -33.53
N ALA L 18 20.65 -27.23 -34.09
CA ALA L 18 19.29 -27.49 -33.59
C ALA L 18 18.90 -28.91 -33.94
N GLU L 19 19.36 -29.38 -35.11
CA GLU L 19 19.14 -30.77 -35.55
C GLU L 19 19.93 -31.79 -34.74
N ILE L 20 21.22 -31.51 -34.49
CA ILE L 20 22.10 -32.38 -33.70
C ILE L 20 21.55 -32.63 -32.31
N ASP L 21 20.93 -31.58 -31.75
CA ASP L 21 20.60 -31.52 -30.35
C ASP L 21 19.31 -32.24 -29.96
N HIS L 22 18.33 -32.37 -30.88
CA HIS L 22 17.12 -33.20 -30.59
C HIS L 22 17.37 -34.71 -30.62
N HIS L 23 18.60 -35.14 -30.97
CA HIS L 23 18.94 -36.60 -31.09
C HIS L 23 19.51 -37.30 -29.82
N LYS L 24 20.37 -36.62 -29.04
CA LYS L 24 20.85 -37.18 -27.75
C LYS L 24 20.26 -36.39 -26.59
N PRO L 25 18.95 -36.15 -26.66
CA PRO L 25 18.32 -34.84 -26.43
C PRO L 25 19.06 -33.97 -25.40
N THR L 26 19.37 -32.72 -25.72
CA THR L 26 19.75 -31.75 -24.70
C THR L 26 18.54 -31.21 -23.95
N ALA L 27 18.80 -30.55 -22.83
CA ALA L 27 17.75 -29.91 -22.07
C ALA L 27 17.19 -28.77 -22.90
N GLY L 28 18.08 -28.02 -23.56
CA GLY L 28 17.64 -26.93 -24.41
C GLY L 28 16.69 -27.36 -25.50
N ALA L 29 16.94 -28.57 -26.02
CA ALA L 29 16.10 -29.18 -27.05
C ALA L 29 14.72 -29.54 -26.52
N MET L 30 14.72 -30.33 -25.44
CA MET L 30 13.52 -30.80 -24.83
C MET L 30 12.67 -29.62 -24.45
N LEU L 31 13.30 -28.54 -24.01
CA LEU L 31 12.60 -27.35 -23.55
C LEU L 31 12.01 -26.57 -24.72
N GLY L 32 12.43 -26.91 -25.96
CA GLY L 32 11.85 -26.34 -27.17
C GLY L 32 10.38 -26.69 -27.28
N HIS L 33 10.07 -27.96 -26.95
CA HIS L 33 8.68 -28.48 -26.91
C HIS L 33 7.94 -27.83 -25.74
N VAL L 34 8.60 -27.77 -24.57
CA VAL L 34 7.98 -27.22 -23.36
C VAL L 34 7.51 -25.83 -23.62
N LEU L 35 8.42 -25.01 -24.16
CA LEU L 35 8.14 -23.63 -24.39
C LEU L 35 7.09 -23.50 -25.43
N SER L 36 7.12 -24.36 -26.44
CA SER L 36 6.11 -24.25 -27.50
C SER L 36 4.75 -24.65 -27.02
N ASN L 37 4.66 -25.66 -26.17
CA ASN L 37 3.38 -26.08 -25.60
C ASN L 37 2.79 -24.97 -24.78
N LEU L 38 3.63 -24.18 -24.11
CA LEU L 38 3.16 -23.10 -23.27
C LEU L 38 2.46 -22.08 -24.16
N PHE L 39 3.09 -21.68 -25.25
CA PHE L 39 2.52 -20.61 -26.06
C PHE L 39 1.24 -21.03 -26.68
N ILE L 40 1.21 -22.21 -27.26
CA ILE L 40 -0.03 -22.74 -27.82
C ILE L 40 -1.14 -22.94 -26.77
N GLU L 41 -0.74 -23.47 -25.60
CA GLU L 41 -1.67 -23.61 -24.49
C GLU L 41 -2.27 -22.29 -24.06
N ASN L 42 -1.45 -21.23 -24.07
CA ASN L 42 -1.90 -19.90 -23.71
C ASN L 42 -2.95 -19.41 -24.69
N ILE L 43 -2.84 -19.83 -25.94
CA ILE L 43 -3.84 -19.47 -26.97
C ILE L 43 -5.11 -20.18 -26.64
N ARG L 44 -4.99 -21.50 -26.48
CA ARG L 44 -6.15 -22.28 -26.07
C ARG L 44 -6.87 -21.65 -24.89
N LEU L 45 -6.08 -21.18 -23.92
CA LEU L 45 -6.64 -20.64 -22.68
C LEU L 45 -7.30 -19.30 -22.96
N THR L 46 -6.76 -18.53 -23.87
CA THR L 46 -7.38 -17.26 -24.28
C THR L 46 -8.75 -17.49 -24.89
N GLN L 47 -8.80 -18.39 -25.89
CA GLN L 47 -10.03 -18.93 -26.48
C GLN L 47 -11.01 -19.24 -25.34
N ALA L 48 -10.64 -20.20 -24.50
CA ALA L 48 -11.57 -20.64 -23.42
C ALA L 48 -11.94 -19.52 -22.39
N GLY L 49 -11.01 -18.57 -22.18
CA GLY L 49 -11.23 -17.53 -21.21
C GLY L 49 -12.20 -16.47 -21.72
N ILE L 50 -12.27 -16.33 -23.06
CA ILE L 50 -13.19 -15.42 -23.71
C ILE L 50 -14.57 -16.05 -23.76
N TYR L 51 -14.59 -17.31 -24.24
CA TYR L 51 -15.77 -17.97 -24.80
C TYR L 51 -16.60 -18.77 -23.80
N ALA L 52 -15.95 -19.50 -22.89
CA ALA L 52 -16.61 -20.09 -21.70
C ALA L 52 -17.67 -19.14 -21.11
N LYS L 53 -18.69 -19.68 -20.46
CA LYS L 53 -19.90 -18.92 -20.08
C LYS L 53 -19.78 -18.37 -18.66
N SER L 54 -19.33 -19.21 -17.74
CA SER L 54 -19.21 -18.91 -16.32
C SER L 54 -18.20 -17.82 -16.17
N PRO L 55 -18.57 -16.66 -15.62
CA PRO L 55 -17.60 -15.58 -15.42
C PRO L 55 -16.40 -16.04 -14.56
N VAL L 56 -16.68 -16.81 -13.50
CA VAL L 56 -15.66 -17.30 -12.61
C VAL L 56 -14.68 -18.19 -13.34
N LYS L 57 -15.16 -19.01 -14.27
CA LYS L 57 -14.26 -19.89 -15.03
C LYS L 57 -13.45 -19.12 -16.10
N CYS L 58 -14.05 -18.07 -16.68
CA CYS L 58 -13.31 -17.11 -17.53
C CYS L 58 -12.12 -16.46 -16.82
N GLU L 59 -12.38 -15.86 -15.66
CA GLU L 59 -11.35 -15.25 -14.78
C GLU L 59 -10.22 -16.19 -14.47
N TYR L 60 -10.56 -17.44 -14.21
CA TYR L 60 -9.61 -18.45 -13.80
C TYR L 60 -8.74 -18.94 -14.95
N LEU L 61 -9.33 -19.15 -16.13
CA LEU L 61 -8.56 -19.61 -17.27
C LEU L 61 -7.71 -18.50 -17.87
N ARG L 62 -8.13 -17.25 -17.64
CA ARG L 62 -7.33 -16.10 -18.02
C ARG L 62 -6.08 -16.03 -17.17
N GLU L 63 -6.22 -16.31 -15.87
CA GLU L 63 -5.08 -16.33 -14.98
C GLU L 63 -4.10 -17.41 -15.33
N ILE L 64 -4.58 -18.56 -15.76
CA ILE L 64 -3.68 -19.65 -16.17
C ILE L 64 -2.95 -19.32 -17.49
N ALA L 65 -3.66 -18.66 -18.43
CA ALA L 65 -3.01 -18.06 -19.62
C ALA L 65 -1.84 -17.15 -19.26
N GLN L 66 -2.09 -16.21 -18.37
CA GLN L 66 -1.06 -15.28 -17.91
C GLN L 66 0.18 -15.99 -17.33
N ARG L 67 -0.05 -17.01 -16.52
CA ARG L 67 1.03 -17.78 -15.92
C ARG L 67 1.77 -18.64 -16.92
N GLU L 68 1.12 -19.03 -18.01
CA GLU L 68 1.77 -19.86 -19.01
C GLU L 68 2.72 -18.93 -19.76
N VAL L 69 2.30 -17.71 -20.00
CA VAL L 69 3.20 -16.67 -20.57
C VAL L 69 4.34 -16.35 -19.63
N GLU L 70 4.07 -16.18 -18.33
CA GLU L 70 5.10 -15.86 -17.34
C GLU L 70 6.17 -16.97 -17.29
N TYR L 71 5.74 -18.22 -17.32
CA TYR L 71 6.68 -19.33 -17.37
C TYR L 71 7.41 -19.29 -18.69
N PHE L 72 6.74 -18.88 -19.78
CA PHE L 72 7.43 -18.75 -21.03
C PHE L 72 8.66 -17.81 -20.91
N PHE L 73 8.45 -16.63 -20.35
CA PHE L 73 9.53 -15.66 -20.20
C PHE L 73 10.56 -16.10 -19.16
N LYS L 74 10.10 -16.75 -18.10
CA LYS L 74 10.98 -17.09 -17.03
C LYS L 74 11.94 -18.13 -17.53
N ILE L 75 11.43 -19.15 -18.20
CA ILE L 75 12.22 -20.30 -18.63
C ILE L 75 13.08 -19.94 -19.84
N SER L 76 12.56 -19.08 -20.74
CA SER L 76 13.36 -18.60 -21.88
C SER L 76 14.58 -17.93 -21.30
N ASP L 77 14.33 -16.98 -20.39
CA ASP L 77 15.38 -16.24 -19.70
C ASP L 77 16.41 -17.18 -19.08
N LEU L 78 15.97 -18.16 -18.34
CA LEU L 78 16.88 -19.07 -17.71
C LEU L 78 17.73 -19.81 -18.73
N LEU L 79 17.14 -20.19 -19.86
CA LEU L 79 17.86 -20.81 -20.98
C LEU L 79 18.93 -19.92 -21.58
N LEU L 80 18.58 -18.71 -21.98
CA LEU L 80 19.54 -17.75 -22.55
C LEU L 80 20.69 -17.38 -21.61
N ASP L 81 20.49 -17.51 -20.31
CA ASP L 81 21.54 -17.24 -19.34
C ASP L 81 22.57 -18.32 -19.44
N GLU L 82 22.07 -19.52 -19.72
CA GLU L 82 22.81 -20.79 -19.82
C GLU L 82 23.39 -20.94 -21.27
N ASN L 83 22.98 -20.02 -22.17
CA ASN L 83 23.49 -19.86 -23.56
C ASN L 83 22.81 -20.77 -24.56
N GLU L 84 21.58 -21.13 -24.30
CA GLU L 84 20.80 -21.91 -25.21
C GLU L 84 19.78 -21.00 -25.90
N ILE L 85 18.95 -21.61 -26.73
CA ILE L 85 18.15 -20.90 -27.72
C ILE L 85 16.72 -21.39 -27.67
N VAL L 86 15.84 -20.55 -28.19
CA VAL L 86 14.45 -20.56 -27.81
C VAL L 86 13.57 -20.32 -29.06
N PRO L 87 12.51 -21.09 -29.23
CA PRO L 87 11.47 -20.76 -30.22
C PRO L 87 10.87 -19.36 -30.05
N SER L 88 10.64 -18.62 -31.13
CA SER L 88 10.24 -17.21 -31.08
C SER L 88 9.13 -16.78 -32.06
N THR L 89 8.72 -17.73 -32.92
CA THR L 89 7.69 -17.45 -33.96
C THR L 89 6.60 -18.49 -34.01
N THR L 90 5.39 -18.10 -34.49
CA THR L 90 4.28 -19.02 -34.73
C THR L 90 4.75 -20.27 -35.47
N GLU L 91 5.58 -20.06 -36.48
CA GLU L 91 6.12 -21.13 -37.30
C GLU L 91 6.74 -22.21 -36.42
N GLU L 92 7.73 -21.81 -35.60
CA GLU L 92 8.46 -22.76 -34.72
C GLU L 92 7.58 -23.42 -33.63
N PHE L 93 6.61 -22.67 -33.10
CA PHE L 93 5.78 -23.19 -32.04
C PHE L 93 4.97 -24.35 -32.64
N LEU L 94 4.61 -24.27 -33.92
CA LEU L 94 3.86 -25.31 -34.61
C LEU L 94 4.72 -26.54 -34.87
N LYS L 95 5.92 -26.31 -35.37
CA LYS L 95 6.88 -27.39 -35.55
C LYS L 95 7.15 -28.16 -34.27
N TYR L 96 7.15 -27.47 -33.12
CA TYR L 96 7.65 -28.05 -31.85
C TYR L 96 6.56 -28.51 -30.88
N HIS L 97 5.36 -27.98 -30.97
CA HIS L 97 4.24 -28.39 -30.08
C HIS L 97 3.88 -29.84 -30.29
N LYS L 98 3.58 -30.49 -29.19
CA LYS L 98 3.24 -31.93 -29.16
C LYS L 98 2.02 -32.23 -28.25
N PHE L 99 1.02 -32.89 -28.81
CA PHE L 99 -0.14 -33.44 -28.13
C PHE L 99 -1.23 -32.37 -27.83
N ILE L 100 -0.87 -31.11 -27.79
CA ILE L 100 -1.87 -30.05 -27.61
C ILE L 100 -2.46 -29.71 -28.97
N THR L 101 -3.78 -29.84 -29.09
CA THR L 101 -4.43 -29.52 -30.36
C THR L 101 -5.46 -28.39 -30.19
N GLU L 102 -5.48 -27.42 -31.12
CA GLU L 102 -6.44 -26.32 -31.08
C GLU L 102 -7.72 -26.71 -31.78
N ASP L 103 -8.68 -25.80 -31.84
CA ASP L 103 -9.97 -26.09 -32.43
C ASP L 103 -10.86 -24.86 -32.41
N PRO L 104 -11.13 -24.27 -33.59
CA PRO L 104 -12.12 -23.17 -33.66
C PRO L 104 -13.48 -23.55 -33.08
N LYS L 105 -13.87 -24.84 -33.27
CA LYS L 105 -15.19 -25.35 -32.88
C LYS L 105 -15.40 -25.32 -31.37
N ALA L 106 -14.29 -25.23 -30.63
CA ALA L 106 -14.34 -25.24 -29.17
C ALA L 106 -14.95 -24.03 -28.50
N LYS L 107 -15.31 -22.97 -29.23
CA LYS L 107 -16.04 -21.86 -28.64
C LYS L 107 -17.50 -22.24 -28.38
N TYR L 108 -17.93 -23.40 -28.88
CA TYR L 108 -19.30 -23.88 -28.66
C TYR L 108 -19.30 -25.13 -27.78
N TRP L 109 -18.12 -25.66 -27.41
CA TRP L 109 -18.07 -26.68 -26.35
C TRP L 109 -18.67 -26.15 -25.07
N THR L 110 -18.93 -27.09 -24.19
CA THR L 110 -19.50 -26.79 -22.91
C THR L 110 -18.34 -26.55 -21.90
N ASP L 111 -18.63 -25.81 -20.83
CA ASP L 111 -17.57 -25.42 -19.87
C ASP L 111 -16.95 -26.64 -19.23
N GLU L 112 -17.74 -27.68 -19.02
CA GLU L 112 -17.22 -28.96 -18.50
C GLU L 112 -16.24 -29.54 -19.47
N ASP L 113 -16.51 -29.38 -20.76
CA ASP L 113 -15.68 -29.98 -21.83
C ASP L 113 -14.40 -29.21 -22.07
N LEU L 114 -14.46 -27.89 -21.92
CA LEU L 114 -13.25 -27.09 -21.97
C LEU L 114 -12.31 -27.54 -20.86
N LEU L 115 -12.76 -27.54 -19.62
CA LEU L 115 -11.95 -28.01 -18.51
C LEU L 115 -11.32 -29.37 -18.76
N GLU L 116 -12.09 -30.34 -19.19
CA GLU L 116 -11.58 -31.71 -19.43
C GLU L 116 -10.42 -31.67 -20.43
N SER L 117 -10.52 -30.89 -21.50
CA SER L 117 -9.44 -30.84 -22.49
C SER L 117 -8.14 -30.31 -21.91
N PHE L 118 -8.29 -29.30 -21.02
CA PHE L 118 -7.15 -28.68 -20.31
C PHE L 118 -6.52 -29.64 -19.35
N ILE L 119 -7.31 -30.52 -18.73
CA ILE L 119 -6.76 -31.54 -17.89
C ILE L 119 -5.82 -32.44 -18.69
N VAL L 120 -6.26 -32.82 -19.90
CA VAL L 120 -5.45 -33.71 -20.76
C VAL L 120 -4.20 -33.03 -21.29
N ASP L 121 -4.39 -31.81 -21.82
CA ASP L 121 -3.27 -30.98 -22.26
C ASP L 121 -2.18 -30.90 -21.20
N PHE L 122 -2.57 -30.72 -19.93
CA PHE L 122 -1.59 -30.44 -18.87
C PHE L 122 -0.85 -31.67 -18.39
N GLN L 123 -1.53 -32.83 -18.40
CA GLN L 123 -0.86 -34.10 -18.15
C GLN L 123 0.11 -34.36 -19.29
N ALA L 124 -0.27 -33.94 -20.49
CA ALA L 124 0.58 -34.14 -21.67
C ALA L 124 1.82 -33.29 -21.63
N GLN L 125 1.71 -32.02 -21.21
CA GLN L 125 2.88 -31.15 -21.06
C GLN L 125 3.89 -31.75 -20.10
N ASN L 126 3.38 -32.43 -19.07
CA ASN L 126 4.23 -32.95 -18.02
C ASN L 126 5.16 -34.02 -18.49
N MET L 127 4.84 -34.73 -19.57
CA MET L 127 5.73 -35.82 -19.99
C MET L 127 7.05 -35.25 -20.49
N PHE L 128 7.01 -34.06 -21.13
CA PHE L 128 8.22 -33.35 -21.58
C PHE L 128 8.97 -32.63 -20.46
N ILE L 129 8.23 -31.83 -19.69
CA ILE L 129 8.73 -31.15 -18.50
C ILE L 129 9.55 -32.08 -17.57
N THR L 130 9.00 -33.25 -17.20
CA THR L 130 9.65 -34.27 -16.44
C THR L 130 11.05 -34.58 -16.95
N ARG L 131 11.15 -34.87 -18.25
CA ARG L 131 12.41 -35.22 -18.88
C ARG L 131 13.39 -34.08 -18.90
N ALA L 132 12.90 -32.86 -19.13
CA ALA L 132 13.68 -31.61 -19.15
C ALA L 132 14.41 -31.43 -17.84
N ILE L 133 13.72 -31.75 -16.73
CA ILE L 133 14.27 -31.58 -15.38
C ILE L 133 15.48 -32.45 -15.27
N LYS L 134 15.36 -33.74 -15.65
CA LYS L 134 16.46 -34.68 -15.50
C LYS L 134 17.61 -34.33 -16.42
N LEU L 135 17.25 -33.89 -17.63
CA LEU L 135 18.27 -33.47 -18.59
C LEU L 135 19.04 -32.28 -18.08
N ALA L 136 18.32 -31.32 -17.49
CA ALA L 136 18.93 -30.16 -16.82
C ALA L 136 19.83 -30.56 -15.65
N ASN L 137 19.39 -31.46 -14.79
CA ASN L 137 20.23 -31.85 -13.67
C ASN L 137 21.50 -32.59 -14.14
N LYS L 138 21.41 -33.40 -15.20
CA LYS L 138 22.57 -34.03 -15.83
C LYS L 138 23.49 -33.00 -16.30
N GLU L 139 23.01 -32.05 -17.09
CA GLU L 139 23.84 -30.99 -17.68
C GLU L 139 24.37 -29.98 -16.69
N GLU L 140 23.94 -30.07 -15.43
CA GLU L 140 24.35 -29.17 -14.35
C GLU L 140 23.91 -27.71 -14.59
N LYS L 141 22.72 -27.56 -15.13
CA LYS L 141 22.12 -26.27 -15.35
C LYS L 141 21.15 -26.04 -14.19
N PHE L 142 21.73 -25.71 -13.05
CA PHE L 142 21.07 -25.85 -11.76
C PHE L 142 19.88 -24.93 -11.54
N ALA L 143 20.03 -23.67 -11.96
CA ALA L 143 18.95 -22.72 -11.81
C ALA L 143 17.79 -23.12 -12.71
N LEU L 144 18.06 -23.56 -13.95
CA LEU L 144 17.04 -23.98 -14.91
C LEU L 144 16.28 -25.20 -14.42
N ALA L 145 16.99 -26.14 -13.81
CA ALA L 145 16.34 -27.28 -13.20
C ALA L 145 15.28 -26.82 -12.22
N ALA L 146 15.64 -25.95 -11.27
CA ALA L 146 14.67 -25.46 -10.30
C ALA L 146 13.51 -24.69 -10.97
N GLY L 147 13.83 -24.01 -12.04
CA GLY L 147 12.82 -23.31 -12.79
C GLY L 147 11.77 -24.24 -13.40
N VAL L 148 12.19 -25.39 -13.91
CA VAL L 148 11.24 -26.30 -14.55
C VAL L 148 10.49 -27.13 -13.50
N VAL L 149 11.17 -27.45 -12.39
CA VAL L 149 10.57 -28.11 -11.24
C VAL L 149 9.33 -27.34 -10.77
N GLU L 150 9.46 -26.05 -10.77
CA GLU L 150 8.42 -25.20 -10.33
C GLU L 150 7.26 -25.27 -11.31
N LEU L 151 7.57 -25.33 -12.61
CA LEU L 151 6.55 -25.39 -13.68
C LEU L 151 5.78 -26.70 -13.55
N TYR L 152 6.55 -27.76 -13.28
CA TYR L 152 6.01 -29.07 -13.04
C TYR L 152 4.97 -29.08 -11.96
N GLY L 153 5.31 -28.48 -10.81
CA GLY L 153 4.43 -28.45 -9.64
C GLY L 153 3.23 -27.59 -9.89
N TYR L 154 3.37 -26.53 -10.68
CA TYR L 154 2.22 -25.69 -11.06
C TYR L 154 1.16 -26.43 -11.91
N ASN L 155 1.59 -27.29 -12.85
CA ASN L 155 0.72 -28.07 -13.70
C ASN L 155 -0.11 -29.01 -12.88
N LEU L 156 0.57 -29.74 -11.99
CA LEU L 156 -0.07 -30.66 -11.04
C LEU L 156 -1.18 -30.01 -10.25
N GLN L 157 -1.00 -28.73 -9.96
CA GLN L 157 -1.94 -27.96 -9.16
C GLN L 157 -3.10 -27.56 -10.02
N VAL L 158 -2.79 -27.06 -11.22
CA VAL L 158 -3.83 -26.76 -12.23
C VAL L 158 -4.74 -27.98 -12.53
N ILE L 159 -4.15 -29.16 -12.71
CA ILE L 159 -4.85 -30.40 -12.96
C ILE L 159 -5.78 -30.65 -11.82
N ARG L 160 -5.24 -30.68 -10.60
CA ARG L 160 -6.06 -31.02 -9.45
C ARG L 160 -7.18 -30.04 -9.25
N ASN L 161 -6.95 -28.79 -9.65
CA ASN L 161 -7.96 -27.77 -9.46
C ASN L 161 -9.10 -27.89 -10.40
N LEU L 162 -8.80 -28.24 -11.66
CA LEU L 162 -9.80 -28.32 -12.72
C LEU L 162 -10.63 -29.55 -12.45
N ALA L 163 -9.94 -30.65 -12.17
CA ALA L 163 -10.55 -31.83 -11.66
C ALA L 163 -11.59 -31.52 -10.60
N GLY L 164 -11.20 -30.79 -9.56
CA GLY L 164 -12.12 -30.52 -8.48
C GLY L 164 -13.32 -29.70 -8.90
N ASP L 165 -13.15 -28.78 -9.85
CA ASP L 165 -14.23 -27.89 -10.28
C ASP L 165 -15.23 -28.69 -11.20
N LEU L 166 -14.85 -29.92 -11.52
CA LEU L 166 -15.73 -30.90 -12.13
C LEU L 166 -16.32 -31.88 -11.12
N GLY L 167 -16.10 -31.65 -9.83
CA GLY L 167 -16.48 -32.58 -8.80
C GLY L 167 -15.67 -33.87 -8.81
N LYS L 168 -14.59 -33.99 -9.62
CA LYS L 168 -13.81 -35.24 -9.66
C LYS L 168 -12.48 -35.18 -8.88
N SER L 169 -11.90 -36.35 -8.68
CA SER L 169 -10.57 -36.50 -8.13
C SER L 169 -9.53 -36.45 -9.22
N VAL L 170 -8.30 -36.36 -8.77
CA VAL L 170 -7.15 -36.44 -9.64
C VAL L 170 -7.15 -37.84 -10.21
N ALA L 171 -7.46 -38.82 -9.34
CA ALA L 171 -7.38 -40.29 -9.68
C ALA L 171 -8.29 -40.55 -10.77
N ASP L 172 -9.48 -39.95 -10.65
CA ASP L 172 -10.31 -40.21 -11.77
C ASP L 172 -9.58 -40.16 -13.19
N PHE L 173 -8.83 -39.09 -13.50
CA PHE L 173 -7.65 -39.17 -14.52
C PHE L 173 -6.34 -39.66 -13.93
#